data_3FBY
#
_entry.id   3FBY
#
_cell.length_a   192.242
_cell.length_b   192.242
_cell.length_c   145.681
_cell.angle_alpha   90.00
_cell.angle_beta   90.00
_cell.angle_gamma   120.00
#
_symmetry.space_group_name_H-M   'P 32 2 1'
#
loop_
_entity.id
_entity.type
_entity.pdbx_description
1 polymer 'Cartilage oligomeric matrix protein'
2 branched alpha-D-mannopyranose-(1-6)-alpha-D-mannopyranose-(1-4)-2-acetamido-2-deoxy-beta-D-glucopyranose-(1-4)-2-acetamido-2-deoxy-beta-D-glucopyranose
3 branched alpha-D-mannopyranose-(1-4)-2-acetamido-2-deoxy-beta-D-glucopyranose-(1-4)-2-acetamido-2-deoxy-beta-D-glucopyranose
4 branched alpha-D-mannopyranose-(1-3)-[alpha-D-mannopyranose-(1-6)]alpha-D-mannopyranose-(1-4)-2-acetamido-2-deoxy-beta-D-glucopyranose-(1-4)-2-acetamido-2-deoxy-beta-D-glucopyranose
5 non-polymer 'CALCIUM ION'
6 non-polymer 'SULFATE ION'
7 water water
#
_entity_poly.entity_id   1
_entity_poly.type   'polypeptide(L)'
_entity_poly.pdbx_seq_one_letter_code
;RSPWPGVPTSPVWWNSAQRFCPDGSPSECHEHADCVLERDGSRSCVCAVGWAGNGILCGRDTDLDGFPDEKLRCPERQCR
KDNCVTVPNSGQEDVDRDGIGDACDPDADGDGVPNEKDNCPLVRNPDQRNTDEDKWGDACDNCRSQKNDDQKDTDQDGRG
DACDDDIDGDRIRNQADNCPRVPNSDQKDSDGDGIGDACDNCPQKSNPDQADVDHDFVGDACDSDQDQDGDGHQDSRDNC
PTVPNSAQEDSDHDGQGDACDDDDDNDGVPDSRDNCRLVPNPGQEDADRDGVGDVCQDDFDADKVVDKIDVCPENAEVTL
TDFRAFQTVVLDPEGDAQIDPNWVVLNQGREIVQTMNSDPGLAVGYTAFNGVDFEGTFHVNTVTDDDYAGFIFGYQDSSS
FYVVMWKQMEQTYWQANPFRAVAEPGIQLKAVKSSTGPGEQLRNALWHTGDTESQVRLLWKDPRNVGWKDKKSYRWFLQH
RPQVGYIRVRFYEGPELVADSNVVLDTTMRGGRLGVFCFSQENIIWANLRYRCNDTIPEDYETHQLRQAGT
;
_entity_poly.pdbx_strand_id   A,B,C
#
loop_
_chem_comp.id
_chem_comp.type
_chem_comp.name
_chem_comp.formula
CA non-polymer 'CALCIUM ION' 'Ca 2'
MAN D-saccharide, alpha linking alpha-D-mannopyranose 'C6 H12 O6'
NAG D-saccharide, beta linking 2-acetamido-2-deoxy-beta-D-glucopyranose 'C8 H15 N O6'
SO4 non-polymer 'SULFATE ION' 'O4 S -2'
#
# COMPACT_ATOMS: atom_id res chain seq x y z
N ASN A 15 1.32 6.49 -14.65
CA ASN A 15 1.29 6.33 -13.16
C ASN A 15 1.23 4.84 -12.70
N SER A 16 2.22 4.42 -11.90
CA SER A 16 2.25 3.07 -11.33
C SER A 16 1.66 3.06 -9.93
N ALA A 17 1.17 1.89 -9.54
CA ALA A 17 0.42 1.71 -8.31
C ALA A 17 1.02 0.57 -7.50
N GLN A 18 0.62 0.46 -6.25
CA GLN A 18 1.13 -0.58 -5.37
C GLN A 18 0.62 -1.96 -5.78
N ARG A 19 1.54 -2.91 -5.93
CA ARG A 19 1.17 -4.23 -6.39
C ARG A 19 0.91 -5.16 -5.19
N PHE A 20 0.47 -6.38 -5.44
CA PHE A 20 0.47 -7.44 -4.44
C PHE A 20 1.63 -8.40 -4.61
N CYS A 21 2.06 -8.99 -3.50
CA CYS A 21 3.11 -9.98 -3.55
C CYS A 21 2.65 -11.24 -4.25
N PRO A 22 3.59 -12.14 -4.54
CA PRO A 22 3.24 -13.37 -5.23
C PRO A 22 2.28 -14.24 -4.45
N ASP A 23 2.21 -14.09 -3.13
CA ASP A 23 1.20 -14.79 -2.34
C ASP A 23 -0.12 -14.03 -2.15
N GLY A 24 -0.18 -12.81 -2.68
CA GLY A 24 -1.42 -12.08 -2.68
C GLY A 24 -1.53 -11.06 -1.57
N SER A 25 -0.64 -11.17 -0.59
CA SER A 25 -0.55 -10.19 0.47
C SER A 25 -0.07 -8.87 -0.14
N PRO A 26 -0.52 -7.71 0.42
CA PRO A 26 -0.19 -6.42 -0.16
C PRO A 26 1.28 -6.19 0.02
N SER A 27 1.96 -5.84 -1.08
CA SER A 27 3.41 -5.63 -1.13
C SER A 27 3.74 -4.37 -0.40
N GLU A 28 4.85 -4.34 0.31
CA GLU A 28 5.17 -3.09 0.94
C GLU A 28 6.56 -2.59 0.53
N CYS A 29 6.96 -2.93 -0.69
CA CYS A 29 8.27 -2.59 -1.23
C CYS A 29 8.37 -1.19 -1.77
N HIS A 30 9.60 -0.78 -2.11
CA HIS A 30 9.84 0.51 -2.78
C HIS A 30 9.20 0.46 -4.16
N GLU A 31 8.89 1.63 -4.71
CA GLU A 31 8.45 1.72 -6.09
C GLU A 31 9.37 0.99 -7.01
N HIS A 32 10.68 0.95 -6.75
CA HIS A 32 11.61 0.32 -7.69
C HIS A 32 12.19 -1.00 -7.20
N ALA A 33 11.34 -1.75 -6.50
CA ALA A 33 11.70 -3.01 -5.88
C ALA A 33 10.62 -4.04 -6.18
N ASP A 34 11.01 -5.31 -6.32
CA ASP A 34 10.05 -6.39 -6.46
C ASP A 34 9.88 -7.16 -5.16
N CYS A 35 8.69 -7.74 -4.99
CA CYS A 35 8.41 -8.62 -3.89
C CYS A 35 8.61 -10.07 -4.37
N VAL A 36 9.53 -10.78 -3.72
CA VAL A 36 9.86 -12.16 -4.07
C VAL A 36 9.47 -13.01 -2.89
N LEU A 37 8.85 -14.16 -3.11
CA LEU A 37 8.68 -15.02 -1.96
C LEU A 37 9.58 -16.24 -2.02
N GLU A 38 10.27 -16.49 -0.91
CA GLU A 38 11.24 -17.58 -0.74
C GLU A 38 10.53 -18.92 -0.54
N ARG A 39 11.31 -20.00 -0.64
CA ARG A 39 10.74 -21.35 -0.60
C ARG A 39 10.01 -21.67 0.69
N ASP A 40 10.26 -20.89 1.72
CA ASP A 40 9.57 -21.08 2.98
C ASP A 40 8.40 -20.13 3.16
N GLY A 41 7.94 -19.50 2.08
CA GLY A 41 6.71 -18.68 2.10
C GLY A 41 6.80 -17.39 2.91
N SER A 42 8.02 -17.08 3.32
CA SER A 42 8.40 -15.75 3.75
C SER A 42 8.74 -15.00 2.49
N ARG A 43 8.84 -13.69 2.59
CA ARG A 43 9.06 -12.91 1.39
C ARG A 43 9.96 -11.73 1.67
N SER A 44 10.57 -11.18 0.64
CA SER A 44 11.50 -10.07 0.84
C SER A 44 11.47 -9.16 -0.38
N CYS A 45 11.96 -7.93 -0.24
CA CYS A 45 12.00 -7.03 -1.38
C CYS A 45 13.39 -6.90 -1.90
N VAL A 46 13.51 -6.87 -3.22
CA VAL A 46 14.79 -6.63 -3.87
C VAL A 46 14.60 -5.45 -4.81
N CYS A 47 15.53 -4.49 -4.82
CA CYS A 47 15.49 -3.39 -5.78
C CYS A 47 15.67 -3.90 -7.19
N ALA A 48 14.99 -3.26 -8.14
CA ALA A 48 15.06 -3.69 -9.53
C ALA A 48 16.33 -3.15 -10.16
N VAL A 49 16.73 -3.76 -11.26
CA VAL A 49 17.92 -3.30 -12.00
C VAL A 49 17.92 -1.78 -12.29
N GLY A 50 19.03 -1.15 -11.92
CA GLY A 50 19.15 0.29 -11.96
C GLY A 50 19.02 0.93 -10.58
N TRP A 51 18.72 0.13 -9.56
CA TRP A 51 18.41 0.66 -8.22
C TRP A 51 19.10 -0.14 -7.16
N ALA A 52 19.29 0.44 -5.97
CA ALA A 52 20.01 -0.24 -4.91
C ALA A 52 19.44 0.08 -3.52
N GLY A 53 19.78 -0.74 -2.55
CA GLY A 53 19.30 -0.56 -1.17
C GLY A 53 18.77 -1.87 -0.64
N ASN A 54 18.01 -1.83 0.45
CA ASN A 54 17.14 -2.97 0.76
C ASN A 54 15.89 -2.82 -0.08
N GLY A 55 14.97 -3.77 0.01
CA GLY A 55 13.77 -3.62 -0.81
C GLY A 55 12.89 -2.40 -0.53
N ILE A 56 12.95 -1.88 0.70
CA ILE A 56 12.05 -0.83 1.11
C ILE A 56 12.53 0.57 0.71
N LEU A 57 13.85 0.77 0.81
CA LEU A 57 14.49 1.96 0.30
C LEU A 57 15.30 1.67 -0.96
N CYS A 58 15.01 2.35 -2.07
CA CYS A 58 15.79 2.15 -3.28
C CYS A 58 16.26 3.47 -3.81
N GLY A 59 17.57 3.59 -3.97
CA GLY A 59 18.14 4.73 -4.65
C GLY A 59 18.67 4.31 -6.00
N ARG A 60 18.78 5.26 -6.89
CA ARG A 60 19.37 5.02 -8.19
C ARG A 60 20.80 4.48 -8.05
N ASP A 61 21.07 3.38 -8.80
CA ASP A 61 22.39 2.77 -8.92
C ASP A 61 22.93 3.01 -10.31
N THR A 62 23.80 4.00 -10.45
CA THR A 62 24.28 4.43 -11.76
C THR A 62 25.17 3.43 -12.50
N ASP A 63 26.18 2.90 -11.82
CA ASP A 63 27.10 1.89 -12.38
C ASP A 63 26.68 0.46 -12.02
N LEU A 64 25.38 0.23 -11.89
CA LEU A 64 24.85 -1.11 -11.83
C LEU A 64 25.62 -2.06 -10.93
N ASP A 65 26.16 -1.57 -9.82
CA ASP A 65 26.99 -2.47 -8.98
C ASP A 65 26.45 -2.85 -7.62
N GLY A 66 25.23 -2.44 -7.31
CA GLY A 66 24.64 -2.78 -6.04
C GLY A 66 24.78 -1.76 -4.94
N PHE A 67 25.54 -0.69 -5.19
CA PHE A 67 25.56 0.43 -4.25
C PHE A 67 25.06 1.72 -4.85
N PRO A 68 24.12 2.37 -4.14
CA PRO A 68 23.39 3.52 -4.65
C PRO A 68 24.25 4.80 -4.66
N ASP A 69 23.92 5.73 -5.57
CA ASP A 69 24.62 7.01 -5.69
C ASP A 69 24.58 7.80 -4.39
N GLU A 70 23.41 7.93 -3.79
CA GLU A 70 23.37 8.47 -2.45
C GLU A 70 23.09 7.45 -1.37
N LYS A 71 23.59 7.75 -0.17
CA LYS A 71 23.33 7.00 1.05
C LYS A 71 21.82 6.93 1.37
N LEU A 72 21.40 5.84 2.01
CA LEU A 72 20.03 5.58 2.37
C LEU A 72 19.92 5.31 3.88
N ARG A 73 18.75 5.58 4.45
CA ARG A 73 18.52 5.56 5.89
C ARG A 73 18.51 4.17 6.55
N CYS A 74 18.20 3.14 5.78
CA CYS A 74 18.30 1.78 6.28
C CYS A 74 19.73 1.49 6.71
N PRO A 75 19.95 0.43 7.51
CA PRO A 75 21.33 0.22 7.87
C PRO A 75 22.03 -1.06 7.33
N GLU A 76 21.95 -1.36 6.03
CA GLU A 76 22.71 -2.52 5.52
C GLU A 76 23.75 -2.10 4.49
N ARG A 77 24.73 -2.94 4.36
CA ARG A 77 25.74 -2.44 3.43
C ARG A 77 25.08 -1.66 2.27
N GLN A 78 24.33 -2.30 1.50
CA GLN A 78 23.77 -1.76 0.25
C GLN A 78 22.98 -0.44 0.42
N CYS A 79 22.99 0.10 1.63
CA CYS A 79 22.36 1.37 1.86
C CYS A 79 23.37 2.48 1.92
N ARG A 80 24.63 2.14 2.20
CA ARG A 80 25.60 3.20 2.36
C ARG A 80 26.01 3.59 0.97
N LYS A 81 26.39 4.87 0.83
CA LYS A 81 26.65 5.50 -0.46
C LYS A 81 27.79 4.82 -1.18
N ASP A 82 27.60 4.51 -2.44
CA ASP A 82 28.66 3.88 -3.27
C ASP A 82 29.93 4.73 -3.26
N ASN A 83 31.08 4.14 -2.91
CA ASN A 83 32.30 4.96 -2.79
C ASN A 83 33.12 5.09 -4.08
N CYS A 84 32.47 4.74 -5.19
CA CYS A 84 32.90 5.02 -6.55
C CYS A 84 31.64 5.13 -7.36
N VAL A 85 31.09 6.33 -7.41
CA VAL A 85 29.74 6.45 -7.92
C VAL A 85 29.60 5.89 -9.34
N THR A 86 30.65 6.01 -10.14
CA THR A 86 30.52 5.60 -11.52
C THR A 86 31.33 4.35 -11.93
N VAL A 87 32.42 4.04 -11.25
CA VAL A 87 33.12 2.80 -11.54
C VAL A 87 32.44 1.71 -10.74
N PRO A 88 32.02 0.61 -11.40
CA PRO A 88 31.42 -0.51 -10.66
C PRO A 88 32.44 -1.14 -9.73
N ASN A 89 32.12 -1.22 -8.44
CA ASN A 89 33.00 -1.89 -7.50
C ASN A 89 32.22 -2.51 -6.36
N SER A 90 31.60 -3.65 -6.65
CA SER A 90 30.70 -4.28 -5.70
C SER A 90 31.42 -4.69 -4.41
N GLY A 91 32.74 -4.74 -4.45
CA GLY A 91 33.48 -5.07 -3.23
C GLY A 91 33.50 -3.88 -2.31
N GLN A 92 33.30 -2.72 -2.91
CA GLN A 92 33.39 -1.45 -2.23
C GLN A 92 34.71 -1.22 -1.50
N GLU A 93 35.67 -2.12 -1.69
CA GLU A 93 37.04 -1.97 -1.21
C GLU A 93 37.61 -0.52 -1.13
N ASP A 94 38.20 -0.20 0.01
CA ASP A 94 38.75 1.12 0.32
C ASP A 94 39.82 0.93 1.38
N VAL A 95 41.05 0.69 0.93
CA VAL A 95 42.15 0.25 1.82
C VAL A 95 42.48 1.26 2.92
N ASP A 96 42.82 2.49 2.52
CA ASP A 96 43.18 3.56 3.44
C ASP A 96 41.97 4.18 4.12
N ARG A 97 40.81 3.54 3.95
CA ARG A 97 39.54 4.01 4.49
C ARG A 97 39.41 5.51 4.53
N ASP A 98 39.36 6.12 3.36
CA ASP A 98 39.25 7.56 3.28
C ASP A 98 37.95 7.95 2.57
N GLY A 99 37.07 6.99 2.38
CA GLY A 99 35.84 7.26 1.67
C GLY A 99 35.93 7.17 0.15
N ILE A 100 37.14 7.26 -0.41
CA ILE A 100 37.28 7.00 -1.84
C ILE A 100 37.60 5.54 -2.06
N GLY A 101 36.80 4.85 -2.88
CA GLY A 101 36.97 3.44 -3.15
C GLY A 101 38.25 3.21 -3.92
N ASP A 102 38.93 2.09 -3.63
CA ASP A 102 40.13 1.70 -4.37
C ASP A 102 39.94 1.85 -5.85
N ALA A 103 38.71 1.60 -6.32
CA ALA A 103 38.41 1.50 -7.76
C ALA A 103 38.51 2.82 -8.49
N CYS A 104 38.66 3.91 -7.76
CA CYS A 104 38.70 5.22 -8.39
C CYS A 104 39.44 6.28 -7.53
N ASP A 105 40.24 5.82 -6.57
CA ASP A 105 41.04 6.69 -5.72
C ASP A 105 42.44 6.76 -6.27
N PRO A 106 42.87 7.94 -6.77
CA PRO A 106 44.19 8.24 -7.25
C PRO A 106 45.31 7.60 -6.46
N ASP A 107 45.15 7.52 -5.14
CA ASP A 107 46.18 6.90 -4.31
C ASP A 107 45.47 5.93 -3.38
N ALA A 108 45.21 4.74 -3.90
CA ALA A 108 44.41 3.75 -3.23
C ALA A 108 44.85 3.48 -1.77
N ASP A 109 46.15 3.50 -1.50
CA ASP A 109 46.62 3.13 -0.16
C ASP A 109 47.11 4.35 0.61
N GLY A 110 47.01 5.50 -0.07
CA GLY A 110 47.38 6.79 0.48
C GLY A 110 48.74 6.79 1.13
N ASP A 111 49.76 6.69 0.30
CA ASP A 111 51.13 6.51 0.78
C ASP A 111 52.02 7.38 -0.06
N GLY A 112 51.40 8.24 -0.83
CA GLY A 112 52.14 9.22 -1.59
C GLY A 112 52.33 8.84 -3.04
N VAL A 113 52.56 7.58 -3.31
CA VAL A 113 52.85 7.18 -4.65
C VAL A 113 51.55 6.88 -5.36
N PRO A 114 51.15 7.73 -6.32
CA PRO A 114 49.97 7.50 -7.17
C PRO A 114 50.02 6.14 -7.84
N ASN A 115 48.83 5.60 -8.12
CA ASN A 115 48.67 4.19 -8.47
C ASN A 115 49.60 3.74 -9.57
N GLU A 116 49.60 4.49 -10.66
CA GLU A 116 50.36 4.17 -11.87
C GLU A 116 51.86 4.06 -11.62
N LYS A 117 52.34 4.72 -10.58
CA LYS A 117 53.74 4.72 -10.26
C LYS A 117 54.05 3.90 -9.00
N ASP A 118 53.05 3.21 -8.47
CA ASP A 118 53.22 2.50 -7.21
C ASP A 118 53.37 1.02 -7.44
N ASN A 119 54.56 0.48 -7.18
CA ASN A 119 54.83 -0.95 -7.35
C ASN A 119 54.04 -1.86 -6.41
N CYS A 120 53.35 -1.26 -5.44
CA CYS A 120 52.43 -1.93 -4.52
C CYS A 120 51.29 -0.97 -4.29
N PRO A 121 50.31 -0.94 -5.21
CA PRO A 121 49.29 0.12 -5.17
C PRO A 121 48.40 0.09 -3.94
N LEU A 122 48.36 -1.04 -3.23
CA LEU A 122 47.41 -1.23 -2.13
C LEU A 122 48.00 -1.49 -0.76
N VAL A 123 49.30 -1.79 -0.70
CA VAL A 123 50.01 -1.81 0.57
C VAL A 123 50.95 -0.61 0.52
N ARG A 124 51.08 0.10 1.63
CA ARG A 124 51.85 1.34 1.63
C ARG A 124 53.35 1.07 1.68
N ASN A 125 54.11 1.78 0.86
CA ASN A 125 55.55 1.56 0.74
C ASN A 125 56.20 2.72 0.01
N PRO A 126 56.37 3.86 0.70
CA PRO A 126 57.02 4.97 0.02
C PRO A 126 58.41 4.57 -0.43
N ASP A 127 59.13 3.79 0.38
CA ASP A 127 60.47 3.32 0.04
C ASP A 127 60.56 2.58 -1.34
N GLN A 128 59.42 2.20 -1.89
CA GLN A 128 59.33 1.47 -3.16
C GLN A 128 60.32 0.33 -3.50
N ARG A 129 60.98 -0.24 -2.48
CA ARG A 129 61.89 -1.40 -2.62
C ARG A 129 61.31 -2.52 -3.48
N ASN A 130 62.15 -3.10 -4.33
CA ASN A 130 61.70 -4.17 -5.22
C ASN A 130 62.87 -5.00 -5.71
N THR A 131 63.29 -5.97 -4.90
CA THR A 131 64.64 -6.48 -5.05
C THR A 131 64.83 -7.33 -6.30
N ASP A 132 63.76 -7.95 -6.78
CA ASP A 132 63.87 -8.81 -7.97
C ASP A 132 63.42 -8.11 -9.24
N GLU A 133 62.77 -6.96 -9.09
CA GLU A 133 62.30 -6.17 -10.21
C GLU A 133 61.15 -6.79 -10.98
N ASP A 134 60.31 -7.59 -10.35
CA ASP A 134 59.07 -8.02 -11.02
C ASP A 134 57.99 -6.97 -10.84
N LYS A 135 56.81 -7.18 -11.41
CA LYS A 135 55.71 -6.20 -11.27
C LYS A 135 55.59 -5.64 -9.83
N TRP A 136 55.82 -6.48 -8.82
CA TRP A 136 55.51 -6.15 -7.43
C TRP A 136 56.66 -5.71 -6.57
N GLY A 137 56.43 -4.61 -5.86
CA GLY A 137 57.35 -4.17 -4.85
C GLY A 137 57.52 -5.17 -3.75
N ASP A 138 58.63 -5.04 -3.04
CA ASP A 138 58.91 -5.92 -1.93
C ASP A 138 57.79 -5.99 -0.88
N ALA A 139 57.19 -4.86 -0.56
CA ALA A 139 56.14 -4.75 0.44
C ALA A 139 54.91 -5.55 0.17
N CYS A 140 54.85 -6.30 -0.91
CA CYS A 140 53.61 -7.03 -1.22
C CYS A 140 53.88 -8.02 -2.33
N ASP A 141 55.04 -8.65 -2.26
CA ASP A 141 55.45 -9.62 -3.22
C ASP A 141 55.70 -10.84 -2.39
N ASN A 142 55.01 -11.92 -2.72
CA ASN A 142 55.07 -13.17 -1.96
C ASN A 142 56.27 -14.04 -2.29
N CYS A 143 57.16 -13.49 -3.13
CA CYS A 143 58.45 -14.08 -3.44
C CYS A 143 59.43 -12.96 -3.57
N ARG A 144 60.19 -12.70 -2.52
CA ARG A 144 60.95 -11.46 -2.53
C ARG A 144 61.95 -11.38 -3.71
N SER A 145 62.83 -12.38 -3.80
CA SER A 145 63.94 -12.33 -4.72
C SER A 145 63.71 -13.22 -5.91
N GLN A 146 62.46 -13.29 -6.36
CA GLN A 146 62.10 -14.16 -7.44
C GLN A 146 60.97 -13.57 -8.22
N LYS A 147 61.19 -13.26 -9.49
CA LYS A 147 60.17 -12.58 -10.30
C LYS A 147 59.00 -13.50 -10.44
N ASN A 148 57.80 -12.98 -10.33
CA ASN A 148 56.66 -13.85 -10.48
C ASN A 148 55.37 -13.04 -10.51
N ASP A 149 55.12 -12.36 -11.63
CA ASP A 149 54.11 -11.29 -11.63
C ASP A 149 52.73 -11.84 -11.30
N ASP A 150 52.45 -13.08 -11.70
CA ASP A 150 51.15 -13.69 -11.48
C ASP A 150 50.91 -14.04 -10.01
N GLN A 151 51.98 -14.03 -9.21
CA GLN A 151 51.90 -14.14 -7.74
C GLN A 151 51.11 -15.36 -7.20
N LYS A 152 51.18 -16.48 -7.94
CA LYS A 152 50.54 -17.73 -7.53
C LYS A 152 50.99 -18.24 -6.14
N ASP A 153 50.05 -18.39 -5.22
CA ASP A 153 50.33 -19.03 -3.93
C ASP A 153 49.35 -20.19 -3.78
N THR A 154 49.55 -21.33 -4.49
CA THR A 154 48.50 -22.39 -4.50
C THR A 154 48.07 -22.84 -3.10
N ASP A 155 48.97 -22.92 -2.13
CA ASP A 155 48.54 -23.34 -0.81
C ASP A 155 48.33 -22.21 0.20
N GLN A 156 48.02 -21.01 -0.30
CA GLN A 156 47.65 -19.84 0.53
C GLN A 156 48.48 -19.58 1.77
N ASP A 157 49.80 -19.72 1.66
CA ASP A 157 50.61 -19.78 2.87
C ASP A 157 51.44 -18.55 3.08
N GLY A 158 51.65 -17.78 2.01
CA GLY A 158 52.53 -16.62 2.02
C GLY A 158 53.66 -16.75 1.02
N ARG A 159 54.38 -17.85 1.09
CA ARG A 159 55.36 -18.15 0.04
C ARG A 159 54.63 -18.45 -1.25
N GLY A 160 54.74 -17.57 -2.24
CA GLY A 160 54.29 -17.86 -3.61
C GLY A 160 54.86 -19.16 -4.14
N ASP A 161 54.31 -19.67 -5.25
CA ASP A 161 54.75 -20.97 -5.74
C ASP A 161 56.21 -20.96 -6.11
N ALA A 162 56.62 -19.91 -6.81
CA ALA A 162 58.00 -19.78 -7.19
C ALA A 162 58.98 -19.81 -5.99
N CYS A 163 58.49 -19.90 -4.75
CA CYS A 163 59.34 -19.84 -3.53
C CYS A 163 59.15 -21.04 -2.68
N ASP A 164 58.05 -21.75 -2.94
CA ASP A 164 57.55 -22.70 -1.98
C ASP A 164 58.10 -24.09 -2.22
N ASP A 165 58.72 -24.63 -1.17
CA ASP A 165 59.27 -26.01 -1.13
C ASP A 165 58.20 -27.08 -0.90
N ASP A 166 56.94 -26.65 -0.84
CA ASP A 166 55.77 -27.50 -0.70
C ASP A 166 54.66 -26.64 -1.22
N ILE A 167 54.57 -26.59 -2.54
CA ILE A 167 53.79 -25.54 -3.18
C ILE A 167 52.28 -25.67 -2.84
N ASP A 168 51.85 -26.92 -2.65
CA ASP A 168 50.44 -27.30 -2.31
C ASP A 168 50.18 -27.62 -0.82
N GLY A 169 51.22 -27.48 0.00
CA GLY A 169 51.07 -27.50 1.43
C GLY A 169 50.73 -28.85 2.01
N ASP A 170 50.93 -29.95 1.25
CA ASP A 170 50.63 -31.30 1.79
C ASP A 170 51.76 -31.95 2.57
N ARG A 171 52.61 -31.12 3.17
CA ARG A 171 53.76 -31.58 3.97
C ARG A 171 54.67 -32.58 3.28
N ILE A 172 54.39 -32.93 2.02
CA ILE A 172 55.35 -33.69 1.22
C ILE A 172 56.06 -32.70 0.30
N ARG A 173 57.40 -32.76 0.34
CA ARG A 173 58.30 -31.90 -0.46
C ARG A 173 57.99 -31.98 -1.96
N ASN A 174 58.32 -30.94 -2.72
CA ASN A 174 57.96 -30.91 -4.14
C ASN A 174 58.61 -31.98 -5.01
N GLN A 175 59.91 -32.12 -4.87
CA GLN A 175 60.62 -33.05 -5.71
C GLN A 175 60.33 -34.47 -5.23
N ALA A 176 59.78 -34.58 -4.03
CA ALA A 176 59.38 -35.87 -3.53
C ALA A 176 57.85 -36.03 -3.51
N ASP A 177 57.15 -35.39 -4.44
CA ASP A 177 55.70 -35.33 -4.42
C ASP A 177 55.19 -35.65 -5.80
N ASN A 178 54.45 -36.75 -5.95
CA ASN A 178 53.96 -37.19 -7.29
C ASN A 178 52.71 -36.43 -7.79
N CYS A 179 52.50 -35.25 -7.22
CA CYS A 179 51.39 -34.37 -7.50
C CYS A 179 51.75 -33.07 -6.86
N PRO A 180 52.82 -32.42 -7.36
CA PRO A 180 53.60 -31.51 -6.52
C PRO A 180 52.80 -30.29 -6.18
N ARG A 181 51.72 -30.10 -6.97
CA ARG A 181 50.75 -29.00 -6.87
C ARG A 181 49.34 -29.37 -6.39
N VAL A 182 48.94 -30.63 -6.48
CA VAL A 182 47.66 -31.03 -5.88
C VAL A 182 47.93 -31.88 -4.64
N PRO A 183 47.49 -31.41 -3.45
CA PRO A 183 47.83 -32.06 -2.16
C PRO A 183 47.38 -33.54 -2.07
N ASN A 184 48.18 -34.40 -1.46
CA ASN A 184 47.91 -35.83 -1.46
C ASN A 184 48.90 -36.59 -0.61
N SER A 185 48.75 -36.46 0.71
CA SER A 185 49.68 -37.07 1.67
C SER A 185 49.72 -38.59 1.66
N ASP A 186 48.75 -39.22 0.98
CA ASP A 186 48.72 -40.69 0.81
C ASP A 186 49.52 -41.13 -0.43
N GLN A 187 49.76 -40.14 -1.30
CA GLN A 187 50.64 -40.25 -2.48
C GLN A 187 50.33 -41.44 -3.37
N LYS A 188 49.06 -41.81 -3.41
CA LYS A 188 48.60 -42.99 -4.13
C LYS A 188 48.79 -42.82 -5.64
N ASP A 189 49.51 -43.74 -6.25
CA ASP A 189 49.64 -43.76 -7.70
C ASP A 189 49.20 -45.13 -8.14
N SER A 190 47.94 -45.25 -8.52
CA SER A 190 47.34 -46.54 -8.79
C SER A 190 47.64 -47.10 -10.18
N ASP A 191 48.81 -46.81 -10.73
CA ASP A 191 49.16 -47.33 -12.05
C ASP A 191 50.65 -47.14 -12.39
N GLY A 192 51.38 -46.54 -11.45
CA GLY A 192 52.84 -46.52 -11.50
C GLY A 192 53.43 -45.63 -12.57
N ASP A 193 52.58 -44.90 -13.27
CA ASP A 193 53.05 -44.07 -14.37
C ASP A 193 53.92 -42.95 -13.82
N GLY A 194 54.04 -42.90 -12.50
CA GLY A 194 54.82 -41.86 -11.86
C GLY A 194 53.98 -40.66 -11.52
N ILE A 195 52.83 -40.51 -12.19
CA ILE A 195 51.89 -39.42 -11.92
C ILE A 195 50.81 -39.88 -10.91
N GLY A 196 50.74 -39.21 -9.76
CA GLY A 196 49.89 -39.62 -8.62
C GLY A 196 48.41 -39.48 -8.88
N ASP A 197 47.59 -40.35 -8.27
CA ASP A 197 46.13 -40.40 -8.59
C ASP A 197 45.43 -39.06 -8.43
N ALA A 198 45.80 -38.32 -7.40
CA ALA A 198 45.17 -37.04 -7.08
C ALA A 198 45.24 -35.99 -8.18
N CYS A 199 45.94 -36.27 -9.27
CA CYS A 199 46.23 -35.24 -10.26
C CYS A 199 46.70 -35.85 -11.59
N ASP A 200 46.43 -37.12 -11.79
CA ASP A 200 46.69 -37.79 -13.04
C ASP A 200 45.45 -37.65 -13.91
N ASN A 201 45.60 -37.19 -15.15
CA ASN A 201 44.42 -37.06 -16.03
C ASN A 201 43.86 -38.44 -16.39
N CYS A 202 44.55 -39.48 -15.92
CA CYS A 202 44.27 -40.89 -16.27
C CYS A 202 44.62 -41.93 -15.18
N PRO A 203 43.89 -41.92 -14.05
CA PRO A 203 44.31 -42.67 -12.86
C PRO A 203 44.34 -44.17 -13.04
N GLN A 204 43.92 -44.65 -14.21
CA GLN A 204 43.82 -46.09 -14.49
C GLN A 204 44.94 -46.62 -15.38
N LYS A 205 45.32 -45.83 -16.38
CA LYS A 205 46.26 -46.25 -17.40
C LYS A 205 47.54 -45.44 -17.32
N SER A 206 48.67 -46.11 -17.48
CA SER A 206 49.99 -45.46 -17.53
C SER A 206 50.05 -44.44 -18.68
N ASN A 207 50.02 -43.17 -18.36
CA ASN A 207 50.22 -42.21 -19.41
C ASN A 207 51.24 -41.20 -18.93
N PRO A 208 52.49 -41.67 -18.67
CA PRO A 208 53.51 -40.82 -18.06
C PRO A 208 53.69 -39.52 -18.83
N ASP A 209 53.73 -39.62 -20.16
CA ASP A 209 53.77 -38.47 -21.09
C ASP A 209 52.54 -37.54 -21.02
N GLN A 210 51.42 -38.09 -20.55
CA GLN A 210 50.20 -37.30 -20.27
C GLN A 210 49.52 -36.70 -21.52
N ALA A 211 49.62 -37.41 -22.65
CA ALA A 211 49.01 -36.97 -23.92
C ALA A 211 47.48 -36.73 -23.80
N ASP A 212 47.02 -35.58 -24.29
CA ASP A 212 45.66 -35.10 -24.03
C ASP A 212 45.35 -34.28 -25.27
N VAL A 213 45.51 -34.91 -26.45
CA VAL A 213 45.36 -34.25 -27.78
C VAL A 213 44.31 -33.12 -27.86
N ASP A 214 43.07 -33.40 -27.41
CA ASP A 214 41.98 -32.42 -27.45
C ASP A 214 41.91 -31.42 -26.28
N HIS A 215 42.70 -31.63 -25.25
CA HIS A 215 42.69 -30.71 -24.13
C HIS A 215 41.31 -30.55 -23.49
N ASP A 216 40.71 -31.72 -23.25
CA ASP A 216 39.48 -31.85 -22.48
C ASP A 216 39.82 -32.38 -21.08
N PHE A 217 41.12 -32.58 -20.85
CA PHE A 217 41.63 -33.04 -19.55
C PHE A 217 41.24 -34.47 -19.31
N VAL A 218 41.17 -35.23 -20.39
CA VAL A 218 41.14 -36.67 -20.32
C VAL A 218 42.26 -37.07 -21.26
N GLY A 219 43.29 -37.71 -20.72
CA GLY A 219 44.38 -38.13 -21.58
C GLY A 219 43.95 -39.06 -22.69
N ASP A 220 44.84 -39.28 -23.66
CA ASP A 220 44.51 -40.10 -24.84
C ASP A 220 44.13 -41.55 -24.56
N ALA A 221 44.93 -42.25 -23.74
CA ALA A 221 44.64 -43.66 -23.40
C ALA A 221 43.35 -43.83 -22.60
N CYS A 222 42.78 -42.69 -22.18
CA CYS A 222 41.50 -42.64 -21.52
C CYS A 222 40.44 -42.30 -22.54
N ASP A 223 40.68 -41.21 -23.28
CA ASP A 223 39.67 -40.52 -24.09
C ASP A 223 38.96 -41.35 -25.16
N SER A 224 37.62 -41.29 -25.14
CA SER A 224 36.77 -42.04 -26.07
C SER A 224 36.04 -41.09 -26.98
N ASP A 225 35.99 -39.83 -26.56
CA ASP A 225 35.16 -38.78 -27.17
C ASP A 225 33.74 -39.27 -27.47
N GLN A 226 33.19 -40.04 -26.52
CA GLN A 226 31.81 -40.53 -26.55
C GLN A 226 31.04 -39.92 -25.39
N ASP A 227 30.02 -39.14 -25.71
CA ASP A 227 29.23 -38.47 -24.67
C ASP A 227 27.82 -38.28 -25.13
N GLN A 228 26.98 -39.25 -24.85
CA GLN A 228 25.71 -39.32 -25.56
C GLN A 228 24.67 -38.30 -25.10
N ASP A 229 24.72 -37.91 -23.83
CA ASP A 229 23.76 -36.93 -23.33
C ASP A 229 24.23 -35.50 -23.54
N GLY A 230 25.46 -35.34 -24.02
CA GLY A 230 25.94 -34.03 -24.38
C GLY A 230 26.20 -33.15 -23.19
N ASP A 231 26.27 -33.75 -22.01
CA ASP A 231 26.52 -33.00 -20.79
C ASP A 231 28.02 -32.72 -20.56
N GLY A 232 28.82 -32.88 -21.60
CA GLY A 232 30.25 -32.68 -21.49
C GLY A 232 30.99 -33.71 -20.67
N HIS A 233 30.38 -34.86 -20.37
CA HIS A 233 31.09 -35.93 -19.64
C HIS A 233 31.18 -37.23 -20.44
N GLN A 234 32.40 -37.67 -20.70
CA GLN A 234 32.70 -38.99 -21.27
C GLN A 234 31.78 -40.01 -20.63
N ASP A 235 31.31 -41.00 -21.40
CA ASP A 235 30.50 -42.08 -20.82
C ASP A 235 31.28 -42.81 -19.72
N SER A 236 32.50 -43.22 -20.08
CA SER A 236 33.48 -43.84 -19.18
C SER A 236 33.65 -43.12 -17.87
N ARG A 237 33.26 -41.85 -17.84
CA ARG A 237 33.57 -40.98 -16.76
C ARG A 237 32.37 -40.13 -16.33
N ASP A 238 31.16 -40.52 -16.73
CA ASP A 238 29.94 -39.75 -16.44
C ASP A 238 29.10 -40.49 -15.42
N ASN A 239 29.13 -40.07 -14.16
CA ASN A 239 28.40 -40.78 -13.10
C ASN A 239 26.86 -40.92 -13.31
N CYS A 240 26.42 -40.81 -14.56
CA CYS A 240 25.00 -40.85 -14.90
C CYS A 240 24.79 -40.69 -16.44
N PRO A 241 25.29 -41.65 -17.24
CA PRO A 241 25.55 -41.51 -18.70
C PRO A 241 24.43 -41.00 -19.60
N THR A 242 23.18 -41.29 -19.26
CA THR A 242 22.05 -40.99 -20.16
C THR A 242 21.25 -39.76 -19.76
N VAL A 243 21.51 -39.21 -18.59
CA VAL A 243 20.83 -37.99 -18.21
C VAL A 243 21.86 -36.88 -18.19
N PRO A 244 21.59 -35.78 -18.93
CA PRO A 244 22.49 -34.64 -18.84
C PRO A 244 22.54 -34.20 -17.39
N ASN A 245 23.72 -34.29 -16.78
CA ASN A 245 23.91 -33.88 -15.39
C ASN A 245 25.32 -33.36 -15.20
N SER A 246 25.61 -32.20 -15.78
CA SER A 246 26.99 -31.70 -15.83
C SER A 246 27.55 -31.42 -14.44
N ALA A 247 26.67 -31.08 -13.51
CA ALA A 247 27.05 -30.82 -12.15
C ALA A 247 27.40 -32.09 -11.39
N GLN A 248 26.89 -33.24 -11.84
CA GLN A 248 27.41 -34.57 -11.43
C GLN A 248 27.18 -34.97 -9.95
N GLU A 249 26.11 -34.46 -9.36
CA GLU A 249 25.82 -34.67 -7.95
C GLU A 249 25.47 -36.13 -7.68
N ASP A 250 25.82 -36.59 -6.49
CA ASP A 250 25.70 -37.98 -6.06
C ASP A 250 25.72 -37.87 -4.54
N SER A 251 24.56 -37.51 -3.97
CA SER A 251 24.46 -37.16 -2.54
C SER A 251 24.97 -38.25 -1.60
N ASP A 252 24.52 -39.48 -1.84
CA ASP A 252 24.96 -40.63 -1.06
C ASP A 252 26.38 -41.13 -1.33
N HIS A 253 26.93 -40.81 -2.50
CA HIS A 253 28.28 -41.28 -2.91
C HIS A 253 28.24 -42.71 -3.45
N ASP A 254 27.04 -43.20 -3.70
CA ASP A 254 26.82 -44.58 -4.15
C ASP A 254 27.16 -44.83 -5.63
N GLY A 255 28.01 -44.00 -6.20
CA GLY A 255 28.41 -44.17 -7.59
C GLY A 255 27.48 -43.54 -8.60
N GLN A 256 26.17 -43.72 -8.44
CA GLN A 256 25.22 -43.18 -9.42
C GLN A 256 24.66 -41.81 -9.03
N GLY A 257 24.87 -40.81 -9.90
CA GLY A 257 24.42 -39.44 -9.68
C GLY A 257 22.95 -39.27 -9.41
N ASP A 258 22.57 -38.18 -8.76
CA ASP A 258 21.18 -37.94 -8.37
C ASP A 258 20.20 -38.09 -9.49
N ALA A 259 20.63 -37.72 -10.70
CA ALA A 259 19.76 -37.49 -11.86
C ALA A 259 19.12 -38.76 -12.43
N CYS A 260 19.43 -39.88 -11.82
CA CYS A 260 19.03 -41.18 -12.34
C CYS A 260 18.80 -42.13 -11.16
N ASP A 261 19.62 -41.96 -10.12
CA ASP A 261 19.44 -42.54 -8.79
C ASP A 261 18.03 -42.30 -8.24
N ASP A 262 17.48 -43.32 -7.57
CA ASP A 262 16.09 -43.32 -7.06
C ASP A 262 15.95 -43.09 -5.55
N ASP A 263 17.07 -43.14 -4.86
CA ASP A 263 17.14 -42.74 -3.46
C ASP A 263 18.48 -42.04 -3.28
N ASP A 264 18.54 -40.79 -3.73
CA ASP A 264 19.80 -40.02 -3.81
C ASP A 264 20.55 -39.93 -2.48
N ASP A 265 19.81 -40.00 -1.37
CA ASP A 265 20.47 -40.02 -0.07
C ASP A 265 20.74 -41.44 0.45
N ASN A 266 19.88 -42.40 0.08
CA ASN A 266 20.04 -43.85 0.40
C ASN A 266 19.24 -44.44 1.56
N ASP A 267 18.59 -43.58 2.36
CA ASP A 267 17.88 -44.00 3.58
C ASP A 267 16.64 -44.87 3.34
N GLY A 268 16.61 -45.57 2.22
CA GLY A 268 15.55 -46.52 1.94
C GLY A 268 14.31 -45.94 1.32
N VAL A 269 14.00 -44.68 1.61
CA VAL A 269 12.83 -44.05 1.02
C VAL A 269 13.15 -43.60 -0.42
N PRO A 270 12.36 -44.07 -1.40
CA PRO A 270 12.57 -43.59 -2.77
C PRO A 270 12.30 -42.09 -2.85
N ASP A 271 13.11 -41.37 -3.61
CA ASP A 271 12.86 -39.94 -3.71
C ASP A 271 11.62 -39.64 -4.53
N SER A 272 11.14 -40.64 -5.27
CA SER A 272 9.83 -40.53 -5.91
C SER A 272 8.76 -40.09 -4.90
N ARG A 273 8.87 -40.57 -3.66
CA ARG A 273 8.01 -40.14 -2.55
C ARG A 273 8.83 -40.03 -1.25
N ASP A 274 9.56 -38.94 -1.08
CA ASP A 274 10.34 -38.66 0.14
C ASP A 274 10.22 -37.17 0.47
N ASN A 275 10.42 -36.81 1.73
CA ASN A 275 10.31 -35.41 2.17
C ASN A 275 11.63 -34.72 2.58
N CYS A 276 12.65 -35.49 2.94
CA CYS A 276 13.99 -34.93 3.08
C CYS A 276 14.87 -35.63 2.04
N ARG A 277 14.45 -35.54 0.78
CA ARG A 277 15.11 -36.22 -0.37
C ARG A 277 16.62 -36.28 -0.31
N LEU A 278 17.24 -35.38 0.44
CA LEU A 278 18.71 -35.32 0.52
C LEU A 278 19.37 -35.60 1.88
N VAL A 279 18.59 -35.67 2.97
CA VAL A 279 19.12 -36.24 4.23
C VAL A 279 18.41 -37.54 4.63
N PRO A 280 19.21 -38.53 5.07
CA PRO A 280 18.62 -39.71 5.67
C PRO A 280 17.49 -39.29 6.60
N ASN A 281 16.30 -39.82 6.38
CA ASN A 281 15.18 -39.66 7.31
C ASN A 281 14.21 -40.85 7.22
N PRO A 282 14.73 -42.08 7.48
CA PRO A 282 13.93 -43.27 7.21
C PRO A 282 12.50 -43.17 7.73
N GLY A 283 12.27 -42.34 8.75
CA GLY A 283 10.95 -42.24 9.39
C GLY A 283 9.91 -41.33 8.75
N GLN A 284 10.35 -40.35 7.96
CA GLN A 284 9.49 -39.24 7.46
C GLN A 284 8.95 -38.38 8.61
N GLU A 285 9.58 -38.52 9.79
CA GLU A 285 9.27 -37.79 11.02
C GLU A 285 9.58 -36.28 10.97
N ASP A 286 8.83 -35.50 11.74
CA ASP A 286 8.88 -34.02 11.70
C ASP A 286 8.83 -33.34 13.09
N ALA A 287 9.36 -32.11 13.17
CA ALA A 287 9.15 -31.18 14.32
C ALA A 287 7.83 -30.42 14.16
N ASP A 288 7.33 -30.46 12.92
CA ASP A 288 6.09 -29.83 12.49
C ASP A 288 5.50 -30.68 11.36
N ARG A 289 4.18 -30.61 11.15
CA ARG A 289 3.67 -31.05 9.87
C ARG A 289 3.64 -29.82 8.92
N ASP A 290 4.42 -29.91 7.84
CA ASP A 290 4.42 -28.87 6.80
C ASP A 290 4.89 -29.35 5.43
N GLY A 291 5.28 -30.62 5.32
CA GLY A 291 5.73 -31.17 4.05
C GLY A 291 7.23 -31.45 4.02
N VAL A 292 8.03 -30.49 4.46
CA VAL A 292 9.48 -30.70 4.63
C VAL A 292 9.68 -31.54 5.91
N GLY A 293 10.87 -32.12 6.07
CA GLY A 293 11.16 -32.97 7.22
C GLY A 293 11.79 -32.34 8.45
N ASP A 294 13.09 -32.60 8.63
CA ASP A 294 13.79 -32.33 9.89
C ASP A 294 15.21 -31.80 9.69
N VAL A 295 16.21 -32.67 9.62
CA VAL A 295 17.63 -32.26 9.50
C VAL A 295 17.85 -31.36 8.27
N CYS A 296 16.79 -31.21 7.48
CA CYS A 296 16.80 -30.50 6.19
C CYS A 296 15.80 -29.32 6.16
N GLN A 297 15.32 -28.91 7.33
CA GLN A 297 14.20 -27.97 7.45
C GLN A 297 14.36 -26.72 6.58
N ASP A 298 15.22 -25.82 7.00
CA ASP A 298 15.53 -24.67 6.15
C ASP A 298 16.92 -24.83 5.58
N ASP A 299 17.24 -26.09 5.26
CA ASP A 299 18.53 -26.49 4.72
C ASP A 299 18.37 -27.78 3.92
N PHE A 300 17.51 -27.74 2.88
CA PHE A 300 17.21 -28.91 2.05
C PHE A 300 18.38 -29.85 1.83
N ASP A 301 19.57 -29.28 1.70
CA ASP A 301 20.78 -30.00 1.35
C ASP A 301 21.76 -30.03 2.52
N ALA A 302 21.26 -29.69 3.70
CA ALA A 302 22.04 -29.68 4.92
C ALA A 302 23.52 -29.27 4.76
N ASP A 303 23.78 -28.31 3.88
CA ASP A 303 25.15 -27.81 3.69
C ASP A 303 25.50 -26.80 4.77
N LYS A 304 24.70 -26.81 5.84
CA LYS A 304 24.66 -25.75 6.87
C LYS A 304 24.78 -24.33 6.28
N VAL A 305 24.09 -24.13 5.15
CA VAL A 305 23.85 -22.81 4.58
C VAL A 305 22.36 -22.72 4.27
N VAL A 306 21.66 -21.82 4.98
CA VAL A 306 20.20 -21.72 4.98
C VAL A 306 19.69 -21.53 3.57
N ASP A 307 18.55 -22.15 3.26
CA ASP A 307 17.99 -22.15 1.90
C ASP A 307 17.94 -20.80 1.21
N LYS A 308 17.41 -19.80 1.90
CA LYS A 308 17.27 -18.42 1.40
C LYS A 308 18.57 -17.91 0.78
N ILE A 309 19.70 -18.24 1.40
CA ILE A 309 20.99 -17.73 0.98
C ILE A 309 21.74 -18.73 0.08
N ASP A 310 21.21 -19.95 -0.08
CA ASP A 310 21.96 -20.99 -0.77
C ASP A 310 21.74 -20.98 -2.26
N VAL A 311 22.76 -20.49 -2.97
CA VAL A 311 22.80 -20.45 -4.43
C VAL A 311 22.34 -21.75 -5.14
N CYS A 312 22.73 -22.89 -4.58
CA CYS A 312 22.23 -24.19 -5.05
C CYS A 312 21.64 -24.98 -3.93
N PRO A 313 20.42 -24.58 -3.55
CA PRO A 313 19.72 -24.90 -2.33
C PRO A 313 19.57 -26.40 -2.14
N GLU A 314 19.63 -27.16 -3.23
CA GLU A 314 19.74 -28.62 -3.10
C GLU A 314 21.02 -29.22 -3.71
N ASN A 315 22.15 -28.63 -3.36
CA ASN A 315 23.43 -29.18 -3.73
C ASN A 315 24.47 -28.86 -2.68
N ALA A 316 25.02 -29.92 -2.09
CA ALA A 316 25.77 -29.82 -0.86
C ALA A 316 27.09 -29.09 -1.01
N GLU A 317 27.76 -29.29 -2.14
CA GLU A 317 29.09 -28.70 -2.34
C GLU A 317 29.08 -27.29 -2.89
N VAL A 318 28.12 -26.95 -3.73
CA VAL A 318 28.00 -25.56 -4.11
C VAL A 318 27.12 -24.80 -3.09
N THR A 319 27.31 -23.50 -2.99
CA THR A 319 26.82 -22.74 -1.83
C THR A 319 26.60 -21.21 -1.97
N LEU A 320 27.48 -20.54 -2.71
CA LEU A 320 27.55 -19.08 -2.70
C LEU A 320 28.17 -18.65 -4.04
N THR A 321 27.66 -17.62 -4.72
CA THR A 321 28.35 -17.19 -5.96
C THR A 321 29.81 -16.91 -5.62
N ASP A 322 30.73 -17.67 -6.19
CA ASP A 322 32.11 -17.45 -5.80
C ASP A 322 33.10 -17.78 -6.92
N PHE A 323 33.78 -16.75 -7.44
CA PHE A 323 34.59 -16.94 -8.63
C PHE A 323 36.11 -16.91 -8.38
N ARG A 324 36.55 -16.91 -7.12
CA ARG A 324 37.99 -16.82 -6.93
C ARG A 324 38.79 -18.07 -7.31
N ALA A 325 38.17 -19.24 -7.26
CA ALA A 325 38.75 -20.42 -7.85
C ALA A 325 38.32 -20.47 -9.31
N PHE A 326 39.24 -20.17 -10.21
CA PHE A 326 38.90 -20.26 -11.63
C PHE A 326 40.02 -20.78 -12.50
N GLN A 327 39.67 -21.66 -13.43
CA GLN A 327 40.59 -22.14 -14.47
C GLN A 327 40.74 -21.07 -15.51
N THR A 328 41.95 -20.92 -15.99
CA THR A 328 42.17 -19.96 -17.05
C THR A 328 42.43 -20.69 -18.40
N VAL A 329 41.67 -20.31 -19.44
CA VAL A 329 41.79 -20.91 -20.77
C VAL A 329 42.35 -19.85 -21.71
N VAL A 330 43.31 -20.22 -22.54
CA VAL A 330 43.79 -19.30 -23.57
C VAL A 330 43.44 -19.77 -25.00
N LEU A 331 42.71 -18.92 -25.73
CA LEU A 331 42.11 -19.33 -27.01
C LEU A 331 42.98 -19.26 -28.28
N ASP A 332 44.13 -18.57 -28.19
CA ASP A 332 45.12 -18.61 -29.25
C ASP A 332 46.46 -18.67 -28.56
N PRO A 333 46.92 -19.91 -28.29
CA PRO A 333 48.01 -20.20 -27.36
C PRO A 333 49.37 -19.91 -27.96
N GLU A 334 49.45 -20.06 -29.29
CA GLU A 334 50.59 -19.60 -30.06
C GLU A 334 50.91 -18.13 -29.71
N GLY A 335 49.86 -17.34 -29.53
CA GLY A 335 49.97 -15.92 -29.18
C GLY A 335 50.06 -15.08 -30.45
N ASP A 336 49.27 -14.00 -30.49
CA ASP A 336 49.44 -12.93 -31.47
C ASP A 336 50.03 -11.69 -30.79
N ALA A 337 49.36 -11.23 -29.73
CA ALA A 337 49.90 -10.16 -28.89
C ALA A 337 50.97 -10.73 -27.97
N GLN A 338 50.94 -12.05 -27.79
CA GLN A 338 51.67 -12.72 -26.69
C GLN A 338 51.60 -11.94 -25.38
N ILE A 339 50.42 -11.40 -25.12
CA ILE A 339 50.03 -10.92 -23.82
C ILE A 339 48.87 -11.81 -23.43
N ASP A 340 48.97 -12.41 -22.25
CA ASP A 340 47.87 -13.20 -21.74
C ASP A 340 46.91 -12.28 -21.03
N PRO A 341 45.60 -12.56 -21.13
CA PRO A 341 44.74 -11.74 -20.29
C PRO A 341 45.20 -12.00 -18.87
N ASN A 342 45.13 -10.98 -18.00
CA ASN A 342 45.38 -11.22 -16.57
C ASN A 342 44.22 -10.81 -15.67
N TRP A 343 43.82 -11.76 -14.84
CA TRP A 343 42.54 -11.71 -14.18
C TRP A 343 42.66 -11.38 -12.71
N VAL A 344 41.89 -10.41 -12.25
CA VAL A 344 41.74 -10.11 -10.83
C VAL A 344 40.30 -10.43 -10.38
N VAL A 345 40.16 -11.21 -9.31
CA VAL A 345 38.85 -11.35 -8.63
C VAL A 345 38.78 -10.42 -7.43
N LEU A 346 37.59 -9.94 -7.14
CA LEU A 346 37.35 -8.99 -6.05
C LEU A 346 36.00 -9.29 -5.40
N ASN A 347 35.64 -8.49 -4.41
CA ASN A 347 34.32 -8.62 -3.85
C ASN A 347 34.01 -10.07 -3.40
N GLN A 348 35.03 -10.77 -2.93
CA GLN A 348 34.92 -12.13 -2.40
C GLN A 348 34.46 -13.14 -3.43
N GLY A 349 34.88 -12.91 -4.67
CA GLY A 349 34.70 -13.85 -5.76
C GLY A 349 33.45 -13.50 -6.54
N ARG A 350 33.00 -12.26 -6.37
CA ARG A 350 31.75 -11.85 -6.97
C ARG A 350 31.95 -10.73 -7.97
N GLU A 351 33.21 -10.45 -8.27
CA GLU A 351 33.59 -9.45 -9.26
C GLU A 351 34.92 -9.84 -9.92
N ILE A 352 34.95 -9.83 -11.25
CA ILE A 352 36.17 -10.20 -11.93
C ILE A 352 36.61 -8.97 -12.67
N VAL A 353 37.93 -8.80 -12.84
CA VAL A 353 38.50 -7.69 -13.59
C VAL A 353 39.65 -8.14 -14.48
N GLN A 354 39.72 -7.65 -15.72
CA GLN A 354 40.78 -8.07 -16.65
C GLN A 354 41.50 -6.84 -17.19
N THR A 355 42.82 -6.77 -16.98
CA THR A 355 43.53 -5.48 -17.18
C THR A 355 44.36 -5.32 -18.47
N MET A 356 44.55 -6.39 -19.22
CA MET A 356 45.43 -6.35 -20.38
C MET A 356 44.69 -6.18 -21.70
N ASN A 357 45.43 -5.71 -22.70
CA ASN A 357 44.96 -5.70 -24.04
C ASN A 357 45.52 -6.96 -24.68
N SER A 358 44.83 -8.07 -24.45
CA SER A 358 45.42 -9.40 -24.61
C SER A 358 44.90 -10.23 -25.77
N ASP A 359 45.49 -11.42 -25.92
CA ASP A 359 44.96 -12.52 -26.73
C ASP A 359 43.62 -12.99 -26.17
N PRO A 360 42.83 -13.75 -26.95
CA PRO A 360 41.56 -14.29 -26.40
C PRO A 360 41.80 -15.13 -25.13
N GLY A 361 40.79 -15.23 -24.29
CA GLY A 361 40.95 -15.98 -23.06
C GLY A 361 39.71 -16.04 -22.19
N LEU A 362 39.65 -17.01 -21.30
CA LEU A 362 38.46 -17.23 -20.52
C LEU A 362 38.90 -17.40 -19.10
N ALA A 363 38.28 -16.70 -18.18
CA ALA A 363 38.34 -17.13 -16.78
C ALA A 363 37.10 -17.98 -16.58
N VAL A 364 37.26 -19.21 -16.12
CA VAL A 364 36.05 -20.03 -15.89
C VAL A 364 35.96 -20.66 -14.51
N GLY A 365 34.89 -20.39 -13.79
CA GLY A 365 34.70 -20.98 -12.47
C GLY A 365 34.67 -22.51 -12.44
N TYR A 366 34.94 -23.09 -11.27
CA TYR A 366 34.95 -24.53 -11.19
C TYR A 366 33.60 -25.18 -11.09
N THR A 367 32.58 -24.51 -10.60
CA THR A 367 31.32 -25.22 -10.57
C THR A 367 30.64 -25.32 -11.96
N ALA A 368 30.06 -26.50 -12.20
CA ALA A 368 29.27 -26.77 -13.38
C ALA A 368 27.77 -26.77 -13.02
N PHE A 369 26.92 -26.77 -14.03
CA PHE A 369 25.50 -26.59 -13.79
C PHE A 369 24.66 -27.39 -14.74
N ASN A 370 23.41 -27.65 -14.34
CA ASN A 370 22.42 -27.97 -15.32
C ASN A 370 21.63 -26.74 -15.67
N GLY A 371 20.35 -26.68 -15.29
CA GLY A 371 19.60 -25.42 -15.41
C GLY A 371 20.28 -24.39 -14.51
N VAL A 372 20.52 -23.18 -15.02
CA VAL A 372 21.26 -22.12 -14.32
C VAL A 372 20.76 -20.71 -14.69
N ASP A 373 20.84 -19.78 -13.73
CA ASP A 373 20.57 -18.37 -13.95
C ASP A 373 21.85 -17.64 -13.59
N PHE A 374 22.28 -16.70 -14.45
CA PHE A 374 23.57 -16.06 -14.31
C PHE A 374 23.40 -14.63 -14.80
N GLU A 375 23.75 -13.69 -13.93
CA GLU A 375 23.60 -12.26 -14.18
C GLU A 375 24.89 -11.59 -13.72
N GLY A 376 25.31 -10.54 -14.44
CA GLY A 376 26.47 -9.72 -14.08
C GLY A 376 26.36 -8.31 -14.66
N THR A 377 27.25 -7.43 -14.24
CA THR A 377 27.34 -6.11 -14.83
C THR A 377 28.58 -5.99 -15.67
N PHE A 378 28.38 -5.72 -16.94
CA PHE A 378 29.49 -5.54 -17.84
C PHE A 378 29.82 -4.04 -17.89
N HIS A 379 31.10 -3.70 -17.79
CA HIS A 379 31.57 -2.30 -17.80
C HIS A 379 32.97 -2.30 -18.36
N VAL A 380 33.25 -1.44 -19.34
CA VAL A 380 34.65 -1.28 -19.73
C VAL A 380 35.18 0.06 -19.27
N ASN A 381 36.00 -0.05 -18.23
CA ASN A 381 36.45 1.09 -17.49
C ASN A 381 37.55 1.89 -18.20
N THR A 382 37.30 2.29 -19.44
CA THR A 382 38.31 3.01 -20.19
C THR A 382 37.80 3.42 -21.55
N VAL A 383 38.30 4.57 -21.99
CA VAL A 383 38.00 5.10 -23.31
C VAL A 383 38.78 4.36 -24.38
N THR A 384 39.93 3.82 -24.02
CA THR A 384 40.79 3.18 -25.02
C THR A 384 40.30 1.80 -25.56
N ASP A 385 40.74 1.50 -26.80
CA ASP A 385 40.35 0.31 -27.58
C ASP A 385 38.87 0.29 -27.89
N ASP A 386 38.40 -0.80 -28.47
CA ASP A 386 36.98 -0.94 -28.83
C ASP A 386 36.68 -2.38 -29.16
N ASP A 387 37.38 -3.27 -28.50
CA ASP A 387 37.31 -4.64 -28.88
C ASP A 387 36.28 -5.37 -28.08
N TYR A 388 36.52 -6.65 -27.81
CA TYR A 388 35.49 -7.59 -27.36
C TYR A 388 35.49 -7.91 -25.86
N ALA A 389 34.31 -7.95 -25.26
CA ALA A 389 34.16 -8.60 -23.97
C ALA A 389 32.92 -9.51 -23.97
N GLY A 390 32.81 -10.37 -22.96
CA GLY A 390 31.64 -11.19 -22.84
C GLY A 390 31.63 -12.13 -21.67
N PHE A 391 30.67 -13.06 -21.69
CA PHE A 391 30.59 -14.13 -20.72
C PHE A 391 30.37 -15.51 -21.36
N ILE A 392 30.52 -16.53 -20.53
CA ILE A 392 30.61 -17.90 -20.94
C ILE A 392 29.62 -18.67 -20.09
N PHE A 393 28.87 -19.58 -20.70
CA PHE A 393 28.07 -20.53 -19.94
C PHE A 393 28.13 -21.90 -20.66
N GLY A 394 27.81 -22.97 -19.94
CA GLY A 394 27.85 -24.29 -20.55
C GLY A 394 29.22 -24.68 -21.07
N TYR A 395 30.25 -24.16 -20.43
CA TYR A 395 31.61 -24.54 -20.75
C TYR A 395 31.84 -25.99 -20.40
N GLN A 396 32.28 -26.76 -21.37
CA GLN A 396 32.62 -28.16 -21.14
C GLN A 396 34.14 -28.34 -21.29
N ASP A 397 34.69 -27.70 -22.32
CA ASP A 397 36.13 -27.70 -22.55
C ASP A 397 36.53 -26.52 -23.45
N SER A 398 37.82 -26.38 -23.72
CA SER A 398 38.34 -25.31 -24.58
C SER A 398 37.84 -25.34 -26.03
N SER A 399 37.03 -26.33 -26.39
CA SER A 399 36.50 -26.44 -27.75
C SER A 399 34.99 -26.47 -27.75
N SER A 400 34.39 -26.61 -26.56
CA SER A 400 32.94 -26.66 -26.46
C SER A 400 32.43 -25.76 -25.35
N PHE A 401 31.72 -24.71 -25.74
CA PHE A 401 31.09 -23.77 -24.81
C PHE A 401 30.22 -22.78 -25.55
N TYR A 402 29.35 -22.07 -24.81
CA TYR A 402 28.55 -20.94 -25.33
C TYR A 402 29.19 -19.63 -24.90
N VAL A 403 29.20 -18.65 -25.78
CA VAL A 403 29.82 -17.36 -25.47
C VAL A 403 28.89 -16.24 -25.87
N VAL A 404 28.75 -15.22 -25.02
CA VAL A 404 28.09 -13.97 -25.41
C VAL A 404 29.17 -12.90 -25.50
N MET A 405 29.36 -12.33 -26.69
CA MET A 405 30.43 -11.32 -26.83
C MET A 405 29.87 -9.99 -27.39
N TRP A 406 30.54 -8.88 -27.09
CA TRP A 406 30.08 -7.58 -27.53
C TRP A 406 31.31 -6.76 -27.93
N LYS A 407 31.23 -6.01 -29.02
CA LYS A 407 32.37 -5.28 -29.53
C LYS A 407 31.93 -3.87 -29.76
N GLN A 408 32.68 -2.90 -29.23
CA GLN A 408 32.31 -1.49 -29.37
C GLN A 408 32.28 -0.98 -30.80
N MET A 409 33.23 -1.41 -31.61
CA MET A 409 33.48 -0.79 -32.89
C MET A 409 33.51 -1.82 -33.98
N GLU A 410 32.86 -1.58 -35.12
CA GLU A 410 33.01 -2.52 -36.24
C GLU A 410 34.46 -2.58 -36.73
N GLN A 411 35.00 -3.78 -36.97
CA GLN A 411 36.41 -3.90 -37.35
C GLN A 411 36.77 -5.23 -37.99
N THR A 412 37.58 -5.19 -39.04
CA THR A 412 38.11 -6.41 -39.67
C THR A 412 39.40 -6.83 -39.01
N TYR A 413 39.44 -8.02 -38.42
CA TYR A 413 40.64 -8.48 -37.70
C TYR A 413 41.92 -8.33 -38.51
N TRP A 414 43.02 -7.93 -37.87
CA TRP A 414 44.25 -7.64 -38.61
C TRP A 414 44.96 -8.84 -39.21
N GLN A 415 44.76 -10.03 -38.64
CA GLN A 415 45.35 -11.24 -39.25
C GLN A 415 44.47 -11.80 -40.34
N ALA A 416 44.87 -11.70 -41.60
CA ALA A 416 44.03 -12.21 -42.72
C ALA A 416 44.08 -13.73 -42.84
N ASN A 417 45.02 -14.36 -42.11
CA ASN A 417 45.00 -15.81 -41.93
C ASN A 417 44.39 -16.20 -40.61
N PRO A 418 43.69 -17.35 -40.55
CA PRO A 418 43.51 -18.28 -41.65
C PRO A 418 42.42 -17.86 -42.65
N PHE A 419 41.61 -16.87 -42.27
CA PHE A 419 40.57 -16.31 -43.16
C PHE A 419 40.22 -14.92 -42.67
N ARG A 420 39.44 -14.16 -43.45
CA ARG A 420 39.10 -12.77 -43.12
C ARG A 420 38.05 -12.76 -42.05
N ALA A 421 38.37 -12.30 -40.85
CA ALA A 421 37.36 -12.28 -39.82
C ALA A 421 36.87 -10.86 -39.59
N VAL A 422 35.66 -10.57 -40.03
CA VAL A 422 35.10 -9.26 -39.73
C VAL A 422 34.08 -9.32 -38.57
N ALA A 423 34.26 -8.41 -37.60
CA ALA A 423 33.44 -8.29 -36.38
C ALA A 423 32.53 -7.05 -36.41
N GLU A 424 31.29 -7.22 -35.98
CA GLU A 424 30.32 -6.10 -35.92
C GLU A 424 29.96 -5.66 -34.50
N PRO A 425 29.49 -4.42 -34.35
CA PRO A 425 29.09 -3.99 -33.01
C PRO A 425 27.77 -4.66 -32.63
N GLY A 426 27.49 -4.87 -31.36
CA GLY A 426 26.13 -5.39 -31.08
C GLY A 426 26.08 -6.84 -30.66
N ILE A 427 25.33 -7.08 -29.58
CA ILE A 427 25.53 -8.27 -28.78
C ILE A 427 25.44 -9.50 -29.67
N GLN A 428 26.34 -10.46 -29.47
CA GLN A 428 26.26 -11.73 -30.18
C GLN A 428 26.13 -12.91 -29.21
N LEU A 429 25.23 -13.85 -29.52
CA LEU A 429 25.22 -15.17 -28.88
C LEU A 429 25.86 -16.19 -29.83
N LYS A 430 26.92 -16.87 -29.38
CA LYS A 430 27.58 -17.86 -30.21
C LYS A 430 27.68 -19.21 -29.55
N ALA A 431 27.52 -20.23 -30.37
CA ALA A 431 27.80 -21.58 -29.97
C ALA A 431 29.22 -21.88 -30.50
N VAL A 432 30.10 -22.37 -29.62
CA VAL A 432 31.44 -22.80 -30.01
C VAL A 432 31.66 -24.31 -29.84
N LYS A 433 31.69 -25.00 -30.97
CA LYS A 433 32.06 -26.40 -31.01
C LYS A 433 33.20 -26.52 -32.01
N SER A 434 34.40 -26.15 -31.58
CA SER A 434 35.56 -26.20 -32.45
C SER A 434 36.05 -27.61 -32.60
N SER A 435 36.33 -27.98 -33.84
CA SER A 435 36.93 -29.25 -34.15
C SER A 435 38.46 -29.17 -34.13
N THR A 436 39.01 -28.00 -33.87
CA THR A 436 40.46 -27.86 -33.78
C THR A 436 40.92 -27.45 -32.38
N GLY A 437 40.09 -26.71 -31.66
CA GLY A 437 40.46 -26.22 -30.33
C GLY A 437 41.26 -24.94 -30.39
N PRO A 438 41.63 -24.38 -29.22
CA PRO A 438 42.42 -23.16 -29.11
C PRO A 438 43.46 -23.06 -30.21
N GLY A 439 43.34 -22.03 -31.02
CA GLY A 439 44.20 -21.88 -32.15
C GLY A 439 43.75 -20.81 -33.11
N GLU A 440 44.57 -20.64 -34.12
CA GLU A 440 44.37 -19.81 -35.28
C GLU A 440 42.94 -19.79 -35.81
N GLN A 441 42.31 -20.97 -35.83
CA GLN A 441 41.01 -21.09 -36.45
C GLN A 441 39.93 -20.52 -35.55
N LEU A 442 39.83 -21.08 -34.35
CA LEU A 442 38.89 -20.65 -33.33
C LEU A 442 38.99 -19.16 -33.07
N ARG A 443 40.19 -18.63 -33.24
CA ARG A 443 40.48 -17.21 -32.97
C ARG A 443 39.73 -16.33 -33.98
N ASN A 444 40.11 -16.41 -35.25
CA ASN A 444 39.37 -15.68 -36.28
C ASN A 444 37.88 -16.05 -36.29
N ALA A 445 37.57 -17.28 -35.87
CA ALA A 445 36.18 -17.73 -35.83
C ALA A 445 35.38 -16.97 -34.75
N LEU A 446 36.04 -16.74 -33.62
CA LEU A 446 35.45 -16.01 -32.51
C LEU A 446 35.36 -14.54 -32.84
N TRP A 447 36.30 -13.99 -33.60
CA TRP A 447 36.24 -12.57 -33.96
C TRP A 447 35.19 -12.29 -34.99
N HIS A 448 34.93 -13.24 -35.85
CA HIS A 448 34.03 -13.00 -36.95
C HIS A 448 32.59 -13.03 -36.49
N THR A 449 31.80 -12.04 -36.91
CA THR A 449 30.36 -12.05 -36.57
C THR A 449 29.64 -12.92 -37.60
N GLY A 450 29.52 -14.20 -37.30
CA GLY A 450 28.86 -15.14 -38.20
C GLY A 450 29.32 -16.54 -37.90
N ASP A 451 29.12 -17.45 -38.84
CA ASP A 451 29.40 -18.86 -38.59
C ASP A 451 30.68 -19.33 -39.20
N THR A 452 31.42 -20.16 -38.50
CA THR A 452 32.64 -20.65 -39.13
C THR A 452 32.66 -22.17 -39.20
N GLU A 453 32.58 -22.69 -40.43
CA GLU A 453 32.24 -24.10 -40.73
C GLU A 453 32.65 -25.13 -39.73
N SER A 454 33.82 -25.07 -39.15
CA SER A 454 33.95 -26.08 -38.12
C SER A 454 34.19 -25.65 -36.68
N GLN A 455 33.61 -24.49 -36.37
CA GLN A 455 34.10 -23.65 -35.29
C GLN A 455 33.04 -22.96 -34.46
N VAL A 456 32.29 -22.05 -35.08
CA VAL A 456 31.35 -21.25 -34.33
C VAL A 456 30.09 -21.04 -35.14
N ARG A 457 28.95 -21.04 -34.44
CA ARG A 457 27.66 -20.66 -35.01
C ARG A 457 27.06 -19.50 -34.25
N LEU A 458 26.66 -18.47 -34.97
CA LEU A 458 26.07 -17.30 -34.38
C LEU A 458 24.59 -17.60 -34.18
N LEU A 459 24.22 -18.10 -33.01
CA LEU A 459 22.81 -18.33 -32.77
C LEU A 459 22.01 -17.02 -32.72
N TRP A 460 22.52 -15.94 -32.14
CA TRP A 460 21.71 -14.70 -32.11
C TRP A 460 22.60 -13.47 -32.16
N LYS A 461 22.04 -12.40 -32.70
CA LYS A 461 22.69 -11.11 -32.70
C LYS A 461 21.62 -9.99 -32.44
N ASP A 462 22.03 -8.90 -31.77
CA ASP A 462 21.12 -7.82 -31.42
C ASP A 462 20.82 -6.95 -32.66
N PRO A 463 19.56 -6.90 -33.10
CA PRO A 463 19.22 -6.26 -34.36
C PRO A 463 19.61 -4.78 -34.41
N ARG A 464 19.80 -4.17 -33.25
CA ARG A 464 20.21 -2.79 -33.15
C ARG A 464 21.58 -2.56 -33.79
N ASN A 465 22.45 -3.58 -33.71
CA ASN A 465 23.84 -3.49 -34.16
C ASN A 465 24.60 -2.32 -33.50
N VAL A 466 24.42 -2.19 -32.19
CA VAL A 466 24.96 -1.09 -31.40
C VAL A 466 26.06 -1.58 -30.46
N GLY A 467 27.23 -0.94 -30.49
CA GLY A 467 28.33 -1.29 -29.57
C GLY A 467 28.12 -0.83 -28.14
N TRP A 468 29.02 -1.22 -27.26
CA TRP A 468 28.93 -0.75 -25.89
C TRP A 468 29.65 0.58 -25.79
N LYS A 469 29.19 1.44 -24.89
CA LYS A 469 29.78 2.75 -24.73
C LYS A 469 30.95 2.71 -23.76
N ASP A 470 31.95 3.56 -24.02
CA ASP A 470 33.09 3.74 -23.12
C ASP A 470 32.59 4.07 -21.70
N LYS A 471 33.25 3.53 -20.70
CA LYS A 471 32.86 3.73 -19.29
C LYS A 471 31.36 3.61 -18.98
N LYS A 472 30.57 2.90 -19.78
CA LYS A 472 29.14 2.65 -19.47
C LYS A 472 28.84 1.26 -18.87
N SER A 473 27.72 1.13 -18.18
CA SER A 473 27.51 -0.02 -17.33
C SER A 473 26.21 -0.76 -17.74
N TYR A 474 26.33 -2.02 -18.15
CA TYR A 474 25.17 -2.80 -18.63
C TYR A 474 25.00 -4.04 -17.78
N ARG A 475 23.75 -4.45 -17.55
CA ARG A 475 23.45 -5.64 -16.73
C ARG A 475 22.95 -6.76 -17.61
N TRP A 476 23.47 -7.96 -17.42
CA TRP A 476 23.05 -9.04 -18.27
C TRP A 476 22.35 -10.10 -17.44
N PHE A 477 21.40 -10.80 -18.08
CA PHE A 477 20.67 -11.88 -17.45
C PHE A 477 20.49 -13.05 -18.42
N LEU A 478 21.20 -14.14 -18.15
CA LEU A 478 21.16 -15.36 -18.95
C LEU A 478 20.25 -16.37 -18.28
N GLN A 479 19.59 -17.19 -19.10
CA GLN A 479 18.79 -18.32 -18.63
C GLN A 479 19.13 -19.51 -19.49
N HIS A 480 19.56 -20.59 -18.87
CA HIS A 480 19.94 -21.77 -19.62
C HIS A 480 19.27 -22.99 -19.03
N ARG A 481 18.67 -23.82 -19.87
CA ARG A 481 17.96 -25.01 -19.44
C ARG A 481 18.38 -26.13 -20.38
N PRO A 482 19.54 -26.74 -20.11
CA PRO A 482 20.15 -27.73 -21.02
C PRO A 482 19.18 -28.84 -21.36
N GLN A 483 18.32 -29.23 -20.42
CA GLN A 483 17.35 -30.31 -20.65
C GLN A 483 16.56 -30.06 -21.92
N VAL A 484 16.15 -28.83 -22.14
CA VAL A 484 15.30 -28.56 -23.26
C VAL A 484 16.02 -27.67 -24.30
N GLY A 485 17.32 -27.45 -24.11
CA GLY A 485 18.12 -26.60 -25.00
C GLY A 485 17.68 -25.13 -25.01
N TYR A 486 17.20 -24.67 -23.85
CA TYR A 486 16.60 -23.35 -23.77
C TYR A 486 17.67 -22.36 -23.42
N ILE A 487 17.80 -21.31 -24.23
CA ILE A 487 18.74 -20.21 -23.96
C ILE A 487 18.00 -18.88 -24.12
N ARG A 488 18.27 -17.94 -23.22
CA ARG A 488 17.62 -16.64 -23.29
C ARG A 488 18.44 -15.63 -22.54
N VAL A 489 18.82 -14.56 -23.23
CA VAL A 489 19.64 -13.51 -22.60
C VAL A 489 19.00 -12.14 -22.72
N ARG A 490 19.11 -11.35 -21.65
CA ARG A 490 18.64 -10.00 -21.67
C ARG A 490 19.74 -9.03 -21.30
N PHE A 491 19.71 -7.87 -21.92
CA PHE A 491 20.62 -6.82 -21.57
C PHE A 491 19.90 -5.54 -21.15
N TYR A 492 20.38 -4.97 -20.07
CA TYR A 492 19.78 -3.76 -19.54
C TYR A 492 20.82 -2.70 -19.57
N GLU A 493 20.52 -1.56 -20.17
CA GLU A 493 21.40 -0.42 -19.91
C GLU A 493 20.72 0.50 -18.92
N GLY A 494 21.34 0.72 -17.77
CA GLY A 494 20.64 1.39 -16.67
C GLY A 494 19.38 0.58 -16.35
N PRO A 495 18.26 1.25 -15.98
CA PRO A 495 17.11 0.42 -15.64
C PRO A 495 16.34 -0.17 -16.82
N GLU A 496 16.63 0.25 -18.06
CA GLU A 496 15.77 -0.15 -19.19
C GLU A 496 16.37 -1.30 -19.96
N LEU A 497 15.50 -2.26 -20.33
CA LEU A 497 15.88 -3.40 -21.17
C LEU A 497 16.16 -2.93 -22.59
N VAL A 498 17.24 -3.43 -23.19
CA VAL A 498 17.71 -2.89 -24.47
C VAL A 498 17.97 -3.97 -25.52
N ALA A 499 18.17 -5.20 -25.08
CA ALA A 499 18.31 -6.27 -26.06
C ALA A 499 17.74 -7.49 -25.42
N ASP A 500 17.00 -8.28 -26.18
CA ASP A 500 16.47 -9.55 -25.67
C ASP A 500 16.63 -10.55 -26.81
N SER A 501 17.31 -11.67 -26.56
CA SER A 501 17.49 -12.74 -27.56
C SER A 501 16.20 -13.51 -27.87
N ASN A 502 15.26 -13.49 -26.91
CA ASN A 502 14.10 -14.37 -26.91
C ASN A 502 14.54 -15.78 -26.69
N VAL A 503 13.63 -16.72 -26.80
CA VAL A 503 14.01 -18.12 -26.61
C VAL A 503 14.77 -18.60 -27.82
N VAL A 504 16.03 -18.94 -27.56
CA VAL A 504 16.94 -19.50 -28.54
C VAL A 504 17.08 -20.97 -28.16
N LEU A 505 16.61 -21.87 -29.01
CA LEU A 505 16.71 -23.29 -28.71
C LEU A 505 18.02 -23.76 -29.28
N ASP A 506 18.84 -24.43 -28.51
CA ASP A 506 20.09 -24.94 -29.09
C ASP A 506 20.66 -25.93 -28.16
N THR A 507 21.12 -27.02 -28.73
CA THR A 507 21.38 -28.13 -27.88
C THR A 507 22.85 -28.62 -27.82
N THR A 508 23.77 -27.78 -28.28
CA THR A 508 25.15 -28.18 -28.50
C THR A 508 25.86 -28.57 -27.21
N MET A 509 25.81 -27.76 -26.14
CA MET A 509 26.39 -28.23 -24.86
C MET A 509 25.32 -28.32 -23.81
N ARG A 510 24.95 -29.53 -23.44
CA ARG A 510 23.83 -29.70 -22.51
C ARG A 510 24.23 -29.52 -21.03
N GLY A 511 24.71 -28.32 -20.71
CA GLY A 511 25.22 -28.03 -19.38
C GLY A 511 26.71 -27.77 -19.42
N GLY A 512 27.25 -27.23 -18.34
CA GLY A 512 28.64 -26.74 -18.31
C GLY A 512 28.92 -25.73 -17.22
N ARG A 513 30.05 -25.05 -17.33
CA ARG A 513 30.55 -24.17 -16.29
C ARG A 513 30.39 -22.72 -16.71
N LEU A 514 30.31 -21.81 -15.75
CA LEU A 514 30.17 -20.37 -16.08
C LEU A 514 31.50 -19.60 -16.05
N GLY A 515 31.65 -18.61 -16.91
CA GLY A 515 32.84 -17.76 -16.86
C GLY A 515 32.72 -16.44 -17.58
N VAL A 516 33.86 -15.77 -17.73
CA VAL A 516 33.91 -14.58 -18.57
C VAL A 516 34.91 -14.71 -19.69
N PHE A 517 34.65 -13.95 -20.75
CA PHE A 517 35.45 -13.95 -21.95
C PHE A 517 35.95 -12.54 -22.22
N CYS A 518 37.18 -12.45 -22.73
CA CYS A 518 37.65 -11.22 -23.34
C CYS A 518 38.64 -11.51 -24.44
N PHE A 519 38.70 -10.53 -25.36
CA PHE A 519 39.50 -10.63 -26.56
C PHE A 519 39.88 -9.23 -26.98
N SER A 520 41.16 -8.90 -26.71
CA SER A 520 41.83 -7.67 -27.13
C SER A 520 41.33 -6.37 -26.49
N GLN A 521 40.88 -6.44 -25.25
CA GLN A 521 40.26 -5.27 -24.63
C GLN A 521 40.65 -5.06 -23.18
N GLU A 522 41.41 -4.00 -22.94
CA GLU A 522 41.90 -3.74 -21.60
C GLU A 522 40.85 -3.12 -20.69
N ASN A 523 40.89 -3.52 -19.42
CA ASN A 523 40.09 -2.91 -18.36
C ASN A 523 38.61 -3.11 -18.42
N ILE A 524 38.19 -4.36 -18.44
CA ILE A 524 36.80 -4.72 -18.34
C ILE A 524 36.54 -5.06 -16.88
N ILE A 525 35.39 -4.62 -16.37
CA ILE A 525 34.93 -5.03 -15.05
C ILE A 525 33.71 -5.86 -15.29
N TRP A 526 33.64 -7.05 -14.70
CA TRP A 526 32.40 -7.82 -14.57
C TRP A 526 32.00 -7.77 -13.09
N ALA A 527 31.09 -6.90 -12.71
CA ALA A 527 30.86 -6.68 -11.29
C ALA A 527 29.47 -7.16 -10.85
N ASN A 528 29.32 -7.42 -9.54
CA ASN A 528 28.05 -7.89 -8.94
C ASN A 528 27.57 -9.09 -9.76
N LEU A 529 28.38 -10.14 -9.70
CA LEU A 529 28.15 -11.35 -10.43
C LEU A 529 27.26 -12.19 -9.56
N ARG A 530 26.30 -12.86 -10.18
CA ARG A 530 25.42 -13.81 -9.49
C ARG A 530 25.05 -15.00 -10.38
N TYR A 531 25.25 -16.19 -9.84
CA TYR A 531 24.72 -17.35 -10.48
C TYR A 531 23.89 -18.16 -9.49
N ARG A 532 22.93 -18.93 -9.99
CA ARG A 532 22.17 -19.84 -9.16
C ARG A 532 21.62 -20.98 -9.98
N CYS A 533 21.29 -22.09 -9.31
CA CYS A 533 20.57 -23.25 -9.88
C CYS A 533 19.12 -22.96 -10.23
N ASN A 534 18.67 -23.32 -11.42
CA ASN A 534 17.28 -23.16 -11.76
C ASN A 534 16.92 -24.08 -12.90
N ASP A 535 16.18 -25.13 -12.58
CA ASP A 535 15.75 -26.11 -13.57
C ASP A 535 14.32 -25.92 -13.97
N THR A 536 13.59 -25.16 -13.16
CA THR A 536 12.23 -24.85 -13.48
C THR A 536 12.27 -24.02 -14.78
N ILE A 537 11.66 -24.57 -15.83
CA ILE A 537 11.79 -24.06 -17.19
C ILE A 537 10.88 -22.87 -17.41
N PRO A 538 11.42 -21.77 -17.95
CA PRO A 538 10.61 -20.57 -18.22
C PRO A 538 9.33 -20.87 -19.00
N GLU A 539 8.32 -20.05 -18.77
CA GLU A 539 7.02 -20.26 -19.39
C GLU A 539 7.07 -20.14 -20.89
N ASP A 540 7.67 -19.06 -21.38
CA ASP A 540 7.61 -18.76 -22.79
C ASP A 540 8.33 -19.79 -23.65
N TYR A 541 8.70 -20.91 -23.05
CA TYR A 541 9.23 -22.06 -23.77
C TYR A 541 8.12 -22.84 -24.44
N GLU A 542 7.15 -23.23 -23.63
CA GLU A 542 5.98 -23.90 -24.15
C GLU A 542 5.16 -22.96 -25.05
N THR A 543 5.13 -21.66 -24.74
CA THR A 543 4.53 -20.67 -25.66
C THR A 543 5.20 -20.80 -27.03
N HIS A 544 6.50 -20.57 -27.06
CA HIS A 544 7.34 -20.70 -28.26
C HIS A 544 7.00 -22.00 -28.96
N GLN A 545 7.05 -23.11 -28.22
CA GLN A 545 6.79 -24.44 -28.77
C GLN A 545 5.40 -24.56 -29.41
N LEU A 546 4.39 -24.06 -28.71
CA LEU A 546 3.01 -24.05 -29.20
C LEU A 546 2.78 -23.09 -30.38
N ARG A 547 3.40 -21.92 -30.34
CA ARG A 547 3.17 -20.89 -31.37
C ARG A 547 3.94 -21.18 -32.66
N GLN A 548 3.99 -22.46 -33.03
CA GLN A 548 4.42 -22.90 -34.35
C GLN A 548 3.18 -23.03 -35.30
N ALA A 549 2.21 -22.11 -35.09
CA ALA A 549 0.92 -22.08 -35.82
C ALA A 549 0.98 -21.17 -37.05
N ASN B 15 -12.44 2.94 -9.25
CA ASN B 15 -11.39 1.87 -9.07
C ASN B 15 -9.89 2.33 -9.17
N SER B 16 -9.60 3.52 -8.63
CA SER B 16 -8.23 4.04 -8.50
C SER B 16 -7.53 3.30 -7.36
N ALA B 17 -6.23 3.04 -7.53
CA ALA B 17 -5.39 2.26 -6.61
C ALA B 17 -4.56 3.12 -5.65
N GLN B 18 -3.77 2.46 -4.81
CA GLN B 18 -2.80 3.12 -3.95
C GLN B 18 -1.59 3.45 -4.80
N ARG B 19 -1.02 4.62 -4.58
CA ARG B 19 0.14 5.07 -5.36
C ARG B 19 1.37 5.33 -4.45
N PHE B 20 2.55 5.53 -5.06
CA PHE B 20 3.76 5.77 -4.29
C PHE B 20 4.03 7.26 -4.01
N CYS B 21 4.80 7.55 -2.97
CA CYS B 21 5.29 8.89 -2.67
C CYS B 21 6.36 9.35 -3.65
N PRO B 22 6.62 10.68 -3.69
CA PRO B 22 7.56 11.17 -4.69
C PRO B 22 8.94 10.58 -4.50
N ASP B 23 9.24 9.97 -3.34
CA ASP B 23 10.54 9.29 -3.12
C ASP B 23 10.45 7.79 -3.26
N GLY B 24 9.38 7.33 -3.91
CA GLY B 24 9.25 5.91 -4.28
C GLY B 24 8.88 4.96 -3.17
N SER B 25 8.55 5.49 -2.01
CA SER B 25 8.03 4.69 -0.93
C SER B 25 6.53 4.55 -1.16
N PRO B 26 5.92 3.44 -0.70
CA PRO B 26 4.50 3.27 -0.84
C PRO B 26 3.81 4.29 0.02
N SER B 27 2.83 5.00 -0.56
CA SER B 27 2.05 6.05 0.12
C SER B 27 1.13 5.44 1.15
N GLU B 28 0.93 6.13 2.27
CA GLU B 28 -0.06 5.69 3.25
C GLU B 28 -1.20 6.66 3.34
N CYS B 29 -1.34 7.52 2.34
CA CYS B 29 -2.26 8.66 2.42
C CYS B 29 -3.68 8.26 2.19
N HIS B 30 -4.62 9.19 2.39
CA HIS B 30 -6.02 8.96 2.01
C HIS B 30 -6.12 8.82 0.51
N GLU B 31 -7.29 8.38 0.07
CA GLU B 31 -7.54 8.12 -1.33
C GLU B 31 -7.56 9.41 -2.14
N HIS B 32 -7.85 10.51 -1.46
CA HIS B 32 -7.98 11.82 -2.09
C HIS B 32 -7.06 12.81 -1.41
N ALA B 33 -5.85 12.37 -1.11
CA ALA B 33 -4.87 13.18 -0.43
C ALA B 33 -3.63 13.03 -1.26
N ASP B 34 -2.61 13.85 -1.01
CA ASP B 34 -1.34 13.66 -1.69
C ASP B 34 -0.20 13.45 -0.74
N CYS B 35 0.75 12.63 -1.17
CA CYS B 35 1.97 12.38 -0.42
C CYS B 35 2.99 13.41 -0.86
N VAL B 36 3.39 14.29 0.05
CA VAL B 36 4.36 15.36 -0.26
C VAL B 36 5.64 15.23 0.56
N LEU B 37 6.80 15.33 -0.09
CA LEU B 37 8.08 15.33 0.63
C LEU B 37 8.27 16.65 1.40
N GLU B 38 8.81 16.58 2.62
CA GLU B 38 9.12 17.77 3.44
C GLU B 38 10.55 18.22 3.15
N ARG B 39 10.85 19.49 3.52
CA ARG B 39 12.24 20.02 3.40
C ARG B 39 13.28 18.91 3.68
N ASP B 40 13.36 18.48 4.95
CA ASP B 40 14.39 17.55 5.43
C ASP B 40 14.43 16.18 4.75
N GLY B 41 13.29 15.69 4.30
CA GLY B 41 13.20 14.29 3.87
C GLY B 41 12.31 13.51 4.83
N SER B 42 11.05 13.88 4.80
CA SER B 42 10.02 13.14 5.48
C SER B 42 8.76 13.32 4.65
N ARG B 43 7.64 12.82 5.19
CA ARG B 43 6.42 12.66 4.44
C ARG B 43 5.26 13.32 5.16
N SER B 44 4.37 13.90 4.35
CA SER B 44 3.14 14.46 4.87
C SER B 44 2.06 14.22 3.86
N CYS B 45 0.85 14.03 4.37
CA CYS B 45 -0.28 13.79 3.51
C CYS B 45 -1.08 15.06 3.41
N VAL B 46 -1.61 15.32 2.22
CA VAL B 46 -2.37 16.55 2.03
C VAL B 46 -3.59 16.34 1.13
N CYS B 47 -4.79 16.55 1.68
CA CYS B 47 -6.04 16.39 0.94
C CYS B 47 -6.05 17.27 -0.27
N ALA B 48 -6.26 16.67 -1.48
CA ALA B 48 -6.22 17.45 -2.73
C ALA B 48 -7.48 18.27 -2.94
N VAL B 49 -7.36 19.33 -3.76
CA VAL B 49 -8.42 20.30 -3.98
C VAL B 49 -9.73 19.60 -4.32
N GLY B 50 -10.76 19.87 -3.53
CA GLY B 50 -12.02 19.13 -3.60
C GLY B 50 -12.28 18.45 -2.26
N TRP B 51 -11.24 18.25 -1.47
CA TRP B 51 -11.32 17.46 -0.23
C TRP B 51 -10.65 18.20 0.93
N ALA B 52 -11.02 17.88 2.15
CA ALA B 52 -10.41 18.51 3.32
C ALA B 52 -10.22 17.52 4.45
N GLY B 53 -9.41 17.89 5.43
CA GLY B 53 -9.15 17.00 6.58
C GLY B 53 -7.65 16.91 6.75
N ASN B 54 -7.18 16.07 7.68
CA ASN B 54 -5.76 15.78 7.75
C ASN B 54 -5.45 14.76 6.68
N GLY B 55 -4.20 14.65 6.26
CA GLY B 55 -3.94 13.86 5.06
C GLY B 55 -4.30 12.38 5.10
N ILE B 56 -4.73 11.88 6.26
CA ILE B 56 -4.99 10.46 6.40
C ILE B 56 -6.46 10.14 6.15
N LEU B 57 -7.33 10.98 6.67
CA LEU B 57 -8.73 10.89 6.34
C LEU B 57 -9.13 12.13 5.59
N CYS B 58 -9.63 11.98 4.38
CA CYS B 58 -10.08 13.18 3.72
C CYS B 58 -11.57 13.07 3.40
N GLY B 59 -12.27 14.19 3.35
CA GLY B 59 -13.69 14.19 2.98
C GLY B 59 -13.97 15.31 2.01
N ARG B 60 -15.09 15.21 1.28
CA ARG B 60 -15.40 16.16 0.22
C ARG B 60 -15.56 17.53 0.81
N ASP B 61 -14.89 18.50 0.20
CA ASP B 61 -14.94 19.89 0.63
C ASP B 61 -15.66 20.66 -0.45
N THR B 62 -16.97 20.78 -0.34
CA THR B 62 -17.69 21.45 -1.39
C THR B 62 -17.25 22.87 -1.66
N ASP B 63 -17.29 23.75 -0.68
CA ASP B 63 -16.91 25.14 -0.93
C ASP B 63 -15.40 25.43 -0.94
N LEU B 64 -14.56 24.45 -0.73
CA LEU B 64 -13.13 24.62 -0.93
C LEU B 64 -12.50 25.53 0.10
N ASP B 65 -12.96 25.43 1.35
CA ASP B 65 -12.49 26.33 2.41
C ASP B 65 -11.64 25.64 3.47
N GLY B 66 -11.26 24.40 3.21
CA GLY B 66 -10.44 23.69 4.15
C GLY B 66 -11.23 22.86 5.12
N PHE B 67 -12.54 23.03 5.18
CA PHE B 67 -13.32 22.18 6.09
C PHE B 67 -14.32 21.29 5.37
N PRO B 68 -14.37 20.00 5.75
CA PRO B 68 -15.15 18.94 5.11
C PRO B 68 -16.65 19.13 5.28
N ASP B 69 -17.44 18.60 4.36
CA ASP B 69 -18.89 18.76 4.40
C ASP B 69 -19.53 18.00 5.55
N GLU B 70 -18.73 17.14 6.18
CA GLU B 70 -19.19 16.12 7.10
C GLU B 70 -18.03 15.74 7.98
N LYS B 71 -18.28 15.48 9.26
CA LYS B 71 -17.21 15.32 10.23
C LYS B 71 -16.32 14.09 9.98
N LEU B 72 -15.00 14.26 10.05
CA LEU B 72 -14.04 13.16 9.97
C LEU B 72 -13.63 12.79 11.40
N ARG B 73 -13.23 11.55 11.62
CA ARG B 73 -12.83 11.16 12.97
C ARG B 73 -11.33 11.26 13.14
N CYS B 74 -10.91 12.42 13.63
CA CYS B 74 -9.52 12.76 13.93
C CYS B 74 -9.52 14.11 14.62
N PRO B 75 -8.43 14.43 15.36
CA PRO B 75 -8.36 15.66 16.15
C PRO B 75 -8.32 17.02 15.40
N GLU B 76 -7.31 17.27 14.58
CA GLU B 76 -7.05 18.58 13.96
C GLU B 76 -8.31 19.29 13.43
N ARG B 77 -8.27 20.58 13.43
CA ARG B 77 -9.57 21.26 13.28
C ARG B 77 -10.27 20.78 12.02
N GLN B 78 -9.58 20.82 10.99
CA GLN B 78 -10.16 20.58 9.69
C GLN B 78 -10.62 19.15 9.51
N CYS B 79 -10.74 18.42 10.62
CA CYS B 79 -11.42 17.14 10.61
C CYS B 79 -12.87 17.28 10.98
N ARG B 80 -13.30 18.46 11.42
CA ARG B 80 -14.67 18.58 11.91
C ARG B 80 -15.55 19.32 10.94
N LYS B 81 -16.85 19.12 11.07
CA LYS B 81 -17.77 19.58 10.05
C LYS B 81 -17.69 21.07 9.83
N ASP B 82 -17.67 21.42 8.55
CA ASP B 82 -17.81 22.78 8.10
C ASP B 82 -19.10 23.30 8.68
N ASN B 83 -19.06 24.41 9.41
CA ASN B 83 -20.28 25.02 9.99
C ASN B 83 -21.05 25.96 9.04
N CYS B 84 -20.53 26.16 7.82
CA CYS B 84 -21.27 26.73 6.68
C CYS B 84 -21.01 25.92 5.40
N VAL B 85 -21.68 24.78 5.29
CA VAL B 85 -21.35 23.79 4.26
C VAL B 85 -21.05 24.35 2.87
N THR B 86 -21.90 25.25 2.40
CA THR B 86 -21.77 25.76 1.03
C THR B 86 -21.14 27.17 0.88
N VAL B 87 -20.96 27.92 1.97
CA VAL B 87 -20.32 29.25 1.92
C VAL B 87 -18.91 29.13 2.40
N PRO B 88 -17.93 29.32 1.51
CA PRO B 88 -16.58 29.20 2.02
C PRO B 88 -16.38 30.12 3.23
N ASN B 89 -16.22 29.53 4.42
CA ASN B 89 -15.83 30.33 5.57
C ASN B 89 -14.63 29.70 6.26
N SER B 90 -13.44 30.04 5.77
CA SER B 90 -12.19 29.36 6.18
C SER B 90 -11.78 29.64 7.62
N GLY B 91 -12.32 30.69 8.22
CA GLY B 91 -12.11 30.93 9.64
C GLY B 91 -13.09 30.19 10.52
N GLN B 92 -14.10 29.58 9.90
CA GLN B 92 -15.22 28.94 10.59
C GLN B 92 -15.81 29.71 11.82
N GLU B 93 -15.71 31.03 11.86
CA GLU B 93 -16.21 31.83 12.98
C GLU B 93 -17.71 31.59 13.36
N ASP B 94 -17.99 31.37 14.63
CA ASP B 94 -19.38 31.13 15.05
C ASP B 94 -19.65 31.89 16.35
N VAL B 95 -20.07 33.15 16.24
CA VAL B 95 -19.97 34.05 17.39
C VAL B 95 -20.80 33.63 18.57
N ASP B 96 -22.08 33.38 18.34
CA ASP B 96 -23.00 32.93 19.38
C ASP B 96 -22.85 31.44 19.56
N ARG B 97 -21.72 30.92 19.13
CA ARG B 97 -21.50 29.48 19.08
C ARG B 97 -22.76 28.61 19.03
N ASP B 98 -23.64 28.86 18.08
CA ASP B 98 -24.79 28.00 17.87
C ASP B 98 -24.54 26.87 16.84
N GLY B 99 -23.33 26.71 16.33
CA GLY B 99 -23.11 25.68 15.33
C GLY B 99 -23.38 26.10 13.89
N ILE B 100 -24.18 27.13 13.66
CA ILE B 100 -24.26 27.70 12.32
C ILE B 100 -23.16 28.77 12.23
N GLY B 101 -22.35 28.74 11.16
CA GLY B 101 -21.22 29.68 11.02
C GLY B 101 -21.72 31.08 10.78
N ASP B 102 -20.90 32.09 11.08
CA ASP B 102 -21.32 33.49 10.87
C ASP B 102 -21.74 33.70 9.42
N ALA B 103 -20.94 33.14 8.52
CA ALA B 103 -21.10 33.28 7.07
C ALA B 103 -22.47 32.95 6.57
N CYS B 104 -23.26 32.25 7.36
CA CYS B 104 -24.56 31.84 6.87
C CYS B 104 -25.57 31.57 7.98
N ASP B 105 -25.31 32.16 9.15
CA ASP B 105 -26.26 32.18 10.25
C ASP B 105 -27.17 33.40 10.06
N PRO B 106 -28.48 33.19 9.87
CA PRO B 106 -29.46 34.29 9.82
C PRO B 106 -29.37 35.30 11.00
N ASP B 107 -29.04 34.82 12.20
CA ASP B 107 -28.79 35.71 13.35
C ASP B 107 -27.40 35.47 13.95
N ALA B 108 -26.37 35.94 13.25
CA ALA B 108 -25.01 35.62 13.60
C ALA B 108 -24.64 35.62 15.11
N ASP B 109 -25.18 36.56 15.87
CA ASP B 109 -24.74 36.80 17.26
C ASP B 109 -25.84 36.46 18.26
N GLY B 110 -27.02 36.17 17.71
CA GLY B 110 -28.09 35.56 18.47
C GLY B 110 -28.73 36.51 19.43
N ASP B 111 -28.82 37.79 19.02
CA ASP B 111 -29.44 38.82 19.85
C ASP B 111 -30.85 39.01 19.40
N GLY B 112 -31.33 38.09 18.57
CA GLY B 112 -32.71 38.12 18.08
C GLY B 112 -32.97 39.15 17.00
N VAL B 113 -32.03 40.07 16.79
CA VAL B 113 -32.16 41.02 15.69
C VAL B 113 -31.44 40.37 14.52
N PRO B 114 -32.20 40.04 13.44
CA PRO B 114 -31.73 39.53 12.15
C PRO B 114 -30.62 40.37 11.60
N ASN B 115 -29.66 39.68 11.00
CA ASN B 115 -28.42 40.30 10.52
C ASN B 115 -28.65 41.63 9.79
N GLU B 116 -29.40 41.60 8.71
CA GLU B 116 -29.56 42.78 7.86
C GLU B 116 -30.38 43.90 8.49
N LYS B 117 -30.91 43.67 9.70
CA LYS B 117 -31.59 44.72 10.47
C LYS B 117 -30.85 45.01 11.78
N ASP B 118 -29.58 44.60 11.87
CA ASP B 118 -28.83 44.65 13.12
C ASP B 118 -27.59 45.56 12.94
N ASN B 119 -27.54 46.71 13.60
CA ASN B 119 -26.37 47.62 13.45
C ASN B 119 -25.10 47.16 14.14
N CYS B 120 -25.17 46.00 14.77
CA CYS B 120 -24.02 45.32 15.28
C CYS B 120 -24.31 43.86 15.08
N PRO B 121 -24.11 43.37 13.84
CA PRO B 121 -24.54 42.02 13.50
C PRO B 121 -23.69 40.97 14.19
N LEU B 122 -22.48 41.34 14.64
CA LEU B 122 -21.65 40.40 15.40
C LEU B 122 -21.51 40.63 16.91
N VAL B 123 -22.21 41.61 17.46
CA VAL B 123 -22.20 41.78 18.90
C VAL B 123 -23.63 42.04 19.32
N ARG B 124 -24.05 41.34 20.36
CA ARG B 124 -25.46 41.33 20.73
C ARG B 124 -25.77 42.72 21.22
N ASN B 125 -26.92 43.24 20.82
CA ASN B 125 -27.26 44.60 21.17
C ASN B 125 -28.72 44.83 20.84
N PRO B 126 -29.61 44.18 21.62
CA PRO B 126 -31.01 44.13 21.24
C PRO B 126 -31.60 45.53 21.26
N ASP B 127 -31.14 46.32 22.25
CA ASP B 127 -31.31 47.80 22.38
C ASP B 127 -31.10 48.53 21.04
N GLN B 128 -30.14 48.08 20.23
CA GLN B 128 -29.76 48.71 18.96
C GLN B 128 -29.46 50.17 19.03
N ARG B 129 -29.08 50.64 20.21
CA ARG B 129 -28.71 52.03 20.37
C ARG B 129 -27.60 52.47 19.37
N ASN B 130 -27.62 53.74 18.93
CA ASN B 130 -26.68 54.24 17.91
C ASN B 130 -26.66 55.76 17.85
N THR B 131 -25.82 56.39 18.66
CA THR B 131 -26.02 57.81 18.90
C THR B 131 -25.62 58.73 17.74
N ASP B 132 -24.58 58.41 16.97
CA ASP B 132 -24.15 59.28 15.87
C ASP B 132 -24.85 58.88 14.59
N GLU B 133 -25.66 57.82 14.68
CA GLU B 133 -26.49 57.37 13.57
C GLU B 133 -25.72 56.89 12.33
N ASP B 134 -24.48 56.43 12.47
CA ASP B 134 -23.79 55.76 11.34
C ASP B 134 -24.15 54.28 11.23
N LYS B 135 -23.50 53.55 10.34
CA LYS B 135 -23.83 52.14 10.12
C LYS B 135 -23.79 51.34 11.44
N TRP B 136 -22.93 51.75 12.36
CA TRP B 136 -22.64 50.92 13.54
C TRP B 136 -23.34 51.40 14.77
N GLY B 137 -24.03 50.47 15.42
CA GLY B 137 -24.55 50.69 16.75
C GLY B 137 -23.44 50.95 17.74
N ASP B 138 -23.83 51.54 18.89
CA ASP B 138 -22.90 51.90 19.95
C ASP B 138 -22.20 50.70 20.49
N ALA B 139 -22.82 49.53 20.36
CA ALA B 139 -22.28 48.30 20.88
C ALA B 139 -21.04 47.83 20.15
N CYS B 140 -20.58 48.59 19.19
CA CYS B 140 -19.48 48.10 18.38
C CYS B 140 -18.99 49.18 17.44
N ASP B 141 -19.21 50.43 17.82
CA ASP B 141 -18.74 51.59 17.10
C ASP B 141 -17.56 52.10 17.86
N ASN B 142 -16.37 51.98 17.29
CA ASN B 142 -15.16 52.50 17.92
C ASN B 142 -15.08 54.01 17.95
N CYS B 143 -16.22 54.67 17.84
CA CYS B 143 -16.31 56.13 17.83
C CYS B 143 -17.75 56.56 18.03
N ARG B 144 -18.33 56.16 19.15
CA ARG B 144 -19.78 56.26 19.38
C ARG B 144 -20.51 57.54 18.95
N SER B 145 -19.84 58.70 19.00
CA SER B 145 -20.53 59.98 18.86
C SER B 145 -20.13 60.77 17.64
N GLN B 146 -19.43 60.09 16.75
CA GLN B 146 -18.87 60.74 15.60
C GLN B 146 -18.92 59.74 14.50
N LYS B 147 -19.67 60.07 13.44
CA LYS B 147 -19.84 59.17 12.29
C LYS B 147 -18.51 58.75 11.70
N ASN B 148 -18.30 57.44 11.63
CA ASN B 148 -17.11 56.89 11.01
C ASN B 148 -17.36 55.47 10.51
N ASP B 149 -18.03 55.35 9.37
CA ASP B 149 -18.52 54.05 8.93
C ASP B 149 -17.41 53.07 8.63
N ASP B 150 -16.30 53.56 8.12
CA ASP B 150 -15.18 52.72 7.76
C ASP B 150 -14.47 52.25 9.01
N GLN B 151 -14.74 52.92 10.12
CA GLN B 151 -14.30 52.46 11.46
C GLN B 151 -12.78 52.29 11.59
N LYS B 152 -12.03 53.20 11.01
CA LYS B 152 -10.58 53.09 10.97
C LYS B 152 -9.95 53.38 12.34
N ASP B 153 -9.21 52.40 12.84
CA ASP B 153 -8.39 52.60 14.01
C ASP B 153 -6.93 52.24 13.71
N THR B 154 -6.19 53.22 13.17
CA THR B 154 -4.81 53.00 12.72
C THR B 154 -3.92 52.38 13.80
N ASP B 155 -4.02 52.84 15.04
CA ASP B 155 -3.17 52.26 16.05
C ASP B 155 -3.83 51.16 16.88
N GLN B 156 -4.95 50.63 16.40
CA GLN B 156 -5.64 49.51 17.05
C GLN B 156 -5.87 49.66 18.55
N ASP B 157 -5.96 50.89 19.05
CA ASP B 157 -6.10 51.11 20.47
C ASP B 157 -7.57 51.19 20.91
N GLY B 158 -8.49 51.00 19.97
CA GLY B 158 -9.91 51.05 20.29
C GLY B 158 -10.65 52.31 19.84
N ARG B 159 -10.01 53.47 20.00
CA ARG B 159 -10.55 54.73 19.52
C ARG B 159 -10.28 54.86 18.02
N GLY B 160 -11.32 54.86 17.21
CA GLY B 160 -11.20 55.05 15.74
C GLY B 160 -10.58 56.39 15.43
N ASP B 161 -10.04 56.55 14.21
CA ASP B 161 -9.33 57.78 13.83
C ASP B 161 -10.18 59.04 13.87
N ALA B 162 -11.47 58.89 13.62
CA ALA B 162 -12.43 59.97 13.64
C ALA B 162 -12.54 60.60 15.01
N CYS B 163 -11.86 59.99 15.99
CA CYS B 163 -12.00 60.31 17.41
C CYS B 163 -10.66 60.61 17.98
N ASP B 164 -9.74 59.71 17.68
CA ASP B 164 -8.46 59.61 18.31
C ASP B 164 -7.58 60.79 17.94
N ASP B 165 -7.13 61.56 18.92
CA ASP B 165 -6.28 62.67 18.56
C ASP B 165 -4.77 62.32 18.65
N ASP B 166 -4.48 61.03 18.69
CA ASP B 166 -3.11 60.56 18.47
C ASP B 166 -3.27 59.32 17.61
N ILE B 167 -3.74 59.54 16.38
CA ILE B 167 -4.21 58.45 15.55
C ILE B 167 -3.17 57.36 15.33
N ASP B 168 -1.89 57.71 15.50
CA ASP B 168 -0.76 56.80 15.23
C ASP B 168 -0.19 56.11 16.47
N GLY B 169 -0.61 56.56 17.66
CA GLY B 169 -0.18 55.92 18.88
C GLY B 169 1.08 56.49 19.46
N ASP B 170 1.94 57.07 18.62
CA ASP B 170 3.25 57.55 19.08
C ASP B 170 3.20 58.71 20.07
N ARG B 171 2.01 58.96 20.61
CA ARG B 171 1.76 59.95 21.67
C ARG B 171 2.35 61.36 21.48
N ILE B 172 2.21 61.86 20.26
CA ILE B 172 2.22 63.29 19.98
C ILE B 172 0.83 63.64 19.43
N ARG B 173 0.23 64.73 19.93
CA ARG B 173 -1.09 65.19 19.45
C ARG B 173 -1.12 65.16 17.93
N ASN B 174 -2.27 64.81 17.34
CA ASN B 174 -2.43 64.88 15.90
C ASN B 174 -1.93 66.18 15.34
N GLN B 175 -2.51 67.29 15.82
CA GLN B 175 -2.21 68.62 15.33
C GLN B 175 -0.72 68.94 15.36
N ALA B 176 -0.05 68.48 16.42
CA ALA B 176 1.36 68.80 16.64
C ALA B 176 2.36 67.77 16.08
N ASP B 177 1.85 66.67 15.53
CA ASP B 177 2.65 65.60 14.95
C ASP B 177 2.99 65.93 13.50
N ASN B 178 4.26 65.86 13.14
CA ASN B 178 4.66 66.11 11.75
C ASN B 178 4.61 64.85 10.88
N CYS B 179 3.88 63.84 11.35
CA CYS B 179 3.64 62.60 10.61
C CYS B 179 2.34 61.96 11.13
N PRO B 180 1.22 62.69 11.13
CA PRO B 180 0.14 62.37 12.04
C PRO B 180 -0.34 60.90 12.01
N ARG B 181 -0.16 60.24 10.88
CA ARG B 181 -0.65 58.88 10.73
C ARG B 181 0.47 57.84 10.64
N VAL B 182 1.68 58.22 11.06
CA VAL B 182 2.82 57.29 11.07
C VAL B 182 3.58 57.48 12.38
N PRO B 183 3.80 56.38 13.13
CA PRO B 183 4.41 56.63 14.44
C PRO B 183 5.86 57.14 14.30
N ASN B 184 6.03 58.45 14.37
CA ASN B 184 7.36 59.05 14.36
C ASN B 184 7.67 59.65 15.73
N SER B 185 7.88 58.75 16.68
CA SER B 185 8.08 59.10 18.08
C SER B 185 9.05 60.29 18.27
N ASP B 186 10.32 60.11 17.91
CA ASP B 186 11.34 61.17 18.04
C ASP B 186 11.02 62.47 17.26
N GLN B 187 10.22 62.35 16.20
CA GLN B 187 9.75 63.49 15.41
C GLN B 187 10.79 64.10 14.46
N LYS B 188 11.64 63.27 13.87
CA LYS B 188 12.75 63.77 13.07
C LYS B 188 12.33 64.45 11.76
N ASP B 189 12.98 65.56 11.45
CA ASP B 189 12.84 66.23 10.16
C ASP B 189 14.23 66.56 9.60
N SER B 190 14.73 65.65 8.75
CA SER B 190 16.06 65.75 8.16
C SER B 190 16.14 66.97 7.27
N ASP B 191 15.58 66.85 6.07
CA ASP B 191 15.58 67.94 5.11
C ASP B 191 14.75 69.11 5.63
N GLY B 192 14.17 68.94 6.82
CA GLY B 192 13.47 70.03 7.51
C GLY B 192 12.43 70.74 6.66
N ASP B 193 11.73 69.98 5.84
CA ASP B 193 10.68 70.55 5.01
C ASP B 193 9.34 70.61 5.75
N GLY B 194 9.30 70.14 6.98
CA GLY B 194 8.10 70.17 7.80
C GLY B 194 7.47 68.80 7.91
N ILE B 195 7.57 68.02 6.83
CA ILE B 195 7.10 66.65 6.86
C ILE B 195 8.18 65.80 7.54
N GLY B 196 7.76 65.05 8.56
CA GLY B 196 8.64 64.14 9.30
C GLY B 196 9.18 63.05 8.41
N ASP B 197 10.42 62.65 8.67
CA ASP B 197 11.13 61.72 7.78
C ASP B 197 10.46 60.36 7.75
N ALA B 198 9.98 59.92 8.90
CA ALA B 198 9.28 58.64 9.06
C ALA B 198 8.22 58.35 7.99
N CYS B 199 7.79 59.39 7.30
CA CYS B 199 6.64 59.30 6.44
C CYS B 199 6.74 60.30 5.30
N ASP B 200 7.97 60.75 5.00
CA ASP B 200 8.23 61.72 3.92
C ASP B 200 8.75 61.01 2.67
N ASN B 201 8.00 61.16 1.57
CA ASN B 201 8.26 60.46 0.30
C ASN B 201 9.55 60.90 -0.38
N CYS B 202 10.24 61.84 0.28
CA CYS B 202 11.56 62.37 -0.12
C CYS B 202 12.31 62.84 1.13
N PRO B 203 12.65 61.92 2.06
CA PRO B 203 13.07 62.30 3.41
C PRO B 203 14.35 63.08 3.35
N GLN B 204 14.82 63.31 2.13
CA GLN B 204 16.18 63.72 1.88
C GLN B 204 16.28 65.08 1.22
N LYS B 205 15.21 65.55 0.58
CA LYS B 205 15.27 66.85 -0.12
C LYS B 205 14.00 67.68 -0.04
N SER B 206 14.17 68.88 0.52
CA SER B 206 13.09 69.80 0.94
C SER B 206 11.89 69.82 -0.01
N ASN B 207 10.85 69.04 0.28
CA ASN B 207 9.68 69.06 -0.58
C ASN B 207 8.38 69.15 0.19
N PRO B 208 8.06 70.38 0.67
CA PRO B 208 6.87 70.62 1.49
C PRO B 208 5.63 69.97 0.91
N ASP B 209 5.32 70.31 -0.35
CA ASP B 209 4.12 69.86 -1.09
C ASP B 209 3.91 68.35 -1.18
N GLN B 210 5.00 67.59 -1.10
CA GLN B 210 4.95 66.12 -1.18
C GLN B 210 4.49 65.55 -2.54
N ALA B 211 4.48 66.43 -3.56
CA ALA B 211 4.11 66.10 -4.95
C ALA B 211 4.65 64.75 -5.42
N ASP B 212 3.74 63.91 -5.92
CA ASP B 212 4.00 62.50 -6.19
C ASP B 212 3.35 62.16 -7.52
N VAL B 213 3.83 62.78 -8.61
CA VAL B 213 3.15 62.73 -9.92
C VAL B 213 2.63 61.34 -10.39
N ASP B 214 3.50 60.34 -10.54
CA ASP B 214 3.03 58.97 -10.86
C ASP B 214 2.37 58.23 -9.68
N HIS B 215 2.41 58.81 -8.49
CA HIS B 215 1.85 58.17 -7.28
C HIS B 215 2.51 56.85 -7.09
N ASP B 216 3.84 56.86 -7.14
CA ASP B 216 4.64 55.67 -6.88
C ASP B 216 5.19 55.73 -5.46
N PHE B 217 4.98 56.88 -4.81
CA PHE B 217 5.43 57.16 -3.42
C PHE B 217 6.89 57.64 -3.25
N VAL B 218 7.66 57.66 -4.33
CA VAL B 218 8.84 58.49 -4.39
C VAL B 218 8.33 59.85 -4.89
N GLY B 219 8.49 60.88 -4.06
CA GLY B 219 8.12 62.23 -4.45
C GLY B 219 8.75 62.73 -5.74
N ASP B 220 8.24 63.87 -6.20
CA ASP B 220 8.66 64.49 -7.44
C ASP B 220 10.13 64.94 -7.38
N ALA B 221 10.52 65.46 -6.21
CA ALA B 221 11.89 65.90 -5.97
C ALA B 221 12.93 64.82 -6.23
N CYS B 222 12.49 63.58 -6.31
CA CYS B 222 13.37 62.41 -6.23
C CYS B 222 13.11 61.40 -7.34
N ASP B 223 11.89 61.36 -7.85
CA ASP B 223 11.53 60.34 -8.81
C ASP B 223 12.43 60.37 -10.03
N SER B 224 13.24 59.32 -10.18
CA SER B 224 14.12 59.20 -11.33
C SER B 224 13.51 58.29 -12.38
N ASP B 225 12.40 57.65 -12.04
CA ASP B 225 11.80 56.64 -12.91
C ASP B 225 12.82 55.64 -13.44
N GLN B 226 13.95 55.55 -12.76
CA GLN B 226 15.01 54.65 -13.14
C GLN B 226 15.01 53.43 -12.25
N ASP B 227 14.59 52.30 -12.82
CA ASP B 227 14.62 51.01 -12.15
C ASP B 227 15.40 49.98 -12.98
N GLN B 228 16.73 50.11 -12.88
CA GLN B 228 17.69 49.30 -13.62
C GLN B 228 17.36 47.79 -13.63
N ASP B 229 16.99 47.23 -12.48
CA ASP B 229 16.61 45.80 -12.39
C ASP B 229 15.11 45.52 -12.52
N GLY B 230 14.31 46.58 -12.72
CA GLY B 230 12.85 46.50 -12.89
C GLY B 230 12.12 45.77 -11.77
N ASP B 231 12.67 45.80 -10.57
CA ASP B 231 12.10 45.03 -9.47
C ASP B 231 11.04 45.80 -8.67
N GLY B 232 10.88 47.07 -8.98
CA GLY B 232 9.88 47.89 -8.34
C GLY B 232 10.51 49.03 -7.59
N HIS B 233 11.76 48.87 -7.19
CA HIS B 233 12.42 49.93 -6.44
C HIS B 233 13.38 50.80 -7.29
N GLN B 234 13.07 52.09 -7.34
CA GLN B 234 13.92 53.10 -7.96
C GLN B 234 15.31 52.89 -7.40
N ASP B 235 16.31 52.92 -8.27
CA ASP B 235 17.70 52.68 -7.89
C ASP B 235 18.16 53.55 -6.71
N SER B 236 17.74 54.81 -6.69
CA SER B 236 17.93 55.72 -5.54
C SER B 236 17.56 55.06 -4.22
N ARG B 237 16.65 54.10 -4.29
CA ARG B 237 16.05 53.48 -3.11
C ARG B 237 16.14 51.95 -3.14
N ASP B 238 16.90 51.39 -4.06
CA ASP B 238 17.05 49.95 -4.13
C ASP B 238 18.18 49.58 -3.20
N ASN B 239 17.96 48.67 -2.26
CA ASN B 239 19.02 48.25 -1.32
C ASN B 239 20.04 47.29 -1.97
N CYS B 240 19.91 47.14 -3.29
CA CYS B 240 20.58 46.11 -4.06
C CYS B 240 20.18 46.41 -5.54
N PRO B 241 20.66 47.56 -6.10
CA PRO B 241 20.12 48.14 -7.34
C PRO B 241 20.19 47.32 -8.64
N THR B 242 20.98 46.25 -8.64
CA THR B 242 21.13 45.44 -9.85
C THR B 242 20.41 44.12 -9.83
N VAL B 243 20.44 43.45 -8.69
CA VAL B 243 19.74 42.18 -8.58
C VAL B 243 18.24 42.44 -8.25
N PRO B 244 17.34 41.76 -8.95
CA PRO B 244 15.94 42.00 -8.69
C PRO B 244 15.57 41.44 -7.34
N ASN B 245 15.14 42.30 -6.41
CA ASN B 245 14.80 41.86 -5.05
C ASN B 245 13.73 42.70 -4.35
N SER B 246 12.48 42.53 -4.80
CA SER B 246 11.31 43.27 -4.29
C SER B 246 11.12 43.13 -2.78
N ALA B 247 11.53 41.99 -2.24
CA ALA B 247 11.47 41.75 -0.80
C ALA B 247 12.47 42.62 0.00
N GLN B 248 13.58 42.99 -0.63
CA GLN B 248 14.53 43.96 -0.06
C GLN B 248 15.10 43.60 1.32
N GLU B 249 15.31 42.31 1.57
CA GLU B 249 15.94 41.81 2.81
C GLU B 249 17.35 42.37 3.04
N ASP B 250 17.76 42.37 4.30
CA ASP B 250 18.95 43.06 4.74
C ASP B 250 19.21 42.63 6.18
N SER B 251 19.37 41.31 6.39
CA SER B 251 19.59 40.76 7.73
C SER B 251 20.50 41.66 8.56
N ASP B 252 21.69 41.91 8.04
CA ASP B 252 22.72 42.71 8.69
C ASP B 252 22.26 44.14 9.01
N HIS B 253 21.25 44.62 8.29
CA HIS B 253 20.76 46.00 8.41
C HIS B 253 21.85 47.03 8.06
N ASP B 254 22.80 46.60 7.23
CA ASP B 254 23.91 47.44 6.76
C ASP B 254 23.54 48.26 5.51
N GLY B 255 22.52 47.80 4.79
CA GLY B 255 22.04 48.53 3.61
C GLY B 255 22.19 47.70 2.36
N GLN B 256 22.90 46.57 2.47
CA GLN B 256 23.17 45.72 1.32
C GLN B 256 22.18 44.59 1.22
N GLY B 257 21.42 44.58 0.14
CA GLY B 257 20.46 43.52 -0.15
C GLY B 257 21.05 42.12 -0.10
N ASP B 258 20.43 41.27 0.71
CA ASP B 258 20.88 39.89 0.91
C ASP B 258 21.25 39.17 -0.38
N ALA B 259 20.32 39.14 -1.33
CA ALA B 259 20.48 38.41 -2.58
C ALA B 259 21.63 38.95 -3.46
N CYS B 260 22.38 39.93 -2.94
CA CYS B 260 23.67 40.39 -3.51
C CYS B 260 24.69 40.76 -2.40
N ASP B 261 24.77 39.88 -1.40
CA ASP B 261 25.38 40.15 -0.09
C ASP B 261 26.12 38.89 0.33
N ASP B 262 27.43 38.90 0.16
CA ASP B 262 28.26 37.70 0.29
C ASP B 262 28.53 37.34 1.74
N ASP B 263 28.16 38.28 2.61
CA ASP B 263 28.20 38.14 4.05
C ASP B 263 26.79 38.34 4.55
N ASP B 264 25.96 37.31 4.41
CA ASP B 264 24.49 37.41 4.63
C ASP B 264 24.06 38.04 5.97
N ASP B 265 24.73 37.60 7.04
CA ASP B 265 24.62 38.14 8.39
C ASP B 265 26.01 38.61 8.80
N ASN B 266 26.12 39.90 9.15
CA ASN B 266 27.43 40.53 9.34
C ASN B 266 28.42 39.92 10.36
N ASP B 267 28.80 38.66 10.14
CA ASP B 267 29.83 38.00 10.95
C ASP B 267 31.20 37.88 10.27
N GLY B 268 31.24 37.42 9.02
CA GLY B 268 32.51 37.27 8.29
C GLY B 268 32.52 36.08 7.35
N VAL B 269 32.01 34.94 7.83
CA VAL B 269 31.92 33.66 7.10
C VAL B 269 31.05 33.68 5.80
N PRO B 270 31.62 33.24 4.65
CA PRO B 270 30.93 33.33 3.35
C PRO B 270 29.68 32.48 3.37
N ASP B 271 28.67 32.83 2.59
CA ASP B 271 27.48 31.94 2.61
C ASP B 271 27.51 30.81 1.56
N SER B 272 28.65 30.67 0.89
CA SER B 272 28.93 29.51 0.07
C SER B 272 29.20 28.35 1.03
N ARG B 273 30.09 28.61 1.98
CA ARG B 273 30.33 27.73 3.15
C ARG B 273 30.06 28.44 4.49
N ASP B 274 28.81 28.83 4.71
CA ASP B 274 28.33 29.30 6.02
C ASP B 274 27.19 28.40 6.44
N ASN B 275 27.50 27.34 7.18
CA ASN B 275 26.49 26.40 7.65
C ASN B 275 25.21 27.11 8.01
N CYS B 276 25.36 28.23 8.72
CA CYS B 276 24.27 29.11 9.08
C CYS B 276 24.30 30.37 8.27
N ARG B 277 23.61 30.26 7.13
CA ARG B 277 23.48 31.31 6.13
C ARG B 277 23.01 32.66 6.69
N LEU B 278 22.01 32.64 7.58
CA LEU B 278 21.32 33.88 8.01
C LEU B 278 21.54 34.30 9.49
N VAL B 279 21.57 33.33 10.40
CA VAL B 279 21.95 33.59 11.79
C VAL B 279 23.48 33.59 11.93
N PRO B 280 24.03 34.61 12.64
CA PRO B 280 25.48 34.71 12.83
C PRO B 280 26.06 33.53 13.61
N ASN B 281 27.24 33.06 13.18
CA ASN B 281 27.99 32.03 13.91
C ASN B 281 29.40 31.82 13.37
N PRO B 282 30.39 32.51 14.00
CA PRO B 282 31.78 32.31 13.56
C PRO B 282 32.24 30.88 13.83
N GLY B 283 31.59 30.23 14.79
CA GLY B 283 31.94 28.87 15.20
C GLY B 283 31.45 27.77 14.28
N GLN B 284 30.46 28.06 13.48
CA GLN B 284 30.06 27.19 12.36
C GLN B 284 29.61 25.75 12.67
N GLU B 285 29.76 25.31 13.91
CA GLU B 285 29.70 23.88 14.25
C GLU B 285 28.37 23.18 13.92
N ASP B 286 28.48 21.96 13.44
CA ASP B 286 27.34 21.10 13.11
C ASP B 286 27.56 19.69 13.67
N ALA B 287 27.28 19.55 14.97
CA ALA B 287 27.52 18.29 15.68
C ALA B 287 26.73 17.11 15.10
N ASP B 288 25.44 17.30 14.82
CA ASP B 288 24.61 16.23 14.27
C ASP B 288 24.91 15.94 12.78
N ARG B 289 25.67 16.85 12.15
CA ARG B 289 26.46 16.51 10.98
C ARG B 289 25.68 16.27 9.65
N ASP B 290 24.71 17.12 9.34
CA ASP B 290 24.04 17.09 8.03
C ASP B 290 24.05 18.44 7.28
N GLY B 291 25.25 19.01 7.16
CA GLY B 291 25.48 20.24 6.40
C GLY B 291 25.04 21.49 7.13
N VAL B 292 23.73 21.65 7.25
CA VAL B 292 23.13 22.75 8.02
C VAL B 292 23.69 22.74 9.43
N GLY B 293 24.25 23.86 9.86
CA GLY B 293 24.81 23.98 11.22
C GLY B 293 23.79 23.84 12.32
N ASP B 294 24.27 23.88 13.56
CA ASP B 294 23.40 23.74 14.75
C ASP B 294 22.61 25.02 15.07
N VAL B 295 23.31 26.16 14.99
CA VAL B 295 22.80 27.46 15.39
C VAL B 295 21.53 27.88 14.63
N CYS B 296 21.11 27.10 13.64
CA CYS B 296 19.87 27.39 12.88
C CYS B 296 19.22 26.16 12.17
N GLN B 297 18.89 25.16 12.99
CA GLN B 297 18.45 23.84 12.54
C GLN B 297 17.11 23.84 11.87
N ASP B 298 16.04 24.08 12.64
CA ASP B 298 14.69 24.11 12.08
C ASP B 298 14.22 25.53 11.81
N ASP B 299 15.14 26.48 11.89
CA ASP B 299 14.80 27.87 11.76
C ASP B 299 15.91 28.60 11.03
N PHE B 300 15.92 28.41 9.72
CA PHE B 300 16.91 28.99 8.79
C PHE B 300 17.11 30.50 8.99
N ASP B 301 16.13 31.18 9.60
CA ASP B 301 16.12 32.65 9.66
C ASP B 301 16.01 33.19 11.09
N ALA B 302 15.98 32.28 12.05
CA ALA B 302 15.93 32.59 13.48
C ALA B 302 14.70 33.43 13.87
N ASP B 303 13.61 33.25 13.12
CA ASP B 303 12.36 34.00 13.36
C ASP B 303 11.38 33.27 14.26
N LYS B 304 11.86 32.31 15.03
CA LYS B 304 11.04 31.56 15.96
C LYS B 304 9.94 30.75 15.24
N VAL B 305 9.99 30.71 13.91
CA VAL B 305 9.01 29.91 13.13
C VAL B 305 9.69 28.79 12.33
N VAL B 306 9.20 27.57 12.54
CA VAL B 306 9.85 26.34 12.04
C VAL B 306 9.89 26.30 10.52
N ASP B 307 11.04 25.89 9.97
CA ASP B 307 11.23 25.65 8.54
C ASP B 307 10.05 24.87 7.98
N LYS B 308 9.69 23.81 8.72
CA LYS B 308 8.56 22.96 8.38
C LYS B 308 7.33 23.79 8.04
N ILE B 309 7.10 24.89 8.79
CA ILE B 309 5.79 25.59 8.81
C ILE B 309 5.89 27.07 8.43
N ASP B 310 7.12 27.57 8.30
CA ASP B 310 7.39 28.94 7.92
C ASP B 310 7.13 29.13 6.42
N VAL B 311 6.03 29.79 6.10
CA VAL B 311 5.71 30.20 4.73
C VAL B 311 6.92 30.70 3.91
N CYS B 312 7.94 31.24 4.59
CA CYS B 312 9.18 31.72 3.96
C CYS B 312 10.40 31.51 4.83
N PRO B 313 10.95 30.27 4.85
CA PRO B 313 11.98 29.96 5.85
C PRO B 313 13.24 30.77 5.55
N GLU B 314 13.26 31.35 4.37
CA GLU B 314 14.36 32.17 3.95
C GLU B 314 14.26 33.56 4.56
N ASN B 315 13.03 34.04 4.74
CA ASN B 315 12.82 35.43 5.23
C ASN B 315 12.61 35.65 6.74
N ALA B 316 13.57 36.37 7.33
CA ALA B 316 13.59 36.78 8.74
C ALA B 316 12.21 37.01 9.27
N GLU B 317 11.56 38.09 8.83
CA GLU B 317 10.20 38.40 9.28
C GLU B 317 9.12 38.45 8.17
N VAL B 318 8.92 37.29 7.55
CA VAL B 318 7.67 36.98 6.93
C VAL B 318 7.34 35.60 7.45
N THR B 319 6.25 35.49 8.17
CA THR B 319 6.07 34.31 8.93
C THR B 319 4.95 33.42 8.36
N LEU B 320 3.71 33.92 8.30
CA LEU B 320 2.61 33.11 7.74
C LEU B 320 1.85 33.88 6.68
N THR B 321 0.98 33.20 5.92
CA THR B 321 0.06 33.93 5.05
C THR B 321 -0.75 34.84 5.93
N ASP B 322 -0.56 36.15 5.80
CA ASP B 322 -1.34 37.06 6.61
C ASP B 322 -1.68 38.34 5.91
N PHE B 323 -2.92 38.46 5.45
CA PHE B 323 -3.34 39.66 4.72
C PHE B 323 -3.94 40.73 5.58
N ARG B 324 -3.93 40.54 6.90
CA ARG B 324 -4.63 41.44 7.85
C ARG B 324 -4.25 42.91 7.74
N ALA B 325 -2.96 43.18 7.55
CA ALA B 325 -2.47 44.51 7.28
C ALA B 325 -2.36 44.71 5.77
N PHE B 326 -3.27 45.48 5.18
CA PHE B 326 -3.21 45.65 3.71
C PHE B 326 -3.30 47.08 3.18
N GLN B 327 -2.59 47.33 2.10
CA GLN B 327 -2.71 48.57 1.35
C GLN B 327 -4.00 48.46 0.60
N THR B 328 -4.59 49.61 0.32
CA THR B 328 -5.89 49.63 -0.32
C THR B 328 -5.92 50.68 -1.42
N VAL B 329 -5.74 50.23 -2.67
CA VAL B 329 -5.59 51.07 -3.86
C VAL B 329 -6.91 51.25 -4.58
N VAL B 330 -7.20 52.50 -4.98
CA VAL B 330 -8.39 52.78 -5.77
C VAL B 330 -8.01 53.06 -7.19
N LEU B 331 -8.52 52.24 -8.10
CA LEU B 331 -8.17 52.38 -9.50
C LEU B 331 -8.90 53.52 -10.19
N ASP B 332 -10.08 53.90 -9.70
CA ASP B 332 -10.79 55.04 -10.30
C ASP B 332 -11.10 56.17 -9.31
N PRO B 333 -10.18 57.14 -9.20
CA PRO B 333 -10.26 58.28 -8.28
C PRO B 333 -11.43 59.25 -8.56
N GLU B 334 -11.74 59.47 -9.85
CA GLU B 334 -12.98 60.19 -10.21
C GLU B 334 -14.25 59.42 -9.79
N GLY B 335 -14.02 58.31 -9.08
CA GLY B 335 -15.01 57.27 -8.76
C GLY B 335 -16.42 57.39 -9.31
N ASP B 336 -16.66 56.85 -10.52
CA ASP B 336 -18.04 56.76 -11.10
C ASP B 336 -19.10 56.32 -10.06
N ALA B 337 -19.02 55.06 -9.61
CA ALA B 337 -19.89 54.55 -8.54
C ALA B 337 -19.88 55.42 -7.27
N GLN B 338 -18.81 56.19 -7.05
CA GLN B 338 -18.59 56.95 -5.83
C GLN B 338 -18.72 56.02 -4.65
N ILE B 339 -18.59 54.70 -4.91
CA ILE B 339 -18.54 53.72 -3.82
C ILE B 339 -17.18 53.06 -3.83
N ASP B 340 -16.48 53.18 -2.71
CA ASP B 340 -15.24 52.48 -2.51
C ASP B 340 -15.57 51.06 -2.08
N PRO B 341 -14.74 50.10 -2.51
CA PRO B 341 -14.87 48.73 -2.06
C PRO B 341 -14.80 48.69 -0.55
N ASN B 342 -15.59 47.82 0.05
CA ASN B 342 -15.47 47.57 1.45
C ASN B 342 -14.82 46.22 1.66
N TRP B 343 -13.59 46.26 2.15
CA TRP B 343 -12.78 45.06 2.38
C TRP B 343 -12.94 44.59 3.80
N VAL B 344 -13.07 43.28 4.04
CA VAL B 344 -13.13 42.73 5.41
C VAL B 344 -12.14 41.58 5.48
N VAL B 345 -11.31 41.49 6.50
CA VAL B 345 -10.37 40.36 6.53
C VAL B 345 -10.68 39.33 7.60
N LEU B 346 -10.95 38.09 7.21
CA LEU B 346 -11.25 37.01 8.19
C LEU B 346 -10.19 35.94 8.22
N ASN B 347 -10.38 34.98 9.14
CA ASN B 347 -9.55 33.78 9.25
C ASN B 347 -8.13 34.25 9.46
N GLN B 348 -8.03 35.46 9.96
CA GLN B 348 -6.76 36.04 10.44
C GLN B 348 -5.71 36.20 9.36
N GLY B 349 -6.12 36.90 8.31
CA GLY B 349 -5.27 37.19 7.19
C GLY B 349 -5.25 36.05 6.18
N ARG B 350 -6.20 35.13 6.26
CA ARG B 350 -6.21 34.12 5.24
C ARG B 350 -7.51 34.10 4.50
N GLU B 351 -8.37 35.08 4.77
CA GLU B 351 -9.62 35.17 4.04
C GLU B 351 -10.02 36.61 3.86
N ILE B 352 -10.35 37.01 2.64
CA ILE B 352 -10.82 38.37 2.41
C ILE B 352 -12.17 38.36 1.74
N VAL B 353 -13.02 39.30 2.15
CA VAL B 353 -14.33 39.44 1.55
C VAL B 353 -14.60 40.94 1.28
N GLN B 354 -15.20 41.24 0.14
CA GLN B 354 -15.49 42.61 -0.25
C GLN B 354 -17.00 42.64 -0.48
N THR B 355 -17.71 43.63 0.07
CA THR B 355 -19.18 43.58 0.12
C THR B 355 -19.92 44.59 -0.75
N MET B 356 -19.24 45.63 -1.19
CA MET B 356 -19.84 46.67 -2.01
C MET B 356 -19.86 46.40 -3.51
N ASN B 357 -20.90 46.90 -4.18
CA ASN B 357 -20.88 46.95 -5.63
C ASN B 357 -20.22 48.25 -6.04
N SER B 358 -18.90 48.22 -6.16
CA SER B 358 -18.08 49.43 -6.11
C SER B 358 -17.30 49.75 -7.37
N ASP B 359 -16.63 50.91 -7.34
CA ASP B 359 -15.58 51.29 -8.26
C ASP B 359 -14.47 50.29 -8.11
N PRO B 360 -13.58 50.19 -9.12
CA PRO B 360 -12.54 49.15 -9.09
C PRO B 360 -11.49 49.48 -8.05
N GLY B 361 -10.95 48.45 -7.41
CA GLY B 361 -10.06 48.63 -6.25
C GLY B 361 -9.23 47.42 -5.88
N LEU B 362 -8.14 47.63 -5.15
CA LEU B 362 -7.29 46.53 -4.78
C LEU B 362 -7.14 46.48 -3.28
N ALA B 363 -7.08 45.28 -2.72
CA ALA B 363 -6.53 45.12 -1.40
C ALA B 363 -5.19 44.41 -1.62
N VAL B 364 -4.09 45.07 -1.25
CA VAL B 364 -2.76 44.53 -1.48
C VAL B 364 -1.98 44.33 -0.18
N GLY B 365 -1.61 43.09 0.12
CA GLY B 365 -0.85 42.79 1.30
C GLY B 365 0.52 43.41 1.20
N TYR B 366 1.09 43.76 2.35
CA TYR B 366 2.35 44.49 2.36
C TYR B 366 3.59 43.71 1.96
N THR B 367 3.64 42.39 2.18
CA THR B 367 4.88 41.66 1.93
C THR B 367 5.14 41.41 0.43
N ALA B 368 6.35 41.77 0.01
CA ALA B 368 6.77 41.77 -1.39
C ALA B 368 7.53 40.52 -1.69
N PHE B 369 7.28 39.92 -2.83
CA PHE B 369 7.98 38.72 -3.21
C PHE B 369 8.72 38.94 -4.52
N ASN B 370 9.55 37.96 -4.86
CA ASN B 370 10.09 37.85 -6.21
C ASN B 370 10.41 36.39 -6.58
N GLY B 371 9.34 35.60 -6.55
CA GLY B 371 9.39 34.17 -6.76
C GLY B 371 8.41 33.66 -5.74
N VAL B 372 7.18 33.45 -6.19
CA VAL B 372 6.05 33.19 -5.30
C VAL B 372 5.09 32.11 -5.80
N ASP B 373 4.54 31.36 -4.85
CA ASP B 373 3.46 30.41 -5.11
C ASP B 373 2.20 30.75 -4.28
N PHE B 374 1.23 31.39 -4.93
CA PHE B 374 0.09 31.99 -4.25
C PHE B 374 -1.20 31.33 -4.73
N GLU B 375 -2.07 30.95 -3.78
CA GLU B 375 -3.31 30.24 -4.10
C GLU B 375 -4.49 30.50 -3.16
N GLY B 376 -5.71 30.45 -3.72
CA GLY B 376 -6.91 30.77 -2.97
C GLY B 376 -8.20 30.26 -3.60
N THR B 377 -9.24 30.21 -2.79
CA THR B 377 -10.55 29.81 -3.25
C THR B 377 -11.40 31.04 -3.57
N PHE B 378 -11.65 31.23 -4.87
CA PHE B 378 -12.47 32.33 -5.33
C PHE B 378 -13.94 31.93 -5.37
N HIS B 379 -14.80 32.71 -4.71
CA HIS B 379 -16.23 32.40 -4.57
C HIS B 379 -17.10 33.66 -4.48
N VAL B 380 -18.06 33.84 -5.40
CA VAL B 380 -18.99 34.98 -5.30
C VAL B 380 -20.35 34.59 -4.71
N ASN B 381 -20.53 35.00 -3.45
CA ASN B 381 -21.64 34.59 -2.63
C ASN B 381 -22.89 35.46 -2.85
N THR B 382 -23.48 35.34 -4.02
CA THR B 382 -24.72 36.04 -4.36
C THR B 382 -25.05 35.74 -5.80
N VAL B 383 -26.34 35.76 -6.13
CA VAL B 383 -26.71 35.72 -7.52
C VAL B 383 -26.49 37.09 -8.14
N THR B 384 -26.89 38.16 -7.44
CA THR B 384 -26.97 39.52 -8.04
C THR B 384 -25.65 40.01 -8.64
N ASP B 385 -25.76 40.62 -9.82
CA ASP B 385 -24.64 41.10 -10.63
C ASP B 385 -23.90 39.98 -11.36
N ASP B 386 -22.82 40.35 -12.05
CA ASP B 386 -22.12 39.46 -12.96
C ASP B 386 -20.85 40.15 -13.44
N ASP B 387 -20.18 40.84 -12.54
CA ASP B 387 -18.99 41.57 -12.94
C ASP B 387 -17.68 40.92 -12.50
N TYR B 388 -16.67 41.76 -12.25
CA TYR B 388 -15.29 41.33 -12.14
C TYR B 388 -14.79 41.00 -10.73
N ALA B 389 -14.15 39.83 -10.62
CA ALA B 389 -13.29 39.50 -9.49
C ALA B 389 -11.89 38.93 -9.93
N GLY B 390 -10.88 39.04 -9.08
CA GLY B 390 -9.57 38.52 -9.43
C GLY B 390 -8.59 38.50 -8.27
N PHE B 391 -7.33 38.27 -8.61
CA PHE B 391 -6.23 38.47 -7.69
C PHE B 391 -5.08 39.14 -8.42
N ILE B 392 -4.07 39.50 -7.64
CA ILE B 392 -3.04 40.41 -8.07
C ILE B 392 -1.68 39.96 -7.60
N PHE B 393 -0.71 40.03 -8.52
CA PHE B 393 0.68 39.73 -8.17
C PHE B 393 1.65 40.66 -8.89
N GLY B 394 2.87 40.73 -8.35
CA GLY B 394 3.92 41.62 -8.87
C GLY B 394 3.46 43.06 -8.77
N TYR B 395 2.76 43.35 -7.68
CA TYR B 395 2.29 44.69 -7.46
C TYR B 395 3.49 45.50 -7.03
N GLN B 396 3.78 46.53 -7.80
CA GLN B 396 4.85 47.45 -7.48
C GLN B 396 4.30 48.84 -7.18
N ASP B 397 3.18 49.16 -7.84
CA ASP B 397 2.56 50.47 -7.72
C ASP B 397 1.21 50.46 -8.43
N SER B 398 0.39 51.46 -8.13
CA SER B 398 -0.96 51.58 -8.68
C SER B 398 -1.07 51.54 -10.22
N SER B 399 0.06 51.57 -10.92
CA SER B 399 0.09 51.49 -12.38
C SER B 399 0.89 50.29 -12.93
N SER B 400 1.50 49.50 -12.04
CA SER B 400 2.40 48.41 -12.43
C SER B 400 2.13 47.13 -11.65
N PHE B 401 1.33 46.22 -12.20
CA PHE B 401 1.02 44.93 -11.54
C PHE B 401 0.45 43.90 -12.51
N TYR B 402 0.41 42.64 -12.08
CA TYR B 402 -0.31 41.63 -12.86
C TYR B 402 -1.68 41.37 -12.23
N VAL B 403 -2.68 41.01 -13.05
CA VAL B 403 -4.04 40.72 -12.58
C VAL B 403 -4.58 39.49 -13.25
N VAL B 404 -5.26 38.67 -12.47
CA VAL B 404 -6.15 37.69 -13.06
C VAL B 404 -7.56 38.23 -12.79
N MET B 405 -8.37 38.34 -13.85
CA MET B 405 -9.78 38.74 -13.65
C MET B 405 -10.71 37.64 -14.05
N TRP B 406 -11.96 37.74 -13.63
CA TRP B 406 -12.95 36.84 -14.11
C TRP B 406 -14.31 37.50 -14.00
N LYS B 407 -14.87 37.81 -15.16
CA LYS B 407 -16.21 38.33 -15.21
C LYS B 407 -17.16 37.13 -15.42
N GLN B 408 -18.40 37.26 -14.97
CA GLN B 408 -19.43 36.25 -15.22
C GLN B 408 -20.08 36.44 -16.59
N MET B 409 -20.33 37.69 -16.99
CA MET B 409 -21.13 37.93 -18.19
C MET B 409 -20.55 38.94 -19.14
N GLU B 410 -20.69 38.67 -20.44
CA GLU B 410 -20.35 39.63 -21.48
C GLU B 410 -21.04 40.97 -21.26
N GLN B 411 -20.28 42.06 -21.32
CA GLN B 411 -20.84 43.37 -21.03
C GLN B 411 -19.89 44.49 -21.43
N THR B 412 -20.37 45.36 -22.31
CA THR B 412 -19.72 46.61 -22.63
C THR B 412 -19.97 47.54 -21.45
N TYR B 413 -18.90 47.96 -20.79
CA TYR B 413 -18.98 48.93 -19.69
C TYR B 413 -19.90 50.10 -20.08
N TRP B 414 -20.69 50.61 -19.13
CA TRP B 414 -21.73 51.59 -19.49
C TRP B 414 -21.14 52.95 -19.77
N GLN B 415 -19.87 53.14 -19.40
CA GLN B 415 -19.14 54.37 -19.77
C GLN B 415 -18.34 54.18 -21.06
N ALA B 416 -18.93 54.63 -22.17
CA ALA B 416 -18.35 54.45 -23.50
C ALA B 416 -17.21 55.44 -23.67
N ASN B 417 -17.12 56.38 -22.74
CA ASN B 417 -15.98 57.27 -22.68
C ASN B 417 -15.04 56.83 -21.54
N PRO B 418 -13.71 56.93 -21.73
CA PRO B 418 -12.86 57.43 -22.83
C PRO B 418 -12.76 56.56 -24.08
N PHE B 419 -13.13 55.28 -23.98
CA PHE B 419 -13.20 54.39 -25.14
C PHE B 419 -14.12 53.23 -24.84
N ARG B 420 -14.74 52.65 -25.87
CA ARG B 420 -15.80 51.66 -25.68
C ARG B 420 -15.23 50.30 -25.26
N ALA B 421 -15.07 50.08 -23.97
CA ALA B 421 -14.41 48.89 -23.45
C ALA B 421 -15.38 47.75 -23.25
N VAL B 422 -15.15 46.62 -23.90
CA VAL B 422 -16.07 45.49 -23.77
C VAL B 422 -15.38 44.30 -23.10
N ALA B 423 -16.13 43.62 -22.24
CA ALA B 423 -15.60 42.54 -21.41
C ALA B 423 -16.22 41.21 -21.79
N GLU B 424 -15.37 40.23 -21.99
CA GLU B 424 -15.79 38.87 -22.29
C GLU B 424 -15.89 38.15 -20.96
N PRO B 425 -16.62 37.03 -20.88
CA PRO B 425 -16.44 36.25 -19.64
C PRO B 425 -15.22 35.36 -19.83
N GLY B 426 -14.76 34.69 -18.79
CA GLY B 426 -13.65 33.74 -19.05
C GLY B 426 -12.29 34.31 -18.71
N ILE B 427 -11.60 33.60 -17.81
CA ILE B 427 -10.48 34.15 -17.06
C ILE B 427 -9.48 34.87 -17.95
N GLN B 428 -9.05 36.06 -17.53
CA GLN B 428 -7.98 36.75 -18.23
C GLN B 428 -6.76 36.90 -17.34
N LEU B 429 -5.58 36.81 -17.97
CA LEU B 429 -4.34 37.19 -17.33
C LEU B 429 -3.89 38.46 -17.99
N LYS B 430 -3.74 39.52 -17.19
CA LYS B 430 -3.34 40.82 -17.74
C LYS B 430 -2.12 41.38 -17.03
N ALA B 431 -1.27 42.04 -17.79
CA ALA B 431 -0.23 42.81 -17.16
C ALA B 431 -0.64 44.27 -17.22
N VAL B 432 -0.54 44.99 -16.09
CA VAL B 432 -0.85 46.43 -16.08
C VAL B 432 0.40 47.27 -15.92
N LYS B 433 0.68 48.09 -16.92
CA LYS B 433 1.77 49.07 -16.85
C LYS B 433 1.23 50.38 -17.40
N SER B 434 0.66 51.18 -16.51
CA SER B 434 -0.17 52.29 -16.93
C SER B 434 0.61 53.55 -17.05
N SER B 435 0.54 54.13 -18.24
CA SER B 435 1.13 55.41 -18.52
C SER B 435 0.45 56.48 -17.70
N THR B 436 -0.88 56.53 -17.74
CA THR B 436 -1.61 57.50 -16.92
C THR B 436 -1.69 57.09 -15.44
N GLY B 437 -2.17 55.89 -15.16
CA GLY B 437 -2.44 55.50 -13.77
C GLY B 437 -3.93 55.52 -13.50
N PRO B 438 -4.32 55.18 -12.26
CA PRO B 438 -5.68 55.28 -11.77
C PRO B 438 -6.47 56.42 -12.41
N GLY B 439 -7.61 56.10 -13.00
CA GLY B 439 -8.43 57.07 -13.71
C GLY B 439 -9.13 56.54 -14.94
N GLU B 440 -9.95 57.38 -15.58
CA GLU B 440 -10.68 57.08 -16.81
C GLU B 440 -10.03 55.96 -17.59
N GLN B 441 -8.78 56.23 -18.00
CA GLN B 441 -8.00 55.40 -18.90
C GLN B 441 -7.83 53.96 -18.44
N LEU B 442 -7.06 53.80 -17.37
CA LEU B 442 -6.79 52.49 -16.80
C LEU B 442 -8.09 51.73 -16.49
N ARG B 443 -9.16 52.45 -16.13
CA ARG B 443 -10.41 51.85 -15.69
C ARG B 443 -11.14 51.13 -16.81
N ASN B 444 -11.38 51.81 -17.92
CA ASN B 444 -11.96 51.15 -19.09
C ASN B 444 -11.05 50.05 -19.58
N ALA B 445 -9.75 50.36 -19.56
CA ALA B 445 -8.72 49.43 -19.98
C ALA B 445 -8.78 48.14 -19.16
N LEU B 446 -8.96 48.27 -17.84
CA LEU B 446 -9.05 47.09 -16.99
C LEU B 446 -10.29 46.29 -17.34
N TRP B 447 -11.40 46.97 -17.54
CA TRP B 447 -12.66 46.30 -17.88
C TRP B 447 -12.60 45.59 -19.24
N HIS B 448 -11.79 46.12 -20.16
CA HIS B 448 -11.73 45.61 -21.51
C HIS B 448 -10.83 44.38 -21.69
N THR B 449 -11.41 43.34 -22.32
CA THR B 449 -10.68 42.13 -22.79
C THR B 449 -9.85 42.47 -24.02
N GLY B 450 -8.53 42.29 -23.89
CA GLY B 450 -7.55 42.60 -24.96
C GLY B 450 -6.77 43.89 -24.72
N ASP B 451 -5.65 44.07 -25.43
CA ASP B 451 -4.71 45.18 -25.17
C ASP B 451 -5.26 46.61 -25.30
N THR B 452 -4.71 47.48 -24.44
CA THR B 452 -4.93 48.93 -24.49
C THR B 452 -3.53 49.57 -24.41
N GLU B 453 -3.15 50.33 -25.46
CA GLU B 453 -1.84 51.00 -25.53
C GLU B 453 -1.57 51.91 -24.34
N SER B 454 -0.37 51.75 -23.76
CA SER B 454 0.09 52.56 -22.63
C SER B 454 -0.72 52.30 -21.39
N GLN B 455 -1.48 51.19 -21.39
CA GLN B 455 -2.33 50.83 -20.26
C GLN B 455 -2.25 49.35 -19.83
N VAL B 456 -2.74 48.45 -20.67
CA VAL B 456 -2.98 47.09 -20.24
C VAL B 456 -2.80 46.12 -21.40
N ARG B 457 -2.35 44.91 -21.09
CA ARG B 457 -1.96 43.91 -22.08
C ARG B 457 -2.40 42.50 -21.65
N LEU B 458 -3.14 41.86 -22.54
CA LEU B 458 -3.80 40.60 -22.26
C LEU B 458 -2.82 39.48 -22.52
N LEU B 459 -2.39 38.78 -21.48
CA LEU B 459 -1.36 37.73 -21.69
C LEU B 459 -1.98 36.37 -21.97
N TRP B 460 -3.11 36.07 -21.34
CA TRP B 460 -3.79 34.80 -21.51
C TRP B 460 -5.26 35.05 -21.30
N LYS B 461 -6.06 34.20 -21.93
CA LYS B 461 -7.51 34.27 -21.83
C LYS B 461 -7.97 32.83 -21.95
N ASP B 462 -8.96 32.43 -21.17
CA ASP B 462 -9.39 31.03 -21.17
C ASP B 462 -10.19 30.79 -22.42
N PRO B 463 -9.77 29.78 -23.22
CA PRO B 463 -10.43 29.61 -24.50
C PRO B 463 -11.82 28.97 -24.35
N ARG B 464 -12.17 28.53 -23.15
CA ARG B 464 -13.50 27.98 -22.89
C ARG B 464 -14.46 29.14 -22.95
N ASN B 465 -13.91 30.35 -22.87
CA ASN B 465 -14.65 31.60 -22.67
C ASN B 465 -15.90 31.57 -21.73
N VAL B 466 -15.73 31.04 -20.52
CA VAL B 466 -16.86 30.83 -19.61
C VAL B 466 -16.75 31.74 -18.43
N GLY B 467 -17.84 32.42 -18.07
CA GLY B 467 -17.88 33.12 -16.79
C GLY B 467 -18.01 32.21 -15.56
N TRP B 468 -17.78 32.76 -14.38
CA TRP B 468 -17.96 32.00 -13.12
C TRP B 468 -19.44 31.81 -12.83
N LYS B 469 -19.78 30.85 -11.98
CA LYS B 469 -21.15 30.64 -11.59
C LYS B 469 -21.50 31.29 -10.23
N ASP B 470 -22.77 31.69 -10.10
CA ASP B 470 -23.26 32.28 -8.88
C ASP B 470 -22.98 31.30 -7.77
N LYS B 471 -22.50 31.81 -6.65
CA LYS B 471 -22.42 30.99 -5.45
C LYS B 471 -21.64 29.66 -5.62
N LYS B 472 -20.58 29.65 -6.44
CA LYS B 472 -19.77 28.44 -6.64
C LYS B 472 -18.25 28.62 -6.34
N SER B 473 -17.64 27.66 -5.67
CA SER B 473 -16.23 27.76 -5.35
C SER B 473 -15.27 27.29 -6.43
N TYR B 474 -14.28 28.13 -6.73
CA TYR B 474 -13.20 27.78 -7.66
C TYR B 474 -11.88 27.94 -6.92
N ARG B 475 -10.88 27.13 -7.26
CA ARG B 475 -9.57 27.32 -6.65
C ARG B 475 -8.49 27.64 -7.69
N TRP B 476 -7.73 28.67 -7.37
CA TRP B 476 -6.70 29.18 -8.27
C TRP B 476 -5.32 28.86 -7.71
N PHE B 477 -4.37 28.56 -8.59
CA PHE B 477 -2.98 28.38 -8.21
C PHE B 477 -2.15 29.27 -9.11
N LEU B 478 -1.37 30.17 -8.51
CA LEU B 478 -0.45 31.02 -9.25
C LEU B 478 0.97 30.62 -8.95
N GLN B 479 1.79 30.59 -10.00
CA GLN B 479 3.23 30.43 -9.88
C GLN B 479 3.93 31.56 -10.58
N HIS B 480 4.75 32.28 -9.83
CA HIS B 480 5.45 33.42 -10.40
C HIS B 480 6.97 33.42 -10.09
N ARG B 481 7.77 33.35 -11.16
CA ARG B 481 9.23 33.28 -11.11
C ARG B 481 9.83 34.37 -11.98
N PRO B 482 9.99 35.60 -11.42
CA PRO B 482 10.43 36.74 -12.24
C PRO B 482 11.95 36.73 -12.59
N GLN B 483 12.71 35.78 -12.07
CA GLN B 483 14.12 35.68 -12.44
C GLN B 483 14.20 35.20 -13.87
N VAL B 484 13.18 34.46 -14.30
CA VAL B 484 13.06 34.08 -15.71
C VAL B 484 11.75 34.59 -16.32
N GLY B 485 11.01 35.42 -15.61
CA GLY B 485 9.72 35.94 -16.09
C GLY B 485 8.60 34.93 -16.28
N TYR B 486 8.66 33.85 -15.49
CA TYR B 486 7.70 32.76 -15.55
C TYR B 486 6.39 33.14 -14.85
N ILE B 487 5.26 32.91 -15.54
CA ILE B 487 3.94 33.15 -14.96
C ILE B 487 3.08 31.96 -15.33
N ARG B 488 2.39 31.40 -14.34
CA ARG B 488 1.54 30.24 -14.60
C ARG B 488 0.34 30.17 -13.65
N VAL B 489 -0.86 30.03 -14.22
CA VAL B 489 -2.07 29.94 -13.40
C VAL B 489 -3.01 28.81 -13.82
N ARG B 490 -3.63 28.16 -12.84
CA ARG B 490 -4.53 27.04 -13.11
C ARG B 490 -5.76 27.15 -12.24
N PHE B 491 -6.89 26.69 -12.76
CA PHE B 491 -8.16 26.82 -12.08
C PHE B 491 -8.90 25.52 -11.90
N TYR B 492 -9.46 25.33 -10.72
CA TYR B 492 -10.21 24.14 -10.42
C TYR B 492 -11.65 24.45 -10.08
N GLU B 493 -12.55 23.95 -10.90
CA GLU B 493 -13.95 23.92 -10.50
C GLU B 493 -14.17 22.63 -9.74
N GLY B 494 -14.18 22.75 -8.42
CA GLY B 494 -14.17 21.60 -7.52
C GLY B 494 -12.87 20.86 -7.72
N PRO B 495 -12.91 19.53 -7.56
CA PRO B 495 -11.75 18.67 -7.79
C PRO B 495 -11.13 18.85 -9.15
N GLU B 496 -11.97 18.96 -10.19
CA GLU B 496 -11.59 19.15 -11.61
C GLU B 496 -10.76 20.41 -11.87
N LEU B 497 -9.70 20.28 -12.68
CA LEU B 497 -8.97 21.46 -13.17
C LEU B 497 -9.56 21.91 -14.48
N VAL B 498 -10.23 23.05 -14.47
CA VAL B 498 -10.96 23.57 -15.61
C VAL B 498 -10.14 24.49 -16.52
N ALA B 499 -9.12 25.13 -15.98
CA ALA B 499 -8.33 26.07 -16.77
C ALA B 499 -6.85 26.01 -16.44
N ASP B 500 -6.05 26.35 -17.43
CA ASP B 500 -4.60 26.28 -17.36
C ASP B 500 -4.12 27.33 -18.33
N SER B 501 -2.84 27.66 -18.29
CA SER B 501 -2.31 28.75 -19.10
C SER B 501 -0.82 28.57 -19.19
N ASN B 502 -0.40 27.34 -19.47
CA ASN B 502 1.02 26.96 -19.49
C ASN B 502 1.99 28.09 -19.79
N VAL B 503 2.90 28.33 -18.86
CA VAL B 503 4.17 29.03 -19.15
C VAL B 503 4.01 30.31 -19.99
N VAL B 504 3.24 31.25 -19.45
CA VAL B 504 3.27 32.62 -19.90
C VAL B 504 4.59 33.24 -19.45
N LEU B 505 5.35 33.77 -20.39
CA LEU B 505 6.59 34.44 -20.09
C LEU B 505 6.40 35.92 -20.26
N ASP B 506 6.66 36.66 -19.18
CA ASP B 506 6.53 38.13 -19.18
C ASP B 506 7.45 38.70 -18.12
N THR B 507 7.75 39.98 -18.27
CA THR B 507 8.89 40.56 -17.58
C THR B 507 8.66 42.00 -17.09
N THR B 508 7.45 42.52 -17.27
CA THR B 508 7.17 43.91 -16.94
C THR B 508 7.26 44.21 -15.43
N MET B 509 7.08 43.19 -14.60
CA MET B 509 7.24 43.36 -13.16
C MET B 509 8.09 42.21 -12.64
N ARG B 510 9.32 42.53 -12.26
CA ARG B 510 10.22 41.55 -11.67
C ARG B 510 10.00 41.53 -10.16
N GLY B 511 8.97 40.78 -9.76
CA GLY B 511 8.53 40.68 -8.36
C GLY B 511 7.61 41.80 -7.88
N GLY B 512 7.13 41.69 -6.64
CA GLY B 512 6.18 42.64 -6.05
C GLY B 512 5.21 42.00 -5.06
N ARG B 513 4.16 42.73 -4.70
CA ARG B 513 3.24 42.25 -3.65
C ARG B 513 2.03 41.50 -4.21
N LEU B 514 1.33 40.80 -3.33
CA LEU B 514 0.14 40.08 -3.72
C LEU B 514 -1.08 40.80 -3.20
N GLY B 515 -2.24 40.48 -3.77
CA GLY B 515 -3.50 41.06 -3.34
C GLY B 515 -4.69 40.56 -4.11
N VAL B 516 -5.83 41.14 -3.81
CA VAL B 516 -7.06 40.74 -4.48
C VAL B 516 -7.68 41.90 -5.24
N PHE B 517 -8.44 41.56 -6.27
CA PHE B 517 -9.01 42.55 -7.20
C PHE B 517 -10.53 42.43 -7.29
N CYS B 518 -11.18 43.55 -7.51
CA CYS B 518 -12.53 43.51 -7.95
C CYS B 518 -12.86 44.82 -8.60
N PHE B 519 -13.92 44.75 -9.38
CA PHE B 519 -14.40 45.84 -10.20
C PHE B 519 -15.91 45.60 -10.40
N SER B 520 -16.71 46.46 -9.78
CA SER B 520 -18.20 46.47 -9.86
C SER B 520 -18.91 45.15 -9.53
N GLN B 521 -18.54 44.53 -8.42
CA GLN B 521 -19.11 43.24 -8.02
C GLN B 521 -19.01 42.96 -6.51
N GLU B 522 -20.17 42.75 -5.90
CA GLU B 522 -20.36 42.67 -4.45
C GLU B 522 -20.42 41.26 -3.90
N ASN B 523 -19.95 41.09 -2.67
CA ASN B 523 -19.84 39.78 -1.99
C ASN B 523 -18.95 38.74 -2.62
N ILE B 524 -17.75 39.15 -3.02
CA ILE B 524 -16.72 38.19 -3.36
C ILE B 524 -16.17 37.70 -2.03
N ILE B 525 -15.84 36.42 -1.99
CA ILE B 525 -15.03 35.81 -0.95
C ILE B 525 -13.79 35.25 -1.64
N TRP B 526 -12.64 35.67 -1.16
CA TRP B 526 -11.39 34.99 -1.47
C TRP B 526 -11.09 34.31 -0.16
N ALA B 527 -11.15 32.98 -0.16
CA ALA B 527 -11.13 32.25 1.10
C ALA B 527 -10.01 31.24 1.10
N ASN B 528 -9.37 31.09 2.25
CA ASN B 528 -8.36 30.06 2.42
C ASN B 528 -7.15 30.39 1.59
N LEU B 529 -6.79 31.67 1.63
CA LEU B 529 -5.63 32.20 0.94
C LEU B 529 -4.36 31.51 1.42
N ARG B 530 -3.39 31.40 0.52
CA ARG B 530 -2.11 30.85 0.89
C ARG B 530 -1.06 31.28 -0.08
N TYR B 531 0.05 31.75 0.47
CA TYR B 531 1.24 31.99 -0.33
C TYR B 531 2.53 31.38 0.24
N ARG B 532 3.62 31.42 -0.54
CA ARG B 532 4.91 30.81 -0.23
C ARG B 532 6.00 31.48 -1.04
N CYS B 533 7.18 31.59 -0.47
CA CYS B 533 8.36 31.97 -1.23
C CYS B 533 8.75 30.75 -2.01
N ASN B 534 8.92 30.93 -3.31
CA ASN B 534 9.32 29.80 -4.12
C ASN B 534 10.06 30.29 -5.33
N ASP B 535 11.34 29.96 -5.38
CA ASP B 535 12.20 30.42 -6.44
C ASP B 535 12.55 29.30 -7.41
N THR B 536 12.49 28.07 -6.91
CA THR B 536 12.79 26.91 -7.74
C THR B 536 11.88 26.93 -9.00
N ILE B 537 12.53 27.09 -10.16
CA ILE B 537 11.85 27.30 -11.46
C ILE B 537 11.21 26.01 -12.03
N PRO B 538 9.85 26.00 -12.18
CA PRO B 538 9.06 24.83 -12.62
C PRO B 538 9.62 24.03 -13.81
N GLU B 539 9.35 22.73 -13.80
CA GLU B 539 9.93 21.78 -14.75
C GLU B 539 9.62 22.11 -16.21
N ASP B 540 8.35 22.43 -16.47
CA ASP B 540 7.87 22.65 -17.84
C ASP B 540 8.29 23.99 -18.43
N TYR B 541 9.09 24.74 -17.67
CA TYR B 541 9.70 25.96 -18.19
C TYR B 541 10.64 25.57 -19.31
N GLU B 542 11.49 24.57 -19.05
CA GLU B 542 12.42 24.05 -20.05
C GLU B 542 11.74 23.12 -21.06
N THR B 543 10.73 22.36 -20.62
CA THR B 543 9.87 21.62 -21.57
C THR B 543 9.41 22.59 -22.65
N HIS B 544 8.76 23.68 -22.22
CA HIS B 544 8.30 24.75 -23.11
C HIS B 544 9.45 25.50 -23.83
N GLN B 545 10.66 25.40 -23.29
CA GLN B 545 11.83 26.07 -23.87
C GLN B 545 12.52 25.26 -24.97
N LEU B 546 12.70 23.96 -24.75
CA LEU B 546 13.24 23.05 -25.78
C LEU B 546 12.15 22.65 -26.80
N ARG B 547 10.90 23.01 -26.48
CA ARG B 547 9.71 22.64 -27.26
C ARG B 547 9.74 23.08 -28.73
N GLN B 548 10.41 24.19 -29.00
CA GLN B 548 10.56 24.71 -30.38
C GLN B 548 11.73 24.02 -31.13
N ALA B 549 12.08 22.82 -30.66
CA ALA B 549 13.17 22.03 -31.21
C ALA B 549 12.87 21.59 -32.64
N ASN C 15 -3.63 -8.50 -12.61
CA ASN C 15 -2.80 -7.27 -12.35
C ASN C 15 -3.54 -6.16 -11.57
N SER C 16 -4.45 -6.56 -10.67
CA SER C 16 -5.09 -5.57 -9.79
C SER C 16 -4.03 -4.88 -8.89
N ALA C 17 -4.16 -3.58 -8.64
CA ALA C 17 -3.30 -2.88 -7.70
C ALA C 17 -3.96 -2.93 -6.31
N GLN C 18 -3.40 -2.24 -5.33
CA GLN C 18 -3.98 -2.18 -4.00
C GLN C 18 -5.09 -1.14 -3.95
N ARG C 19 -6.25 -1.50 -3.44
CA ARG C 19 -7.42 -0.62 -3.46
C ARG C 19 -7.57 0.19 -2.15
N PHE C 20 -8.67 0.91 -1.97
CA PHE C 20 -8.90 1.52 -0.66
C PHE C 20 -10.00 0.88 0.16
N CYS C 21 -10.11 1.29 1.43
CA CYS C 21 -11.18 0.87 2.33
C CYS C 21 -12.39 1.76 2.16
N PRO C 22 -13.57 1.28 2.62
CA PRO C 22 -14.81 2.02 2.45
C PRO C 22 -14.65 3.46 2.89
N ASP C 23 -13.86 3.70 3.93
CA ASP C 23 -13.63 5.06 4.39
C ASP C 23 -12.61 5.84 3.59
N GLY C 24 -11.88 5.16 2.69
CA GLY C 24 -10.94 5.84 1.77
C GLY C 24 -9.48 5.85 2.20
N SER C 25 -9.21 5.24 3.35
CA SER C 25 -7.86 4.97 3.81
C SER C 25 -7.33 3.71 3.10
N PRO C 26 -6.00 3.58 2.92
CA PRO C 26 -5.50 2.54 2.06
C PRO C 26 -5.70 1.18 2.71
N SER C 27 -6.11 0.18 1.92
CA SER C 27 -6.53 -1.12 2.44
C SER C 27 -5.35 -2.00 2.75
N GLU C 28 -5.07 -2.28 4.01
CA GLU C 28 -3.96 -3.16 4.32
C GLU C 28 -4.24 -4.66 4.03
N CYS C 29 -5.31 -4.96 3.32
CA CYS C 29 -5.77 -6.36 3.20
C CYS C 29 -5.09 -7.21 2.15
N HIS C 30 -5.34 -8.51 2.21
CA HIS C 30 -4.96 -9.43 1.15
C HIS C 30 -5.68 -9.05 -0.13
N GLU C 31 -5.15 -9.51 -1.25
CA GLU C 31 -5.81 -9.35 -2.52
C GLU C 31 -7.24 -9.89 -2.53
N HIS C 32 -7.42 -11.01 -1.85
CA HIS C 32 -8.69 -11.66 -1.80
C HIS C 32 -9.34 -11.50 -0.45
N ALA C 33 -9.12 -10.35 0.18
CA ALA C 33 -9.80 -10.08 1.43
C ALA C 33 -10.59 -8.79 1.28
N ASP C 34 -11.44 -8.49 2.26
CA ASP C 34 -12.23 -7.26 2.29
C ASP C 34 -11.88 -6.45 3.50
N CYS C 35 -11.70 -5.15 3.27
CA CYS C 35 -11.45 -4.20 4.32
C CYS C 35 -12.78 -3.69 4.84
N VAL C 36 -13.10 -3.97 6.10
CA VAL C 36 -14.37 -3.57 6.71
C VAL C 36 -14.17 -2.70 7.95
N LEU C 37 -15.05 -1.71 8.11
CA LEU C 37 -14.96 -0.75 9.23
C LEU C 37 -15.68 -1.24 10.49
N GLU C 38 -14.92 -1.47 11.57
CA GLU C 38 -15.50 -1.78 12.88
C GLU C 38 -16.37 -0.65 13.42
N ARG C 39 -17.34 -1.02 14.26
CA ARG C 39 -18.24 -0.10 14.94
C ARG C 39 -17.62 1.26 15.24
N ASP C 40 -16.43 1.25 15.82
CA ASP C 40 -15.75 2.46 16.29
C ASP C 40 -14.95 3.15 15.20
N GLY C 41 -14.92 2.56 14.00
CA GLY C 41 -14.24 3.18 12.86
C GLY C 41 -13.04 2.40 12.34
N SER C 42 -12.29 1.78 13.26
CA SER C 42 -11.09 0.99 12.94
C SER C 42 -11.38 -0.06 11.87
N ARG C 43 -10.38 -0.46 11.10
CA ARG C 43 -10.63 -1.39 10.00
C ARG C 43 -10.15 -2.83 10.29
N SER C 44 -10.81 -3.81 9.65
CA SER C 44 -10.47 -5.23 9.77
C SER C 44 -10.40 -5.89 8.42
N CYS C 45 -9.44 -6.79 8.24
CA CYS C 45 -9.37 -7.53 6.99
C CYS C 45 -10.02 -8.89 7.07
N VAL C 46 -11.02 -9.13 6.23
CA VAL C 46 -11.61 -10.46 6.25
C VAL C 46 -11.55 -11.11 4.85
N CYS C 47 -11.00 -12.33 4.76
CA CYS C 47 -10.88 -13.01 3.46
C CYS C 47 -12.25 -13.18 2.84
N ALA C 48 -12.32 -13.03 1.52
CA ALA C 48 -13.57 -13.20 0.82
C ALA C 48 -13.96 -14.65 0.69
N VAL C 49 -15.26 -14.94 0.44
CA VAL C 49 -15.74 -16.28 0.18
C VAL C 49 -14.88 -17.08 -0.83
N GLY C 50 -14.49 -18.31 -0.45
CA GLY C 50 -13.56 -19.10 -1.22
C GLY C 50 -12.12 -19.02 -0.74
N TRP C 51 -11.85 -18.11 0.19
CA TRP C 51 -10.51 -17.93 0.73
C TRP C 51 -10.50 -17.99 2.24
N ALA C 52 -9.39 -18.37 2.84
CA ALA C 52 -9.27 -18.33 4.31
C ALA C 52 -7.86 -17.94 4.84
N GLY C 53 -7.84 -17.37 6.05
CA GLY C 53 -6.59 -16.90 6.65
C GLY C 53 -6.88 -15.83 7.69
N ASN C 54 -6.22 -14.70 7.61
CA ASN C 54 -6.48 -13.66 8.55
C ASN C 54 -6.61 -12.34 7.84
N GLY C 55 -6.99 -12.38 6.57
CA GLY C 55 -7.31 -11.16 5.84
C GLY C 55 -6.12 -10.46 5.26
N ILE C 56 -4.93 -10.78 5.75
CA ILE C 56 -3.70 -10.27 5.16
C ILE C 56 -3.05 -11.36 4.33
N LEU C 57 -2.92 -12.53 4.92
CA LEU C 57 -2.58 -13.75 4.21
C LEU C 57 -3.85 -14.52 4.03
N CYS C 58 -4.16 -14.90 2.81
CA CYS C 58 -5.36 -15.67 2.53
C CYS C 58 -4.94 -16.74 1.55
N GLY C 59 -5.61 -17.89 1.59
CA GLY C 59 -5.39 -18.94 0.61
C GLY C 59 -6.72 -19.56 0.28
N ARG C 60 -6.76 -20.38 -0.77
CA ARG C 60 -8.02 -20.95 -1.23
C ARG C 60 -8.56 -21.91 -0.20
N ASP C 61 -9.86 -21.78 0.07
CA ASP C 61 -10.53 -22.64 1.01
C ASP C 61 -11.58 -23.44 0.26
N THR C 62 -11.21 -24.63 -0.20
CA THR C 62 -12.09 -25.42 -1.09
C THR C 62 -13.42 -25.78 -0.46
N ASP C 63 -13.42 -26.41 0.71
CA ASP C 63 -14.69 -26.82 1.27
C ASP C 63 -15.44 -25.70 1.95
N LEU C 64 -14.97 -24.47 1.77
CA LEU C 64 -15.59 -23.29 2.35
C LEU C 64 -15.84 -23.39 3.87
N ASP C 65 -14.91 -24.01 4.60
CA ASP C 65 -15.11 -24.19 6.05
C ASP C 65 -14.31 -23.25 6.93
N GLY C 66 -13.62 -22.28 6.33
CA GLY C 66 -12.78 -21.38 7.12
C GLY C 66 -11.30 -21.75 7.21
N PHE C 67 -10.91 -22.88 6.66
CA PHE C 67 -9.51 -23.27 6.77
C PHE C 67 -8.89 -23.53 5.45
N PRO C 68 -7.76 -22.87 5.18
CA PRO C 68 -7.08 -22.90 3.90
C PRO C 68 -6.67 -24.31 3.51
N ASP C 69 -6.76 -24.62 2.22
CA ASP C 69 -6.26 -25.86 1.66
C ASP C 69 -4.80 -26.13 1.99
N GLU C 70 -4.04 -25.06 2.15
CA GLU C 70 -2.63 -25.13 2.30
C GLU C 70 -2.25 -24.15 3.39
N LYS C 71 -1.22 -24.50 4.16
CA LYS C 71 -0.77 -23.69 5.29
C LYS C 71 -0.49 -22.24 4.91
N LEU C 72 -0.80 -21.31 5.82
CA LEU C 72 -0.36 -19.94 5.67
C LEU C 72 0.67 -19.59 6.75
N ARG C 73 1.43 -18.53 6.52
CA ARG C 73 2.50 -18.14 7.40
C ARG C 73 2.05 -17.03 8.32
N CYS C 74 1.26 -17.36 9.33
CA CYS C 74 0.81 -16.38 10.34
C CYS C 74 0.48 -17.10 11.64
N PRO C 75 0.38 -16.35 12.75
CA PRO C 75 0.21 -17.10 14.00
C PRO C 75 -1.20 -17.60 14.28
N GLU C 76 -2.22 -17.13 13.55
CA GLU C 76 -3.62 -17.42 13.92
C GLU C 76 -4.11 -18.81 13.60
N ARG C 77 -5.14 -19.18 14.28
CA ARG C 77 -5.67 -20.52 14.13
C ARG C 77 -5.94 -20.85 12.69
N GLN C 78 -6.49 -19.94 12.00
CA GLN C 78 -7.00 -20.20 10.65
C GLN C 78 -5.93 -20.10 9.55
N CYS C 79 -4.67 -20.01 9.96
CA CYS C 79 -3.58 -20.08 9.01
C CYS C 79 -3.10 -21.52 8.82
N ARG C 80 -3.44 -22.41 9.73
CA ARG C 80 -3.01 -23.79 9.54
C ARG C 80 -3.75 -24.49 8.41
N LYS C 81 -3.10 -25.48 7.81
CA LYS C 81 -3.69 -26.22 6.73
C LYS C 81 -4.89 -26.94 7.31
N ASP C 82 -6.03 -26.85 6.62
CA ASP C 82 -7.22 -27.61 6.95
C ASP C 82 -6.84 -29.09 7.02
N ASN C 83 -7.32 -29.77 8.05
CA ASN C 83 -7.03 -31.21 8.27
C ASN C 83 -8.04 -32.21 7.71
N CYS C 84 -9.00 -31.70 6.93
CA CYS C 84 -9.80 -32.47 5.97
C CYS C 84 -10.08 -31.51 4.88
N VAL C 85 -9.22 -31.53 3.87
CA VAL C 85 -9.22 -30.47 2.86
C VAL C 85 -10.55 -30.32 2.09
N THR C 86 -11.23 -31.44 1.85
CA THR C 86 -12.53 -31.38 1.15
C THR C 86 -13.80 -31.53 2.00
N VAL C 87 -13.76 -32.23 3.12
CA VAL C 87 -14.92 -32.33 3.99
C VAL C 87 -14.90 -31.09 4.89
N PRO C 88 -15.99 -30.28 4.88
CA PRO C 88 -15.99 -29.09 5.75
C PRO C 88 -15.96 -29.45 7.25
N ASN C 89 -14.87 -29.18 7.94
CA ASN C 89 -14.84 -29.46 9.37
C ASN C 89 -14.40 -28.28 10.17
N SER C 90 -15.30 -27.32 10.34
CA SER C 90 -14.92 -26.01 10.87
C SER C 90 -14.42 -26.01 12.31
N GLY C 91 -14.69 -27.10 13.05
CA GLY C 91 -14.12 -27.26 14.37
C GLY C 91 -12.71 -27.82 14.30
N GLN C 92 -12.26 -28.17 13.08
CA GLN C 92 -11.00 -28.87 12.83
C GLN C 92 -10.63 -29.95 13.84
N GLU C 93 -11.62 -30.59 14.44
CA GLU C 93 -11.44 -31.58 15.53
C GLU C 93 -10.63 -32.81 15.09
N ASP C 94 -9.55 -33.10 15.79
CA ASP C 94 -8.69 -34.24 15.45
C ASP C 94 -8.35 -34.94 16.78
N VAL C 95 -9.12 -35.97 17.10
CA VAL C 95 -9.14 -36.52 18.46
C VAL C 95 -7.81 -37.12 18.90
N ASP C 96 -7.17 -37.88 18.02
CA ASP C 96 -5.89 -38.55 18.30
C ASP C 96 -4.69 -37.80 17.75
N ARG C 97 -4.85 -36.50 17.52
CA ARG C 97 -3.78 -35.63 17.06
C ARG C 97 -2.87 -36.30 16.03
N ASP C 98 -3.44 -37.05 15.14
CA ASP C 98 -2.61 -37.74 14.20
C ASP C 98 -2.39 -36.84 12.98
N GLY C 99 -3.03 -35.68 12.97
CA GLY C 99 -2.94 -34.80 11.82
C GLY C 99 -4.11 -34.89 10.85
N ILE C 100 -4.94 -35.91 10.97
CA ILE C 100 -6.15 -35.96 10.14
C ILE C 100 -7.41 -35.56 10.92
N GLY C 101 -8.23 -34.67 10.34
CA GLY C 101 -9.52 -34.29 10.94
C GLY C 101 -10.37 -35.54 11.18
N ASP C 102 -11.10 -35.56 12.30
CA ASP C 102 -11.98 -36.67 12.59
C ASP C 102 -12.91 -36.75 11.44
N ALA C 103 -13.27 -35.61 10.86
CA ALA C 103 -14.28 -35.62 9.80
C ALA C 103 -13.87 -36.42 8.54
N CYS C 104 -12.70 -37.05 8.51
CA CYS C 104 -12.28 -37.84 7.35
C CYS C 104 -11.11 -38.77 7.69
N ASP C 105 -10.95 -39.04 8.98
CA ASP C 105 -9.94 -39.93 9.50
C ASP C 105 -10.56 -41.29 9.63
N PRO C 106 -10.12 -42.27 8.82
CA PRO C 106 -10.77 -43.58 8.79
C PRO C 106 -10.78 -44.36 10.14
N ASP C 107 -9.99 -43.91 11.13
CA ASP C 107 -9.98 -44.43 12.53
C ASP C 107 -9.71 -43.24 13.50
N ALA C 108 -10.68 -42.34 13.56
CA ALA C 108 -10.55 -41.03 14.21
C ALA C 108 -9.87 -40.97 15.60
N ASP C 109 -9.96 -42.03 16.37
CA ASP C 109 -9.44 -42.04 17.74
C ASP C 109 -8.23 -42.97 17.86
N GLY C 110 -7.94 -43.64 16.75
CA GLY C 110 -6.74 -44.44 16.63
C GLY C 110 -6.68 -45.66 17.53
N ASP C 111 -7.81 -46.28 17.86
CA ASP C 111 -7.78 -47.51 18.66
C ASP C 111 -7.75 -48.74 17.79
N GLY C 112 -7.33 -48.58 16.55
CA GLY C 112 -7.24 -49.74 15.67
C GLY C 112 -8.57 -50.21 15.12
N VAL C 113 -9.67 -49.64 15.61
CA VAL C 113 -10.97 -50.07 15.09
C VAL C 113 -11.52 -49.03 14.11
N PRO C 114 -11.90 -49.46 12.90
CA PRO C 114 -12.45 -48.50 11.93
C PRO C 114 -13.75 -47.88 12.43
N ASN C 115 -14.02 -46.67 11.98
CA ASN C 115 -15.13 -45.87 12.50
C ASN C 115 -16.45 -46.58 12.40
N GLU C 116 -16.67 -47.25 11.27
CA GLU C 116 -17.93 -47.93 10.99
C GLU C 116 -18.07 -49.15 11.89
N LYS C 117 -16.96 -49.75 12.31
CA LYS C 117 -17.04 -50.87 13.23
C LYS C 117 -16.56 -50.51 14.65
N ASP C 118 -16.67 -49.24 15.04
CA ASP C 118 -16.25 -48.82 16.38
C ASP C 118 -17.42 -48.20 17.13
N ASN C 119 -17.89 -48.87 18.17
CA ASN C 119 -19.03 -48.35 18.94
C ASN C 119 -18.71 -47.15 19.85
N CYS C 120 -17.46 -46.74 19.86
CA CYS C 120 -17.05 -45.52 20.55
C CYS C 120 -16.02 -44.83 19.66
N PRO C 121 -16.47 -44.30 18.48
CA PRO C 121 -15.57 -43.85 17.41
C PRO C 121 -14.51 -42.82 17.83
N LEU C 122 -14.83 -41.97 18.79
CA LEU C 122 -13.93 -40.92 19.26
C LEU C 122 -13.30 -41.14 20.63
N VAL C 123 -13.40 -42.35 21.16
CA VAL C 123 -12.71 -42.71 22.42
C VAL C 123 -12.22 -44.14 22.30
N ARG C 124 -10.94 -44.34 22.65
CA ARG C 124 -10.24 -45.60 22.36
C ARG C 124 -10.84 -46.64 23.23
N ASN C 125 -11.07 -47.82 22.67
CA ASN C 125 -11.77 -48.90 23.36
C ASN C 125 -11.67 -50.16 22.50
N PRO C 126 -10.43 -50.69 22.38
CA PRO C 126 -10.08 -51.82 21.51
C PRO C 126 -10.87 -53.08 21.84
N ASP C 127 -11.14 -53.31 23.14
CA ASP C 127 -11.99 -54.40 23.63
C ASP C 127 -13.44 -54.34 23.11
N GLN C 128 -13.95 -53.13 22.89
CA GLN C 128 -15.27 -52.89 22.28
C GLN C 128 -16.48 -53.23 23.13
N ARG C 129 -16.29 -53.43 24.42
CA ARG C 129 -17.41 -53.71 25.34
C ARG C 129 -18.59 -52.71 25.26
N ASN C 130 -19.81 -53.25 25.34
CA ASN C 130 -21.05 -52.48 25.20
C ASN C 130 -22.16 -53.16 25.99
N THR C 131 -22.12 -53.15 27.32
CA THR C 131 -22.95 -54.07 28.10
C THR C 131 -24.49 -54.00 27.97
N ASP C 132 -25.05 -52.92 27.42
CA ASP C 132 -26.50 -52.84 27.22
C ASP C 132 -26.91 -52.98 25.75
N GLU C 133 -25.90 -53.10 24.91
CA GLU C 133 -26.04 -53.24 23.47
C GLU C 133 -26.80 -52.10 22.78
N ASP C 134 -26.56 -50.85 23.18
CA ASP C 134 -27.11 -49.72 22.40
C ASP C 134 -26.08 -49.26 21.38
N LYS C 135 -26.28 -48.09 20.78
CA LYS C 135 -25.32 -47.60 19.80
C LYS C 135 -23.93 -47.52 20.38
N TRP C 136 -23.84 -47.20 21.67
CA TRP C 136 -22.58 -46.79 22.31
C TRP C 136 -21.93 -47.83 23.17
N GLY C 137 -20.62 -47.95 22.98
CA GLY C 137 -19.83 -48.84 23.79
C GLY C 137 -19.71 -48.30 25.19
N ASP C 138 -19.35 -49.19 26.11
CA ASP C 138 -19.26 -48.84 27.54
C ASP C 138 -18.38 -47.64 27.77
N ALA C 139 -17.34 -47.52 26.96
CA ALA C 139 -16.28 -46.54 27.15
C ALA C 139 -16.65 -45.11 26.78
N CYS C 140 -17.92 -44.87 26.51
CA CYS C 140 -18.36 -43.51 26.20
C CYS C 140 -19.88 -43.45 26.28
N ASP C 141 -20.50 -44.45 26.88
CA ASP C 141 -21.94 -44.44 27.03
C ASP C 141 -22.18 -43.89 28.41
N ASN C 142 -22.96 -42.81 28.48
CA ASN C 142 -23.22 -42.14 29.78
C ASN C 142 -24.22 -42.88 30.66
N CYS C 143 -24.71 -44.01 30.14
CA CYS C 143 -25.60 -44.95 30.84
C CYS C 143 -25.22 -46.42 30.59
N ARG C 144 -24.02 -46.79 31.01
CA ARG C 144 -23.46 -48.17 31.04
C ARG C 144 -24.37 -49.30 30.59
N SER C 145 -25.42 -49.51 31.37
CA SER C 145 -26.29 -50.63 31.13
C SER C 145 -27.69 -50.12 31.10
N GLN C 146 -27.98 -49.35 30.05
CA GLN C 146 -29.30 -48.82 29.88
C GLN C 146 -29.41 -48.18 28.49
N LYS C 147 -30.19 -48.79 27.60
CA LYS C 147 -30.25 -48.35 26.22
C LYS C 147 -30.66 -46.89 26.17
N ASN C 148 -29.79 -46.04 25.63
CA ASN C 148 -30.10 -44.63 25.55
C ASN C 148 -29.30 -43.99 24.44
N ASP C 149 -29.74 -44.28 23.22
CA ASP C 149 -28.95 -43.96 22.03
C ASP C 149 -28.54 -42.51 21.92
N ASP C 150 -29.48 -41.59 22.15
CA ASP C 150 -29.24 -40.15 22.11
C ASP C 150 -28.37 -39.58 23.26
N GLN C 151 -27.89 -40.42 24.16
CA GLN C 151 -26.99 -39.98 25.24
C GLN C 151 -27.32 -38.67 25.95
N LYS C 152 -28.61 -38.28 25.96
CA LYS C 152 -29.10 -37.13 26.75
C LYS C 152 -28.58 -37.07 28.20
N ASP C 153 -28.26 -35.86 28.64
CA ASP C 153 -27.66 -35.62 29.94
C ASP C 153 -27.94 -34.15 30.24
N THR C 154 -29.20 -33.84 30.59
CA THR C 154 -29.68 -32.44 30.70
C THR C 154 -28.86 -31.61 31.70
N ASP C 155 -28.58 -32.15 32.87
CA ASP C 155 -27.73 -31.42 33.81
C ASP C 155 -26.24 -31.63 33.56
N GLN C 156 -25.89 -32.11 32.36
CA GLN C 156 -24.48 -32.34 31.93
C GLN C 156 -23.54 -32.88 33.04
N ASP C 157 -24.10 -33.66 33.96
CA ASP C 157 -23.35 -34.10 35.11
C ASP C 157 -22.62 -35.40 34.84
N GLY C 158 -22.74 -35.95 33.63
CA GLY C 158 -22.07 -37.21 33.29
C GLY C 158 -22.92 -38.48 33.44
N ARG C 159 -23.72 -38.55 34.50
CA ARG C 159 -24.78 -39.54 34.55
C ARG C 159 -25.87 -39.11 33.57
N GLY C 160 -26.02 -39.87 32.48
CA GLY C 160 -27.01 -39.63 31.41
C GLY C 160 -28.43 -39.52 31.90
N ASP C 161 -29.37 -39.23 31.01
CA ASP C 161 -30.73 -38.92 31.45
C ASP C 161 -31.51 -40.11 32.00
N ALA C 162 -31.26 -41.30 31.46
CA ALA C 162 -31.96 -42.52 31.88
C ALA C 162 -31.29 -43.25 33.05
N CYS C 163 -30.59 -42.52 33.91
CA CYS C 163 -29.82 -43.07 35.03
C CYS C 163 -29.81 -42.06 36.12
N ASP C 164 -29.81 -40.80 35.72
CA ASP C 164 -29.76 -39.67 36.64
C ASP C 164 -31.16 -39.44 37.23
N ASP C 165 -31.41 -39.93 38.45
CA ASP C 165 -32.76 -39.75 39.00
C ASP C 165 -32.99 -38.38 39.63
N ASP C 166 -32.07 -37.47 39.30
CA ASP C 166 -32.33 -36.04 39.30
C ASP C 166 -31.79 -35.51 37.95
N ILE C 167 -32.61 -35.66 36.91
CA ILE C 167 -32.16 -35.40 35.55
C ILE C 167 -31.65 -33.98 35.31
N ASP C 168 -32.12 -33.03 36.13
CA ASP C 168 -31.76 -31.60 35.99
C ASP C 168 -30.81 -31.11 37.07
N GLY C 169 -30.69 -31.91 38.13
CA GLY C 169 -29.74 -31.62 39.19
C GLY C 169 -30.12 -30.35 39.90
N ASP C 170 -31.00 -30.51 40.88
CA ASP C 170 -31.27 -29.48 41.87
C ASP C 170 -31.62 -30.19 43.16
N ARG C 171 -30.83 -31.22 43.46
CA ARG C 171 -30.98 -32.09 44.64
C ARG C 171 -32.41 -32.55 44.94
N ILE C 172 -33.35 -32.22 44.05
CA ILE C 172 -34.74 -32.70 44.15
C ILE C 172 -35.09 -33.73 43.05
N ARG C 173 -35.38 -34.96 43.50
CA ARG C 173 -35.45 -36.14 42.63
C ARG C 173 -36.61 -36.16 41.65
N ASN C 174 -36.39 -36.84 40.52
CA ASN C 174 -37.30 -36.83 39.38
C ASN C 174 -38.78 -36.83 39.73
N GLN C 175 -39.26 -38.02 40.09
CA GLN C 175 -40.67 -38.29 40.35
C GLN C 175 -41.21 -37.65 41.64
N ALA C 176 -40.38 -36.85 42.31
CA ALA C 176 -40.83 -36.06 43.45
C ALA C 176 -40.35 -34.63 43.25
N ASP C 177 -40.56 -34.13 42.03
CA ASP C 177 -40.12 -32.80 41.57
C ASP C 177 -41.08 -32.30 40.49
N ASN C 178 -41.79 -31.23 40.79
CA ASN C 178 -42.80 -30.67 39.89
C ASN C 178 -42.28 -30.24 38.52
N CYS C 179 -40.96 -30.10 38.39
CA CYS C 179 -40.33 -29.83 37.12
C CYS C 179 -39.10 -30.68 37.01
N PRO C 180 -39.26 -31.94 36.57
CA PRO C 180 -38.15 -32.85 36.61
C PRO C 180 -37.05 -32.29 35.76
N ARG C 181 -37.42 -31.66 34.65
CA ARG C 181 -36.42 -31.19 33.68
C ARG C 181 -35.86 -29.80 33.93
N VAL C 182 -36.71 -28.77 33.99
CA VAL C 182 -36.23 -27.41 34.28
C VAL C 182 -35.91 -27.33 35.77
N PRO C 183 -34.69 -26.89 36.12
CA PRO C 183 -34.28 -26.86 37.53
C PRO C 183 -35.00 -25.75 38.30
N ASN C 184 -35.39 -26.05 39.55
CA ASN C 184 -36.12 -25.10 40.42
C ASN C 184 -36.13 -25.58 41.87
N SER C 185 -35.07 -25.27 42.59
CA SER C 185 -34.90 -25.70 43.98
C SER C 185 -36.02 -25.20 44.92
N ASP C 186 -36.66 -24.08 44.57
CA ASP C 186 -37.73 -23.49 45.38
C ASP C 186 -39.11 -24.13 45.14
N GLN C 187 -39.26 -24.80 43.99
CA GLN C 187 -40.46 -25.61 43.65
C GLN C 187 -41.74 -24.81 43.36
N LYS C 188 -41.59 -23.51 43.09
CA LYS C 188 -42.74 -22.60 42.99
C LYS C 188 -43.80 -23.00 41.96
N ASP C 189 -45.06 -22.94 42.38
CA ASP C 189 -46.21 -23.44 41.62
C ASP C 189 -47.44 -22.51 41.85
N SER C 190 -47.36 -21.29 41.29
CA SER C 190 -48.36 -20.23 41.48
C SER C 190 -49.82 -20.61 41.22
N ASP C 191 -50.04 -21.58 40.33
CA ASP C 191 -51.40 -22.02 40.05
C ASP C 191 -51.74 -23.37 40.68
N GLY C 192 -50.73 -24.07 41.17
CA GLY C 192 -50.92 -25.34 41.87
C GLY C 192 -51.67 -26.38 41.06
N ASP C 193 -51.23 -26.58 39.82
CA ASP C 193 -51.83 -27.59 38.95
C ASP C 193 -51.00 -28.88 38.90
N GLY C 194 -50.20 -29.12 39.94
CA GLY C 194 -49.31 -30.28 39.98
C GLY C 194 -48.01 -30.05 39.23
N ILE C 195 -48.03 -29.15 38.25
CA ILE C 195 -46.84 -28.81 37.46
C ILE C 195 -46.25 -27.47 37.89
N GLY C 196 -44.95 -27.48 38.20
CA GLY C 196 -44.25 -26.30 38.69
C GLY C 196 -44.18 -25.14 37.73
N ASP C 197 -43.91 -23.95 38.26
CA ASP C 197 -43.85 -22.70 37.50
C ASP C 197 -42.70 -22.69 36.54
N ALA C 198 -41.52 -22.98 37.06
CA ALA C 198 -40.23 -22.93 36.32
C ALA C 198 -40.31 -23.53 34.90
N CYS C 199 -41.36 -24.30 34.64
CA CYS C 199 -41.51 -25.01 33.39
C CYS C 199 -42.97 -25.23 33.05
N ASP C 200 -43.86 -24.48 33.69
CA ASP C 200 -45.27 -24.53 33.37
C ASP C 200 -45.45 -23.90 32.00
N ASN C 201 -46.36 -24.44 31.19
CA ASN C 201 -46.63 -23.80 29.91
C ASN C 201 -47.61 -22.66 30.10
N CYS C 202 -48.10 -22.49 31.32
CA CYS C 202 -49.12 -21.49 31.61
C CYS C 202 -49.22 -21.01 33.08
N PRO C 203 -48.34 -20.05 33.46
CA PRO C 203 -48.05 -19.56 34.81
C PRO C 203 -49.24 -19.31 35.75
N GLN C 204 -50.27 -18.60 35.29
CA GLN C 204 -51.42 -18.34 36.16
C GLN C 204 -52.52 -19.38 36.00
N LYS C 205 -52.98 -19.58 34.76
CA LYS C 205 -54.08 -20.53 34.54
C LYS C 205 -53.66 -21.99 34.76
N SER C 206 -54.26 -22.59 35.78
CA SER C 206 -54.07 -24.01 36.11
C SER C 206 -54.55 -24.86 34.98
N ASN C 207 -53.62 -25.41 34.23
CA ASN C 207 -53.97 -26.28 33.15
C ASN C 207 -53.41 -27.66 33.44
N PRO C 208 -54.08 -28.40 34.34
CA PRO C 208 -53.65 -29.75 34.67
C PRO C 208 -53.11 -30.46 33.43
N ASP C 209 -53.97 -30.67 32.45
CA ASP C 209 -53.65 -31.39 31.21
C ASP C 209 -52.45 -30.84 30.43
N GLN C 210 -52.25 -29.52 30.52
CA GLN C 210 -51.15 -28.81 29.83
C GLN C 210 -51.24 -28.90 28.30
N ALA C 211 -52.47 -28.87 27.80
CA ALA C 211 -52.73 -28.91 26.37
C ALA C 211 -52.16 -27.66 25.67
N ASP C 212 -51.41 -27.90 24.61
CA ASP C 212 -50.79 -26.86 23.81
C ASP C 212 -51.26 -27.10 22.37
N VAL C 213 -52.58 -27.08 22.14
CA VAL C 213 -53.24 -27.52 20.88
C VAL C 213 -52.43 -27.42 19.57
N ASP C 214 -51.76 -26.29 19.35
CA ASP C 214 -51.02 -26.04 18.11
C ASP C 214 -49.49 -26.11 18.24
N HIS C 215 -48.93 -26.97 19.09
CA HIS C 215 -47.46 -27.09 19.20
C HIS C 215 -46.85 -25.64 19.26
N ASP C 216 -47.43 -24.81 20.15
CA ASP C 216 -47.16 -23.36 20.17
C ASP C 216 -46.49 -22.77 21.43
N PHE C 217 -46.65 -23.44 22.57
CA PHE C 217 -45.93 -23.08 23.82
C PHE C 217 -46.78 -22.24 24.76
N VAL C 218 -47.96 -21.85 24.28
CA VAL C 218 -48.93 -21.21 25.14
C VAL C 218 -50.18 -22.13 25.19
N GLY C 219 -50.53 -22.60 26.39
CA GLY C 219 -51.60 -23.60 26.55
C GLY C 219 -52.98 -23.13 26.18
N ASP C 220 -53.97 -23.97 26.47
CA ASP C 220 -55.35 -23.78 26.00
C ASP C 220 -56.00 -22.49 26.49
N ALA C 221 -56.49 -22.46 27.73
CA ALA C 221 -57.16 -21.26 28.27
C ALA C 221 -56.23 -20.05 28.41
N CYS C 222 -55.07 -20.11 27.73
CA CYS C 222 -54.08 -19.03 27.63
C CYS C 222 -54.02 -18.50 26.20
N ASP C 223 -53.59 -19.37 25.27
CA ASP C 223 -53.39 -19.04 23.85
C ASP C 223 -54.58 -18.35 23.19
N SER C 224 -54.32 -17.23 22.52
CA SER C 224 -55.39 -16.54 21.77
C SER C 224 -54.91 -16.10 20.39
N ASP C 225 -53.73 -16.57 20.00
CA ASP C 225 -53.18 -16.27 18.68
C ASP C 225 -53.58 -14.87 18.25
N GLN C 226 -53.29 -13.92 19.13
CA GLN C 226 -53.37 -12.48 18.85
C GLN C 226 -51.93 -11.91 18.85
N ASP C 227 -51.36 -11.75 17.67
CA ASP C 227 -50.03 -11.21 17.54
C ASP C 227 -50.11 -10.11 16.50
N GLN C 228 -50.62 -8.97 16.92
CA GLN C 228 -50.97 -7.92 15.97
C GLN C 228 -49.76 -7.42 15.22
N ASP C 229 -48.57 -7.62 15.76
CA ASP C 229 -47.34 -7.23 15.08
C ASP C 229 -46.66 -8.41 14.38
N GLY C 230 -47.26 -9.58 14.45
CA GLY C 230 -46.75 -10.74 13.75
C GLY C 230 -45.30 -11.08 14.07
N ASP C 231 -44.89 -10.81 15.31
CA ASP C 231 -43.52 -11.08 15.72
C ASP C 231 -43.42 -12.34 16.58
N GLY C 232 -44.42 -13.20 16.50
CA GLY C 232 -44.35 -14.47 17.20
C GLY C 232 -44.55 -14.45 18.71
N HIS C 233 -44.93 -13.31 19.28
CA HIS C 233 -45.27 -13.25 20.71
C HIS C 233 -46.67 -12.75 20.95
N GLN C 234 -47.53 -13.65 21.42
CA GLN C 234 -48.84 -13.35 22.02
C GLN C 234 -48.81 -11.96 22.66
N ASP C 235 -49.78 -11.09 22.31
CA ASP C 235 -49.84 -9.76 22.90
C ASP C 235 -49.73 -9.82 24.43
N SER C 236 -50.42 -10.80 25.01
CA SER C 236 -50.40 -11.09 26.44
C SER C 236 -49.05 -11.58 26.95
N ARG C 237 -48.02 -11.54 26.09
CA ARG C 237 -46.69 -12.03 26.43
C ARG C 237 -45.60 -11.25 25.70
N ASP C 238 -46.03 -10.31 24.86
CA ASP C 238 -45.14 -9.45 24.10
C ASP C 238 -44.87 -8.19 24.91
N ASN C 239 -43.62 -7.97 25.26
CA ASN C 239 -43.25 -6.75 26.00
C ASN C 239 -43.13 -5.49 25.11
N CYS C 240 -43.47 -5.65 23.83
CA CYS C 240 -43.79 -4.53 22.94
C CYS C 240 -44.92 -4.94 21.98
N PRO C 241 -46.18 -4.96 22.46
CA PRO C 241 -47.26 -5.51 21.64
C PRO C 241 -47.48 -4.88 20.24
N THR C 242 -47.10 -3.61 20.05
CA THR C 242 -47.31 -2.95 18.74
C THR C 242 -46.06 -2.84 17.88
N VAL C 243 -44.90 -3.04 18.49
CA VAL C 243 -43.62 -3.02 17.79
C VAL C 243 -43.04 -4.44 17.75
N PRO C 244 -42.77 -4.97 16.54
CA PRO C 244 -42.20 -6.30 16.39
C PRO C 244 -40.79 -6.39 16.93
N ASN C 245 -40.65 -7.10 18.05
CA ASN C 245 -39.36 -7.27 18.70
C ASN C 245 -39.22 -8.72 19.15
N SER C 246 -39.04 -9.63 18.20
CA SER C 246 -38.97 -11.06 18.52
C SER C 246 -37.95 -11.40 19.59
N ALA C 247 -36.90 -10.59 19.72
CA ALA C 247 -35.84 -10.85 20.70
C ALA C 247 -36.23 -10.37 22.11
N GLN C 248 -37.30 -9.59 22.20
CA GLN C 248 -37.92 -9.23 23.49
C GLN C 248 -36.97 -8.57 24.51
N GLU C 249 -36.01 -7.80 24.00
CA GLU C 249 -35.02 -7.10 24.81
C GLU C 249 -35.67 -6.16 25.82
N ASP C 250 -35.44 -6.42 27.10
CA ASP C 250 -35.81 -5.49 28.19
C ASP C 250 -34.61 -5.33 29.11
N SER C 251 -33.84 -4.27 28.88
CA SER C 251 -32.54 -4.08 29.53
C SER C 251 -32.62 -3.74 30.99
N ASP C 252 -33.29 -2.64 31.30
CA ASP C 252 -33.51 -2.22 32.66
C ASP C 252 -34.50 -3.16 33.36
N HIS C 253 -34.78 -4.31 32.76
CA HIS C 253 -35.66 -5.32 33.32
C HIS C 253 -36.99 -4.75 33.83
N ASP C 254 -37.47 -3.67 33.24
CA ASP C 254 -38.59 -2.90 33.82
C ASP C 254 -39.95 -3.31 33.29
N GLY C 255 -39.98 -4.31 32.42
CA GLY C 255 -41.25 -4.84 31.96
C GLY C 255 -41.65 -4.47 30.55
N GLN C 256 -41.54 -3.18 30.21
CA GLN C 256 -41.79 -2.78 28.83
C GLN C 256 -40.46 -2.77 28.10
N GLY C 257 -40.35 -3.61 27.07
CA GLY C 257 -39.13 -3.82 26.30
C GLY C 257 -38.55 -2.58 25.64
N ASP C 258 -37.38 -2.74 25.04
CA ASP C 258 -36.62 -1.62 24.46
C ASP C 258 -37.29 -0.99 23.25
N ALA C 259 -37.70 -1.85 22.32
CA ALA C 259 -38.31 -1.47 21.05
C ALA C 259 -39.37 -0.38 21.20
N CYS C 260 -39.88 -0.21 22.41
CA CYS C 260 -40.95 0.71 22.71
C CYS C 260 -40.70 1.25 24.10
N ASP C 261 -39.54 1.87 24.26
CA ASP C 261 -39.10 2.38 25.54
C ASP C 261 -38.23 3.59 25.28
N ASP C 262 -38.00 4.38 26.31
CA ASP C 262 -37.27 5.64 26.15
C ASP C 262 -36.02 5.76 27.02
N ASP C 263 -35.97 4.96 28.08
CA ASP C 263 -34.78 4.87 28.91
C ASP C 263 -34.52 3.40 29.15
N ASP C 264 -33.87 2.79 28.16
CA ASP C 264 -33.67 1.34 28.13
C ASP C 264 -32.90 0.83 29.35
N ASP C 265 -32.20 1.74 30.01
CA ASP C 265 -31.45 1.39 31.22
C ASP C 265 -31.99 2.03 32.50
N ASN C 266 -32.77 3.10 32.37
CA ASN C 266 -33.31 3.82 33.54
C ASN C 266 -32.23 4.53 34.36
N ASP C 267 -31.42 5.34 33.68
CA ASP C 267 -30.44 6.19 34.37
C ASP C 267 -31.00 7.58 34.51
N GLY C 268 -31.87 7.93 33.58
CA GLY C 268 -32.42 9.27 33.53
C GLY C 268 -32.36 9.76 32.11
N VAL C 269 -31.14 9.90 31.59
CA VAL C 269 -30.97 10.40 30.23
C VAL C 269 -31.65 9.42 29.30
N PRO C 270 -32.68 9.89 28.56
CA PRO C 270 -33.38 8.97 27.68
C PRO C 270 -32.45 8.39 26.64
N ASP C 271 -32.92 7.32 25.98
CA ASP C 271 -32.24 6.81 24.79
C ASP C 271 -31.92 7.95 23.82
N SER C 272 -32.97 8.69 23.43
CA SER C 272 -32.96 9.69 22.35
C SER C 272 -31.80 10.69 22.39
N ARG C 273 -31.21 10.89 23.56
CA ARG C 273 -29.84 11.41 23.65
C ARG C 273 -29.13 10.93 24.91
N ASP C 274 -28.45 9.80 24.74
CA ASP C 274 -27.65 9.18 25.77
C ASP C 274 -26.49 8.56 25.02
N ASN C 275 -25.27 8.97 25.31
CA ASN C 275 -24.10 8.40 24.63
C ASN C 275 -23.90 6.88 24.89
N CYS C 276 -24.12 6.48 26.14
CA CYS C 276 -24.20 5.07 26.50
C CYS C 276 -25.67 4.67 26.69
N ARG C 277 -26.30 4.27 25.58
CA ARG C 277 -27.75 4.10 25.49
C ARG C 277 -28.28 2.80 26.14
N LEU C 278 -27.39 2.01 26.71
CA LEU C 278 -27.80 0.77 27.36
C LEU C 278 -27.29 0.59 28.79
N VAL C 279 -26.26 1.36 29.16
CA VAL C 279 -25.79 1.37 30.55
C VAL C 279 -26.04 2.68 31.25
N PRO C 280 -26.44 2.60 32.52
CA PRO C 280 -26.73 3.81 33.23
C PRO C 280 -25.44 4.53 33.62
N ASN C 281 -24.87 5.30 32.70
CA ASN C 281 -23.74 6.16 33.09
C ASN C 281 -24.29 7.46 33.72
N PRO C 282 -24.03 7.67 35.04
CA PRO C 282 -24.68 8.72 35.85
C PRO C 282 -24.70 10.11 35.20
N GLY C 283 -23.76 10.97 35.59
CA GLY C 283 -23.53 12.24 34.91
C GLY C 283 -23.00 11.83 33.56
N GLN C 284 -23.93 11.52 32.68
CA GLN C 284 -23.66 10.83 31.42
C GLN C 284 -22.59 11.50 30.52
N GLU C 285 -21.31 11.32 30.86
CA GLU C 285 -20.24 11.99 30.13
C GLU C 285 -19.29 11.03 29.41
N ASP C 286 -18.46 11.58 28.54
CA ASP C 286 -17.65 10.82 27.59
C ASP C 286 -16.28 11.49 27.43
N ALA C 287 -15.25 10.87 27.98
CA ALA C 287 -13.92 11.47 28.02
C ALA C 287 -13.30 11.78 26.64
N ASP C 288 -13.22 10.79 25.77
CA ASP C 288 -12.56 10.98 24.46
C ASP C 288 -13.37 11.80 23.43
N ARG C 289 -14.25 12.67 23.94
CA ARG C 289 -15.10 13.56 23.12
C ARG C 289 -15.65 12.91 21.82
N ASP C 290 -16.21 11.71 21.96
CA ASP C 290 -16.82 10.98 20.86
C ASP C 290 -18.13 10.33 21.31
N GLY C 291 -18.97 9.94 20.33
CA GLY C 291 -20.29 9.34 20.58
C GLY C 291 -20.55 8.59 21.89
N VAL C 292 -19.88 7.45 22.07
CA VAL C 292 -20.02 6.57 23.26
C VAL C 292 -19.48 7.22 24.56
N GLY C 293 -20.05 6.85 25.70
CA GLY C 293 -19.53 7.23 27.01
C GLY C 293 -18.43 6.30 27.54
N ASP C 294 -18.05 6.50 28.81
CA ASP C 294 -16.88 5.83 29.38
C ASP C 294 -17.08 4.40 29.89
N VAL C 295 -18.28 4.07 30.38
CA VAL C 295 -18.50 2.72 30.90
C VAL C 295 -18.63 1.70 29.73
N CYS C 296 -19.58 1.96 28.84
CA CYS C 296 -19.87 1.06 27.70
C CYS C 296 -18.89 1.20 26.52
N GLN C 297 -17.63 1.54 26.82
CA GLN C 297 -16.66 2.03 25.83
C GLN C 297 -16.45 1.09 24.66
N ASP C 298 -16.01 -0.11 24.96
CA ASP C 298 -15.81 -1.09 23.92
C ASP C 298 -16.92 -2.09 23.93
N ASP C 299 -17.93 -1.80 24.74
CA ASP C 299 -18.91 -2.79 25.08
C ASP C 299 -20.23 -2.12 25.27
N PHE C 300 -20.87 -1.79 24.16
CA PHE C 300 -22.09 -1.01 24.21
C PHE C 300 -23.21 -1.64 25.02
N ASP C 301 -23.13 -2.96 25.21
CA ASP C 301 -24.21 -3.68 25.89
C ASP C 301 -23.77 -4.32 27.19
N ALA C 302 -22.60 -3.96 27.68
CA ALA C 302 -22.13 -4.39 29.00
C ALA C 302 -22.09 -5.90 29.24
N ASP C 303 -22.15 -6.70 28.17
CA ASP C 303 -22.17 -8.15 28.30
C ASP C 303 -20.76 -8.72 28.34
N LYS C 304 -19.79 -7.84 28.63
CA LYS C 304 -18.39 -8.24 28.78
C LYS C 304 -17.74 -8.89 27.52
N VAL C 305 -18.39 -8.75 26.35
CA VAL C 305 -17.78 -9.17 25.07
C VAL C 305 -17.59 -7.96 24.17
N VAL C 306 -16.35 -7.73 23.76
CA VAL C 306 -15.97 -6.53 23.02
C VAL C 306 -16.77 -6.46 21.71
N ASP C 307 -17.14 -5.24 21.32
CA ASP C 307 -18.00 -5.00 20.16
C ASP C 307 -17.57 -5.76 18.93
N LYS C 308 -16.26 -5.76 18.67
CA LYS C 308 -15.68 -6.50 17.55
C LYS C 308 -16.04 -7.99 17.58
N ILE C 309 -16.06 -8.62 18.74
CA ILE C 309 -16.46 -10.03 18.81
C ILE C 309 -17.96 -10.20 19.07
N ASP C 310 -18.58 -9.21 19.73
CA ASP C 310 -19.98 -9.32 20.09
C ASP C 310 -20.92 -9.38 18.90
N VAL C 311 -21.53 -10.55 18.76
CA VAL C 311 -22.50 -10.89 17.72
C VAL C 311 -23.76 -10.01 17.79
N CYS C 312 -24.08 -9.48 18.97
CA CYS C 312 -25.15 -8.51 19.13
C CYS C 312 -24.70 -7.55 20.17
N PRO C 313 -23.89 -6.56 19.76
CA PRO C 313 -23.19 -5.71 20.68
C PRO C 313 -24.17 -4.72 21.29
N GLU C 314 -25.46 -5.01 21.15
CA GLU C 314 -26.52 -4.18 21.73
C GLU C 314 -27.57 -4.99 22.52
N ASN C 315 -27.18 -6.19 22.95
CA ASN C 315 -28.05 -7.05 23.73
C ASN C 315 -27.15 -7.93 24.52
N ALA C 316 -27.31 -7.85 25.84
CA ALA C 316 -26.39 -8.45 26.79
C ALA C 316 -26.48 -9.96 27.01
N GLU C 317 -27.51 -10.64 26.49
CA GLU C 317 -27.63 -12.10 26.70
C GLU C 317 -27.22 -12.94 25.53
N VAL C 318 -27.43 -12.45 24.32
CA VAL C 318 -26.76 -13.07 23.18
C VAL C 318 -25.37 -12.46 23.04
N THR C 319 -24.43 -13.30 22.65
CA THR C 319 -23.03 -13.01 22.82
C THR C 319 -22.25 -13.45 21.57
N LEU C 320 -22.55 -14.65 21.11
CA LEU C 320 -21.72 -15.33 20.11
C LEU C 320 -22.59 -16.28 19.27
N THR C 321 -22.17 -16.54 18.03
CA THR C 321 -22.84 -17.54 17.18
C THR C 321 -22.71 -18.91 17.85
N ASP C 322 -23.73 -19.31 18.57
CA ASP C 322 -23.71 -20.61 19.22
C ASP C 322 -25.01 -21.37 18.93
N PHE C 323 -24.92 -22.62 18.49
CA PHE C 323 -26.12 -23.39 18.24
C PHE C 323 -26.24 -24.60 19.13
N ARG C 324 -25.26 -24.88 19.98
CA ARG C 324 -25.32 -26.15 20.70
C ARG C 324 -26.53 -26.31 21.59
N ALA C 325 -27.03 -25.21 22.13
CA ALA C 325 -28.38 -25.19 22.71
C ALA C 325 -29.44 -25.07 21.62
N PHE C 326 -30.08 -26.18 21.25
CA PHE C 326 -31.12 -26.12 20.21
C PHE C 326 -32.41 -26.88 20.58
N GLN C 327 -33.54 -26.36 20.11
CA GLN C 327 -34.81 -27.08 20.14
C GLN C 327 -34.89 -27.90 18.88
N THR C 328 -35.38 -29.12 19.03
CA THR C 328 -35.46 -30.03 17.92
C THR C 328 -36.95 -30.22 17.57
N VAL C 329 -37.35 -29.73 16.38
CA VAL C 329 -38.76 -29.77 15.93
C VAL C 329 -38.98 -30.82 14.85
N VAL C 330 -39.84 -31.82 15.13
CA VAL C 330 -40.15 -32.81 14.10
C VAL C 330 -41.41 -32.39 13.37
N LEU C 331 -41.31 -32.35 12.05
CA LEU C 331 -42.34 -31.78 11.20
C LEU C 331 -43.44 -32.76 10.82
N ASP C 332 -43.28 -34.02 11.14
CA ASP C 332 -44.29 -35.03 10.83
C ASP C 332 -44.28 -36.08 11.93
N PRO C 333 -45.17 -35.92 12.91
CA PRO C 333 -45.27 -36.83 14.05
C PRO C 333 -45.55 -38.26 13.57
N GLU C 334 -46.44 -38.41 12.58
CA GLU C 334 -46.73 -39.70 11.91
C GLU C 334 -45.45 -40.49 11.52
N GLY C 335 -44.44 -39.80 10.97
CA GLY C 335 -43.19 -40.43 10.56
C GLY C 335 -43.34 -41.47 9.47
N ASP C 336 -43.01 -41.10 8.23
CA ASP C 336 -43.04 -42.04 7.12
C ASP C 336 -41.92 -43.10 7.24
N ALA C 337 -40.67 -42.65 7.30
CA ALA C 337 -39.53 -43.54 7.44
C ALA C 337 -39.38 -43.99 8.89
N GLN C 338 -40.09 -43.31 9.79
CA GLN C 338 -40.07 -43.62 11.22
C GLN C 338 -38.72 -43.31 11.86
N ILE C 339 -37.88 -42.54 11.17
CA ILE C 339 -36.54 -42.18 11.66
C ILE C 339 -36.47 -40.69 11.96
N ASP C 340 -36.03 -40.34 13.14
CA ASP C 340 -35.91 -38.93 13.44
C ASP C 340 -34.55 -38.39 13.04
N PRO C 341 -34.50 -37.11 12.63
CA PRO C 341 -33.21 -36.51 12.35
C PRO C 341 -32.27 -36.68 13.54
N ASN C 342 -31.05 -37.07 13.25
CA ASN C 342 -30.04 -37.18 14.27
C ASN C 342 -29.09 -35.97 14.24
N TRP C 343 -29.36 -34.96 15.06
CA TRP C 343 -28.59 -33.72 15.05
C TRP C 343 -27.30 -33.82 15.86
N VAL C 344 -26.16 -33.65 15.20
CA VAL C 344 -24.87 -33.57 15.91
C VAL C 344 -24.24 -32.18 15.79
N VAL C 345 -23.76 -31.63 16.91
CA VAL C 345 -23.31 -30.24 16.86
C VAL C 345 -21.85 -30.01 17.28
N LEU C 346 -21.07 -29.45 16.35
CA LEU C 346 -19.63 -29.35 16.47
C LEU C 346 -19.15 -27.91 16.46
N ASN C 347 -17.83 -27.73 16.61
CA ASN C 347 -17.19 -26.42 16.54
C ASN C 347 -17.72 -25.46 17.61
N GLN C 348 -18.17 -25.98 18.75
CA GLN C 348 -18.77 -25.17 19.80
C GLN C 348 -19.98 -24.42 19.36
N GLY C 349 -20.81 -25.10 18.58
CA GLY C 349 -22.11 -24.60 18.17
C GLY C 349 -21.99 -23.73 16.95
N ARG C 350 -20.93 -23.92 16.19
CA ARG C 350 -20.72 -23.13 15.00
C ARG C 350 -20.83 -24.02 13.74
N GLU C 351 -21.22 -25.28 13.97
CA GLU C 351 -21.35 -26.29 12.94
C GLU C 351 -22.40 -27.31 13.34
N ILE C 352 -23.30 -27.65 12.45
CA ILE C 352 -24.22 -28.74 12.76
C ILE C 352 -24.11 -29.78 11.68
N VAL C 353 -24.29 -31.02 12.08
CA VAL C 353 -24.38 -32.12 11.13
C VAL C 353 -25.58 -33.01 11.47
N GLN C 354 -26.16 -33.66 10.47
CA GLN C 354 -27.33 -34.51 10.64
C GLN C 354 -27.03 -35.76 9.83
N THR C 355 -27.33 -36.95 10.37
CA THR C 355 -26.81 -38.19 9.80
C THR C 355 -27.84 -39.15 9.22
N MET C 356 -29.07 -39.07 9.68
CA MET C 356 -30.05 -40.06 9.30
C MET C 356 -30.68 -39.69 8.00
N ASN C 357 -31.15 -40.70 7.28
CA ASN C 357 -32.07 -40.47 6.18
C ASN C 357 -33.44 -40.36 6.84
N SER C 358 -33.74 -39.19 7.38
CA SER C 358 -34.80 -39.07 8.38
C SER C 358 -36.15 -38.62 7.85
N ASP C 359 -37.06 -38.33 8.77
CA ASP C 359 -38.29 -37.64 8.47
C ASP C 359 -38.00 -36.16 8.62
N PRO C 360 -38.85 -35.28 8.04
CA PRO C 360 -38.61 -33.82 8.06
C PRO C 360 -38.33 -33.28 9.46
N GLY C 361 -37.49 -32.26 9.57
CA GLY C 361 -37.17 -31.77 10.88
C GLY C 361 -36.32 -30.53 10.94
N LEU C 362 -36.39 -29.88 12.09
CA LEU C 362 -35.61 -28.71 12.33
C LEU C 362 -34.79 -28.87 13.61
N ALA C 363 -33.54 -28.40 13.54
CA ALA C 363 -32.79 -28.03 14.73
C ALA C 363 -32.85 -26.51 14.75
N VAL C 364 -33.44 -25.92 15.78
CA VAL C 364 -33.62 -24.47 15.79
C VAL C 364 -33.11 -23.89 17.09
N GLY C 365 -32.14 -22.98 16.94
CA GLY C 365 -31.46 -22.37 18.08
C GLY C 365 -32.43 -21.53 18.87
N TYR C 366 -32.12 -21.35 20.15
CA TYR C 366 -33.03 -20.61 21.05
C TYR C 366 -32.98 -19.08 20.90
N THR C 367 -31.95 -18.55 20.28
CA THR C 367 -31.81 -17.13 20.23
C THR C 367 -32.59 -16.58 19.02
N ALA C 368 -33.34 -15.52 19.30
CA ALA C 368 -34.26 -14.94 18.35
C ALA C 368 -33.84 -13.52 17.98
N PHE C 369 -34.24 -13.08 16.79
CA PHE C 369 -33.75 -11.85 16.18
C PHE C 369 -34.84 -11.00 15.62
N ASN C 370 -34.51 -9.72 15.41
CA ASN C 370 -35.26 -8.85 14.52
C ASN C 370 -34.54 -8.79 13.18
N GLY C 371 -33.99 -7.65 12.81
CA GLY C 371 -33.06 -7.64 11.70
C GLY C 371 -31.98 -8.64 12.05
N VAL C 372 -31.70 -9.56 11.12
CA VAL C 372 -30.63 -10.56 11.30
C VAL C 372 -29.90 -10.87 10.00
N ASP C 373 -28.61 -11.18 10.16
CA ASP C 373 -27.77 -11.72 9.09
C ASP C 373 -27.36 -13.13 9.43
N PHE C 374 -27.36 -14.00 8.44
CA PHE C 374 -27.15 -15.42 8.65
C PHE C 374 -26.40 -16.04 7.49
N GLU C 375 -25.27 -16.68 7.81
CA GLU C 375 -24.43 -17.27 6.78
C GLU C 375 -23.89 -18.59 7.26
N GLY C 376 -23.84 -19.56 6.34
CA GLY C 376 -23.36 -20.89 6.66
C GLY C 376 -22.87 -21.56 5.41
N THR C 377 -22.17 -22.68 5.59
CA THR C 377 -21.73 -23.52 4.46
C THR C 377 -22.51 -24.80 4.44
N PHE C 378 -23.14 -25.04 3.31
CA PHE C 378 -24.00 -26.17 3.13
C PHE C 378 -23.23 -27.18 2.28
N HIS C 379 -23.18 -28.43 2.73
CA HIS C 379 -22.33 -29.47 2.12
C HIS C 379 -22.95 -30.83 2.44
N VAL C 380 -23.32 -31.60 1.41
CA VAL C 380 -23.77 -32.96 1.67
C VAL C 380 -22.67 -34.01 1.43
N ASN C 381 -22.17 -34.50 2.55
CA ASN C 381 -21.00 -35.35 2.58
C ASN C 381 -21.31 -36.79 2.21
N THR C 382 -21.89 -36.98 1.03
CA THR C 382 -22.21 -38.34 0.58
C THR C 382 -22.76 -38.36 -0.82
N VAL C 383 -22.39 -39.41 -1.53
CA VAL C 383 -22.96 -39.67 -2.84
C VAL C 383 -24.45 -40.06 -2.73
N THR C 384 -24.78 -40.87 -1.73
CA THR C 384 -26.13 -41.43 -1.64
C THR C 384 -27.27 -40.43 -1.29
N ASP C 385 -28.45 -40.80 -1.74
CA ASP C 385 -29.62 -39.91 -1.81
C ASP C 385 -29.52 -38.74 -2.76
N ASP C 386 -30.60 -37.96 -2.76
CA ASP C 386 -30.67 -36.77 -3.58
C ASP C 386 -31.80 -35.87 -3.09
N ASP C 387 -31.94 -35.78 -1.77
CA ASP C 387 -33.10 -35.09 -1.21
C ASP C 387 -32.84 -33.70 -0.67
N TYR C 388 -33.48 -33.36 0.45
CA TYR C 388 -33.62 -31.96 0.86
C TYR C 388 -32.77 -31.58 2.05
N ALA C 389 -32.18 -30.39 1.97
CA ALA C 389 -31.47 -29.77 3.08
C ALA C 389 -31.74 -28.27 3.05
N GLY C 390 -31.57 -27.58 4.16
CA GLY C 390 -31.89 -26.17 4.12
C GLY C 390 -31.61 -25.43 5.39
N PHE C 391 -31.97 -24.14 5.39
CA PHE C 391 -31.89 -23.35 6.61
C PHE C 391 -33.19 -22.64 6.91
N ILE C 392 -33.28 -22.08 8.11
CA ILE C 392 -34.52 -21.63 8.70
C ILE C 392 -34.26 -20.29 9.35
N PHE C 393 -35.04 -19.29 8.98
CA PHE C 393 -34.99 -18.01 9.68
C PHE C 393 -36.42 -17.58 9.99
N GLY C 394 -36.57 -16.68 10.95
CA GLY C 394 -37.90 -16.20 11.38
C GLY C 394 -38.80 -17.32 11.88
N TYR C 395 -38.20 -18.30 12.56
CA TYR C 395 -38.95 -19.36 13.21
C TYR C 395 -39.66 -18.79 14.40
N GLN C 396 -40.99 -18.91 14.41
CA GLN C 396 -41.82 -18.47 15.53
C GLN C 396 -42.43 -19.63 16.28
N ASP C 397 -42.77 -20.71 15.58
CA ASP C 397 -43.27 -21.96 16.18
C ASP C 397 -43.25 -23.04 15.11
N SER C 398 -43.76 -24.23 15.43
CA SER C 398 -43.70 -25.34 14.47
C SER C 398 -44.53 -25.10 13.21
N SER C 399 -45.26 -23.98 13.17
CA SER C 399 -46.18 -23.70 12.06
C SER C 399 -45.92 -22.39 11.35
N SER C 400 -44.83 -21.71 11.72
CA SER C 400 -44.59 -20.36 11.28
C SER C 400 -43.12 -20.02 11.17
N PHE C 401 -42.54 -20.33 10.01
CA PHE C 401 -41.13 -20.00 9.78
C PHE C 401 -40.87 -19.80 8.30
N TYR C 402 -39.72 -19.20 7.97
CA TYR C 402 -39.19 -19.19 6.60
C TYR C 402 -38.16 -20.28 6.45
N VAL C 403 -38.19 -20.95 5.30
CA VAL C 403 -37.27 -22.04 4.99
C VAL C 403 -36.75 -21.84 3.60
N VAL C 404 -35.43 -21.92 3.49
CA VAL C 404 -34.74 -22.02 2.22
C VAL C 404 -34.26 -23.45 2.22
N MET C 405 -34.66 -24.20 1.20
CA MET C 405 -34.35 -25.64 1.11
C MET C 405 -33.89 -25.96 -0.30
N TRP C 406 -33.27 -27.12 -0.47
CA TRP C 406 -32.67 -27.47 -1.76
C TRP C 406 -32.60 -28.97 -2.04
N LYS C 407 -33.25 -29.41 -3.12
CA LYS C 407 -33.20 -30.83 -3.50
C LYS C 407 -32.17 -31.08 -4.61
N GLN C 408 -31.52 -32.24 -4.59
CA GLN C 408 -30.49 -32.52 -5.59
C GLN C 408 -31.12 -32.90 -6.92
N MET C 409 -32.17 -33.71 -6.87
CA MET C 409 -32.75 -34.29 -8.07
C MET C 409 -34.25 -34.16 -8.04
N GLU C 410 -34.85 -33.80 -9.17
CA GLU C 410 -36.32 -33.69 -9.22
C GLU C 410 -36.97 -35.02 -8.88
N GLN C 411 -37.87 -34.99 -7.91
CA GLN C 411 -38.57 -36.20 -7.48
C GLN C 411 -40.00 -35.92 -7.02
N THR C 412 -40.89 -36.82 -7.44
CA THR C 412 -42.27 -36.72 -7.04
C THR C 412 -42.41 -37.59 -5.77
N TYR C 413 -42.75 -36.97 -4.64
CA TYR C 413 -42.75 -37.69 -3.34
C TYR C 413 -43.61 -38.93 -3.35
N TRP C 414 -43.11 -40.01 -2.74
CA TRP C 414 -43.72 -41.34 -2.84
C TRP C 414 -45.01 -41.52 -2.03
N GLN C 415 -45.28 -40.59 -1.11
CA GLN C 415 -46.61 -40.56 -0.49
C GLN C 415 -47.62 -39.69 -1.26
N ALA C 416 -48.57 -40.37 -1.92
CA ALA C 416 -49.52 -39.69 -2.80
C ALA C 416 -50.63 -38.90 -2.08
N ASN C 417 -50.62 -38.92 -0.75
CA ASN C 417 -51.53 -38.05 0.01
C ASN C 417 -50.91 -37.43 1.28
N PRO C 418 -51.57 -36.37 1.83
CA PRO C 418 -52.77 -35.63 1.40
C PRO C 418 -52.95 -35.46 -0.11
N PHE C 419 -51.85 -35.20 -0.83
CA PHE C 419 -51.87 -34.93 -2.28
C PHE C 419 -50.51 -35.24 -2.89
N ARG C 420 -50.47 -35.30 -4.22
CA ARG C 420 -49.23 -35.46 -4.98
C ARG C 420 -48.35 -34.27 -4.76
N ALA C 421 -47.10 -34.47 -4.33
CA ALA C 421 -46.14 -33.37 -4.14
C ALA C 421 -44.96 -33.55 -5.07
N VAL C 422 -44.80 -32.69 -6.09
CA VAL C 422 -43.63 -32.76 -6.99
C VAL C 422 -42.59 -31.75 -6.58
N ALA C 423 -41.38 -32.21 -6.28
CA ALA C 423 -40.26 -31.32 -5.95
C ALA C 423 -39.38 -31.16 -7.18
N GLU C 424 -38.94 -29.91 -7.39
CA GLU C 424 -37.93 -29.58 -8.40
C GLU C 424 -36.59 -29.31 -7.74
N PRO C 425 -35.49 -29.55 -8.44
CA PRO C 425 -34.19 -29.19 -7.83
C PRO C 425 -33.90 -27.68 -7.98
N GLY C 426 -33.13 -27.10 -7.11
CA GLY C 426 -32.95 -25.68 -7.37
C GLY C 426 -33.58 -24.87 -6.27
N ILE C 427 -32.73 -24.08 -5.63
CA ILE C 427 -32.98 -23.45 -4.35
C ILE C 427 -34.39 -22.86 -4.27
N GLN C 428 -35.07 -23.12 -3.16
CA GLN C 428 -36.42 -22.63 -2.94
C GLN C 428 -36.41 -21.83 -1.68
N LEU C 429 -37.23 -20.80 -1.65
CA LEU C 429 -37.44 -20.01 -0.44
C LEU C 429 -38.94 -19.98 -0.20
N LYS C 430 -39.34 -20.56 0.92
CA LYS C 430 -40.74 -20.78 1.22
C LYS C 430 -41.08 -20.21 2.58
N ALA C 431 -42.30 -19.67 2.68
CA ALA C 431 -42.83 -19.20 3.96
C ALA C 431 -43.85 -20.21 4.43
N VAL C 432 -43.70 -20.67 5.66
CA VAL C 432 -44.62 -21.67 6.24
C VAL C 432 -45.52 -21.05 7.30
N LYS C 433 -46.79 -20.92 6.97
CA LYS C 433 -47.81 -20.47 7.89
C LYS C 433 -48.94 -21.46 7.70
N SER C 434 -48.84 -22.54 8.46
CA SER C 434 -49.74 -23.68 8.37
C SER C 434 -50.77 -23.68 9.49
N SER C 435 -52.03 -23.70 9.08
CA SER C 435 -53.12 -23.85 10.03
C SER C 435 -53.16 -25.25 10.71
N THR C 436 -52.75 -26.32 10.00
CA THR C 436 -52.73 -27.69 10.56
C THR C 436 -51.52 -27.99 11.45
N GLY C 437 -50.36 -27.43 11.11
CA GLY C 437 -49.10 -27.74 11.81
C GLY C 437 -48.50 -29.10 11.44
N PRO C 438 -47.34 -29.46 12.05
CA PRO C 438 -46.62 -30.66 11.66
C PRO C 438 -47.60 -31.84 11.46
N GLY C 439 -47.66 -32.39 10.25
CA GLY C 439 -48.51 -33.52 9.93
C GLY C 439 -48.32 -33.94 8.50
N GLU C 440 -49.26 -34.74 7.99
CA GLU C 440 -49.31 -35.05 6.55
C GLU C 440 -49.33 -33.82 5.70
N GLN C 441 -50.24 -32.90 6.01
CA GLN C 441 -50.49 -31.70 5.19
C GLN C 441 -49.25 -30.89 4.93
N LEU C 442 -48.55 -30.59 6.02
CA LEU C 442 -47.34 -29.80 6.01
C LEU C 442 -46.19 -30.56 5.41
N ARG C 443 -46.10 -31.85 5.74
CA ARG C 443 -45.05 -32.72 5.23
C ARG C 443 -45.01 -32.62 3.72
N ASN C 444 -46.11 -33.01 3.08
CA ASN C 444 -46.23 -32.99 1.63
C ASN C 444 -46.11 -31.58 1.12
N ALA C 445 -46.72 -30.62 1.83
CA ALA C 445 -46.58 -29.21 1.45
C ALA C 445 -45.10 -28.84 1.30
N LEU C 446 -44.31 -29.12 2.33
CA LEU C 446 -42.90 -28.76 2.31
C LEU C 446 -42.14 -29.35 1.16
N TRP C 447 -42.45 -30.59 0.79
CA TRP C 447 -41.73 -31.29 -0.30
C TRP C 447 -42.04 -30.73 -1.69
N HIS C 448 -43.29 -30.32 -1.89
CA HIS C 448 -43.75 -29.72 -3.13
C HIS C 448 -43.11 -28.36 -3.42
N THR C 449 -42.59 -28.16 -4.62
CA THR C 449 -42.07 -26.85 -5.01
C THR C 449 -43.26 -26.10 -5.52
N GLY C 450 -43.76 -25.14 -4.75
CA GLY C 450 -44.98 -24.40 -5.10
C GLY C 450 -45.93 -24.21 -3.94
N ASP C 451 -46.84 -23.24 -4.07
CA ASP C 451 -47.84 -22.94 -3.05
C ASP C 451 -48.74 -24.10 -2.72
N THR C 452 -49.13 -24.20 -1.46
CA THR C 452 -50.11 -25.20 -1.06
C THR C 452 -51.10 -24.50 -0.18
N GLU C 453 -52.36 -24.53 -0.61
CA GLU C 453 -53.46 -23.80 0.00
C GLU C 453 -53.39 -23.82 1.51
N SER C 454 -53.36 -22.63 2.09
CA SER C 454 -53.37 -22.46 3.55
C SER C 454 -52.21 -23.10 4.31
N GLN C 455 -51.13 -23.48 3.58
CA GLN C 455 -49.99 -24.21 4.16
C GLN C 455 -48.58 -23.63 3.89
N VAL C 456 -48.11 -23.72 2.66
CA VAL C 456 -46.81 -23.13 2.32
C VAL C 456 -46.88 -22.26 1.05
N ARG C 457 -46.14 -21.15 1.06
CA ARG C 457 -46.01 -20.26 -0.10
C ARG C 457 -44.57 -20.24 -0.61
N LEU C 458 -44.42 -20.59 -1.89
CA LEU C 458 -43.13 -20.55 -2.57
C LEU C 458 -42.90 -19.11 -2.92
N LEU C 459 -41.87 -18.47 -2.39
CA LEU C 459 -41.68 -17.08 -2.76
C LEU C 459 -40.40 -16.77 -3.47
N TRP C 460 -39.62 -17.80 -3.81
CA TRP C 460 -38.55 -17.66 -4.82
C TRP C 460 -37.91 -19.01 -5.15
N LYS C 461 -37.85 -19.33 -6.43
CA LYS C 461 -37.10 -20.48 -6.91
C LYS C 461 -35.87 -19.93 -7.68
N ASP C 462 -34.72 -20.56 -7.52
CA ASP C 462 -33.60 -20.16 -8.36
C ASP C 462 -33.86 -20.58 -9.81
N PRO C 463 -33.85 -19.62 -10.76
CA PRO C 463 -34.27 -19.83 -12.16
C PRO C 463 -33.48 -20.89 -12.89
N ARG C 464 -32.25 -21.14 -12.44
CA ARG C 464 -31.36 -22.17 -12.98
C ARG C 464 -31.98 -23.55 -12.85
N ASN C 465 -32.79 -23.72 -11.81
CA ASN C 465 -33.30 -25.00 -11.43
C ASN C 465 -32.24 -26.08 -11.46
N VAL C 466 -31.18 -25.89 -10.65
CA VAL C 466 -30.09 -26.90 -10.52
C VAL C 466 -30.01 -27.46 -9.09
N GLY C 467 -29.88 -28.77 -8.97
CA GLY C 467 -29.73 -29.34 -7.64
C GLY C 467 -28.32 -29.09 -7.12
N TRP C 468 -28.08 -29.43 -5.86
CA TRP C 468 -26.73 -29.41 -5.32
C TRP C 468 -25.97 -30.63 -5.81
N LYS C 469 -24.65 -30.55 -5.82
CA LYS C 469 -23.81 -31.67 -6.20
C LYS C 469 -23.38 -32.51 -4.98
N ASP C 470 -23.14 -33.81 -5.18
CA ASP C 470 -22.51 -34.62 -4.12
C ASP C 470 -21.21 -33.98 -3.59
N LYS C 471 -20.96 -34.17 -2.30
CA LYS C 471 -19.79 -33.62 -1.59
C LYS C 471 -19.24 -32.26 -2.11
N LYS C 472 -20.07 -31.24 -2.26
CA LYS C 472 -19.60 -29.95 -2.78
C LYS C 472 -20.04 -28.87 -1.80
N SER C 473 -19.22 -27.89 -1.52
CA SER C 473 -19.64 -26.90 -0.55
C SER C 473 -20.25 -25.66 -1.22
N TYR C 474 -21.38 -25.20 -0.69
CA TYR C 474 -22.01 -23.93 -1.12
C TYR C 474 -21.96 -22.94 0.03
N ARG C 475 -21.75 -21.63 -0.20
CA ARG C 475 -21.97 -20.71 0.93
C ARG C 475 -23.21 -19.87 0.81
N TRP C 476 -24.01 -19.85 1.87
CA TRP C 476 -25.24 -19.07 1.84
C TRP C 476 -25.11 -17.82 2.69
N PHE C 477 -25.72 -16.74 2.21
CA PHE C 477 -25.80 -15.51 2.97
C PHE C 477 -27.22 -14.98 2.94
N LEU C 478 -27.79 -14.82 4.12
CA LEU C 478 -29.19 -14.39 4.26
C LEU C 478 -29.34 -13.04 4.97
N GLN C 479 -30.32 -12.24 4.54
CA GLN C 479 -30.59 -10.99 5.23
C GLN C 479 -32.07 -10.85 5.45
N HIS C 480 -32.41 -10.66 6.71
CA HIS C 480 -33.79 -10.59 7.08
C HIS C 480 -33.93 -9.31 7.89
N ARG C 481 -34.80 -8.41 7.41
CA ARG C 481 -35.13 -7.17 8.10
C ARG C 481 -36.64 -7.08 8.20
N PRO C 482 -37.22 -7.76 9.21
CA PRO C 482 -38.68 -7.86 9.39
C PRO C 482 -39.47 -6.52 9.55
N GLN C 483 -38.80 -5.46 9.97
CA GLN C 483 -39.45 -4.17 10.15
C GLN C 483 -40.13 -3.77 8.84
N VAL C 484 -39.35 -3.84 7.78
CA VAL C 484 -39.86 -3.62 6.44
C VAL C 484 -40.33 -4.92 5.81
N GLY C 485 -39.88 -6.05 6.34
CA GLY C 485 -40.18 -7.34 5.70
C GLY C 485 -39.26 -7.65 4.52
N TYR C 486 -37.98 -7.35 4.71
CA TYR C 486 -36.96 -7.57 3.71
C TYR C 486 -36.37 -8.96 3.93
N ILE C 487 -36.28 -9.70 2.83
CA ILE C 487 -35.67 -11.02 2.77
C ILE C 487 -34.80 -11.05 1.52
N ARG C 488 -33.54 -11.35 1.71
CA ARG C 488 -32.65 -11.53 0.59
C ARG C 488 -31.68 -12.66 0.87
N VAL C 489 -31.70 -13.65 0.00
CA VAL C 489 -30.88 -14.84 0.19
C VAL C 489 -30.07 -14.96 -1.07
N ARG C 490 -28.83 -15.42 -0.94
CA ARG C 490 -27.93 -15.60 -2.09
C ARG C 490 -26.81 -16.62 -1.80
N PHE C 491 -26.32 -17.26 -2.85
CA PHE C 491 -25.55 -18.46 -2.72
C PHE C 491 -24.28 -18.42 -3.53
N TYR C 492 -23.20 -18.85 -2.87
CA TYR C 492 -21.90 -18.92 -3.49
C TYR C 492 -21.45 -20.35 -3.62
N GLU C 493 -20.94 -20.64 -4.80
CA GLU C 493 -20.27 -21.89 -5.06
C GLU C 493 -18.82 -21.55 -5.22
N GLY C 494 -18.01 -22.05 -4.30
CA GLY C 494 -16.66 -21.53 -4.18
C GLY C 494 -16.81 -20.03 -4.05
N PRO C 495 -16.06 -19.27 -4.86
CA PRO C 495 -16.09 -17.86 -4.64
C PRO C 495 -16.96 -17.16 -5.66
N GLU C 496 -17.72 -17.92 -6.46
CA GLU C 496 -18.62 -17.34 -7.44
C GLU C 496 -20.03 -17.31 -6.89
N LEU C 497 -20.70 -16.14 -6.97
CA LEU C 497 -22.13 -16.00 -6.64
C LEU C 497 -22.94 -16.77 -7.68
N VAL C 498 -23.91 -17.61 -7.30
CA VAL C 498 -24.58 -18.53 -8.29
C VAL C 498 -26.08 -18.41 -8.29
N ALA C 499 -26.62 -17.83 -7.23
CA ALA C 499 -28.05 -17.72 -7.10
C ALA C 499 -28.31 -16.55 -6.20
N ASP C 500 -29.38 -15.84 -6.47
CA ASP C 500 -29.69 -14.62 -5.76
C ASP C 500 -31.21 -14.41 -5.88
N SER C 501 -31.87 -14.43 -4.73
CA SER C 501 -33.30 -14.22 -4.62
C SER C 501 -33.63 -12.81 -5.04
N ASN C 502 -32.63 -11.94 -5.01
CA ASN C 502 -32.87 -10.52 -5.07
C ASN C 502 -33.75 -10.13 -3.88
N VAL C 503 -34.14 -8.86 -3.83
CA VAL C 503 -34.99 -8.35 -2.73
C VAL C 503 -36.38 -8.96 -2.79
N VAL C 504 -36.71 -9.70 -1.74
CA VAL C 504 -37.99 -10.35 -1.61
C VAL C 504 -38.77 -9.74 -0.43
N LEU C 505 -39.89 -9.11 -0.73
CA LEU C 505 -40.71 -8.50 0.31
C LEU C 505 -41.75 -9.50 0.71
N ASP C 506 -41.72 -9.92 1.98
CA ASP C 506 -42.78 -10.75 2.58
C ASP C 506 -42.84 -10.45 4.08
N THR C 507 -43.99 -10.67 4.68
CA THR C 507 -44.19 -10.19 6.01
C THR C 507 -44.88 -11.17 6.97
N THR C 508 -45.04 -12.42 6.52
CA THR C 508 -45.74 -13.47 7.26
C THR C 508 -45.19 -13.75 8.67
N MET C 509 -43.87 -13.63 8.85
CA MET C 509 -43.30 -13.58 10.20
C MET C 509 -42.26 -12.51 10.37
N ARG C 510 -42.61 -11.57 11.23
CA ARG C 510 -41.76 -10.45 11.54
C ARG C 510 -40.85 -10.76 12.71
N GLY C 511 -39.81 -11.55 12.45
CA GLY C 511 -38.81 -11.89 13.47
C GLY C 511 -38.91 -13.35 13.83
N GLY C 512 -37.93 -13.82 14.62
CA GLY C 512 -37.88 -15.23 15.00
C GLY C 512 -36.49 -15.86 15.04
N ARG C 513 -36.46 -17.17 15.21
CA ARG C 513 -35.19 -17.85 15.44
C ARG C 513 -34.57 -18.47 14.20
N LEU C 514 -33.31 -18.88 14.34
CA LEU C 514 -32.58 -19.43 13.24
C LEU C 514 -32.36 -20.94 13.43
N GLY C 515 -32.26 -21.66 12.32
CA GLY C 515 -31.97 -23.06 12.40
C GLY C 515 -31.74 -23.70 11.06
N VAL C 516 -31.69 -25.02 11.08
CA VAL C 516 -31.44 -25.79 9.89
C VAL C 516 -32.60 -26.78 9.67
N PHE C 517 -32.74 -27.21 8.41
CA PHE C 517 -33.85 -28.05 7.96
C PHE C 517 -33.31 -29.17 7.10
N CYS C 518 -33.89 -30.35 7.24
CA CYS C 518 -33.74 -31.38 6.22
C CYS C 518 -34.99 -32.21 6.10
N PHE C 519 -35.01 -33.01 5.04
CA PHE C 519 -36.15 -33.86 4.75
C PHE C 519 -35.59 -34.94 3.85
N SER C 520 -35.35 -36.11 4.46
CA SER C 520 -35.00 -37.35 3.76
C SER C 520 -33.57 -37.42 3.23
N GLN C 521 -32.68 -36.56 3.73
CA GLN C 521 -31.24 -36.61 3.36
C GLN C 521 -30.32 -36.84 4.54
N GLU C 522 -29.31 -37.66 4.30
CA GLU C 522 -28.36 -38.03 5.34
C GLU C 522 -26.96 -37.49 5.06
N ASN C 523 -26.27 -37.15 6.14
CA ASN C 523 -24.92 -36.56 6.19
C ASN C 523 -24.79 -35.16 5.69
N ILE C 524 -25.78 -34.33 5.96
CA ILE C 524 -25.66 -32.93 5.63
C ILE C 524 -24.78 -32.28 6.72
N ILE C 525 -23.71 -31.59 6.29
CA ILE C 525 -22.97 -30.67 7.16
C ILE C 525 -23.38 -29.22 6.86
N TRP C 526 -23.86 -28.47 7.86
CA TRP C 526 -23.96 -27.01 7.76
C TRP C 526 -22.82 -26.45 8.58
N ALA C 527 -21.74 -26.00 7.93
CA ALA C 527 -20.49 -25.66 8.63
C ALA C 527 -20.23 -24.17 8.74
N ASN C 528 -19.42 -23.82 9.77
CA ASN C 528 -18.87 -22.47 9.90
C ASN C 528 -20.00 -21.40 9.83
N LEU C 529 -20.97 -21.62 10.71
CA LEU C 529 -22.19 -20.85 10.79
C LEU C 529 -21.90 -19.52 11.40
N ARG C 530 -22.58 -18.48 10.93
CA ARG C 530 -22.42 -17.17 11.53
C ARG C 530 -23.75 -16.43 11.54
N TYR C 531 -24.11 -15.90 12.70
CA TYR C 531 -25.21 -14.96 12.76
C TYR C 531 -24.91 -13.63 13.47
N ARG C 532 -25.67 -12.61 13.11
CA ARG C 532 -25.36 -11.28 13.58
C ARG C 532 -26.65 -10.51 13.60
N CYS C 533 -26.81 -9.70 14.63
CA CYS C 533 -27.86 -8.71 14.72
C CYS C 533 -27.62 -7.64 13.67
N ASN C 534 -28.57 -7.44 12.78
CA ASN C 534 -28.42 -6.36 11.82
C ASN C 534 -29.75 -5.77 11.44
N ASP C 535 -30.01 -4.60 12.02
CA ASP C 535 -31.22 -3.85 11.80
C ASP C 535 -31.12 -2.84 10.65
N THR C 536 -29.91 -2.38 10.29
CA THR C 536 -29.82 -1.38 9.21
C THR C 536 -30.18 -1.94 7.83
N ILE C 537 -31.27 -1.40 7.27
CA ILE C 537 -31.89 -1.83 6.00
C ILE C 537 -30.97 -1.58 4.82
N PRO C 538 -30.87 -2.55 3.89
CA PRO C 538 -29.84 -2.39 2.89
C PRO C 538 -30.23 -1.40 1.84
N GLU C 539 -29.22 -0.90 1.15
CA GLU C 539 -29.38 0.11 0.13
C GLU C 539 -30.52 -0.25 -0.81
N ASP C 540 -30.42 -1.42 -1.44
CA ASP C 540 -31.26 -1.75 -2.59
C ASP C 540 -32.73 -2.03 -2.25
N TYR C 541 -33.09 -1.85 -0.98
CA TYR C 541 -34.47 -1.99 -0.58
C TYR C 541 -35.26 -0.83 -1.16
N GLU C 542 -34.67 0.36 -1.03
CA GLU C 542 -35.26 1.61 -1.50
C GLU C 542 -35.36 1.59 -3.02
N THR C 543 -34.29 1.12 -3.69
CA THR C 543 -34.26 0.88 -5.15
C THR C 543 -35.43 0.02 -5.65
N HIS C 544 -35.88 -0.93 -4.81
CA HIS C 544 -37.08 -1.76 -5.07
C HIS C 544 -38.37 -0.93 -4.98
N GLN C 545 -38.41 0.02 -4.04
CA GLN C 545 -39.58 0.85 -3.82
C GLN C 545 -39.64 2.03 -4.79
N LEU C 546 -38.47 2.62 -5.07
CA LEU C 546 -38.30 3.68 -6.09
C LEU C 546 -38.54 3.14 -7.52
N ARG C 547 -38.71 1.80 -7.63
CA ARG C 547 -38.84 1.07 -8.89
C ARG C 547 -40.29 0.73 -9.32
N GLN C 548 -41.27 1.36 -8.67
CA GLN C 548 -42.68 1.28 -9.09
C GLN C 548 -42.95 2.16 -10.32
N ALA C 549 -42.14 3.20 -10.50
CA ALA C 549 -42.17 4.04 -11.69
C ALA C 549 -40.75 4.51 -12.01
C1 NAG D . 13.63 -19.79 -11.97
C2 NAG D . 13.30 -18.54 -11.17
C3 NAG D . 11.80 -18.40 -11.11
C4 NAG D . 11.17 -18.29 -12.49
C5 NAG D . 11.62 -19.51 -13.29
C6 NAG D . 11.17 -19.34 -14.74
C7 NAG D . 14.75 -18.27 -9.17
C8 NAG D . 15.67 -17.29 -9.85
N2 NAG D . 13.70 -18.81 -9.81
O3 NAG D . 11.36 -17.37 -10.24
O4 NAG D . 9.77 -18.35 -12.27
O5 NAG D . 13.00 -19.72 -13.24
O6 NAG D . 12.16 -18.90 -15.64
O7 NAG D . 14.98 -18.58 -8.02
C1 NAG D . 9.04 -17.21 -12.76
C2 NAG D . 7.63 -17.66 -13.12
C3 NAG D . 6.91 -16.51 -13.77
C4 NAG D . 6.98 -15.22 -12.97
C5 NAG D . 8.35 -15.03 -12.25
C6 NAG D . 8.17 -14.21 -10.98
C7 NAG D . 7.62 -20.01 -13.75
C8 NAG D . 7.61 -20.95 -14.90
N2 NAG D . 7.62 -18.73 -14.09
O3 NAG D . 5.57 -16.89 -13.96
O4 NAG D . 6.74 -14.21 -13.93
O5 NAG D . 8.95 -16.22 -11.78
O6 NAG D . 8.70 -12.92 -11.20
O7 NAG D . 7.65 -20.42 -12.58
C1 MAN D . 5.61 -13.28 -13.80
C2 MAN D . 4.18 -13.86 -13.75
C3 MAN D . 3.14 -12.71 -13.69
C4 MAN D . 3.57 -11.40 -13.00
C5 MAN D . 5.08 -11.11 -13.13
C6 MAN D . 5.62 -9.91 -12.31
O2 MAN D . 4.02 -14.72 -12.65
O3 MAN D . 1.91 -13.18 -13.14
O4 MAN D . 2.90 -10.31 -13.58
O5 MAN D . 5.75 -12.31 -12.79
O6 MAN D . 5.06 -8.66 -12.71
C1 MAN D . 6.02 -7.83 -13.40
C2 MAN D . 5.41 -6.44 -13.60
C3 MAN D . 4.56 -6.29 -14.90
C4 MAN D . 5.14 -7.04 -16.09
C5 MAN D . 5.48 -8.45 -15.63
C6 MAN D . 5.94 -9.35 -16.76
O2 MAN D . 6.45 -5.50 -13.55
O3 MAN D . 4.41 -4.92 -15.21
O4 MAN D . 4.22 -7.14 -17.14
O5 MAN D . 6.48 -8.36 -14.63
O6 MAN D . 5.84 -10.66 -16.26
C1 NAG E . 7.64 25.46 -5.53
C2 NAG E . 7.57 24.30 -4.55
C3 NAG E . 7.83 22.97 -5.23
C4 NAG E . 7.62 22.92 -6.75
C5 NAG E . 8.23 24.17 -7.45
C6 NAG E . 7.32 24.72 -8.56
C7 NAG E . 8.31 24.85 -2.26
C8 NAG E . 9.52 25.16 -1.40
N2 NAG E . 8.58 24.62 -3.56
O3 NAG E . 7.00 22.02 -4.63
O4 NAG E . 8.31 21.77 -7.19
O5 NAG E . 8.61 25.22 -6.54
O6 NAG E . 7.48 23.97 -9.73
O7 NAG E . 7.15 24.80 -1.82
C1 NAG E . 7.59 20.74 -7.89
C2 NAG E . 8.60 19.81 -8.56
C3 NAG E . 7.87 18.97 -9.59
C4 NAG E . 6.87 18.14 -8.82
C5 NAG E . 6.10 19.01 -7.79
C6 NAG E . 5.37 18.11 -6.80
C7 NAG E . 10.85 20.75 -8.29
C8 NAG E . 10.93 20.33 -6.84
N2 NAG E . 9.77 20.49 -9.07
O3 NAG E . 8.73 18.06 -10.23
O4 NAG E . 5.98 17.51 -9.72
O5 NAG E . 6.92 19.88 -7.03
O6 NAG E . 4.22 17.63 -7.46
O7 NAG E . 11.81 21.35 -8.77
C1 MAN E . 6.21 16.09 -9.77
C2 MAN E . 4.87 15.35 -9.66
C3 MAN E . 5.14 13.85 -9.50
C4 MAN E . 6.50 13.40 -10.09
C5 MAN E . 7.13 14.34 -11.14
C6 MAN E . 6.64 13.99 -12.54
O2 MAN E . 4.05 15.65 -10.76
O3 MAN E . 4.08 13.05 -10.02
O4 MAN E . 7.42 13.20 -9.03
O5 MAN E . 6.92 15.73 -10.94
O6 MAN E . 7.75 13.68 -13.36
C1 NAG F . -25.33 -4.71 8.36
C2 NAG F . -23.89 -4.83 7.88
C3 NAG F . -23.52 -3.70 6.91
C4 NAG F . -24.57 -3.44 5.82
C5 NAG F . -25.96 -3.48 6.44
C6 NAG F . -27.09 -3.35 5.44
C7 NAG F . -22.76 -5.92 9.77
C8 NAG F . -21.76 -5.79 10.89
N2 NAG F . -22.96 -4.86 8.98
O3 NAG F . -22.34 -3.99 6.24
O4 NAG F . -24.30 -2.19 5.20
O5 NAG F . -26.09 -4.68 7.18
O6 NAG F . -26.72 -3.70 4.13
O7 NAG F . -23.37 -6.98 9.60
C1 NAG F . -23.77 -2.32 3.87
C2 NAG F . -23.94 -0.96 3.17
C3 NAG F . -23.29 -0.87 1.82
C4 NAG F . -21.90 -1.50 1.85
C5 NAG F . -21.91 -2.83 2.61
C6 NAG F . -20.50 -3.32 2.78
C7 NAG F . -25.91 0.22 3.69
C8 NAG F . -27.31 0.59 3.33
N2 NAG F . -25.32 -0.62 2.86
O3 NAG F . -23.27 0.50 1.44
O4 NAG F . -21.63 -1.77 0.51
O5 NAG F . -22.42 -2.73 3.89
O6 NAG F . -20.09 -3.59 1.46
O7 NAG F . -25.32 0.65 4.70
C1 MAN F . -20.75 -0.85 -0.15
C2 MAN F . -19.99 -1.74 -1.12
C3 MAN F . -18.97 -0.92 -1.89
C4 MAN F . -19.65 0.30 -2.52
C5 MAN F . -20.70 1.04 -1.67
C6 MAN F . -21.63 1.90 -2.55
O2 MAN F . -20.89 -2.38 -2.00
O3 MAN F . -18.38 -1.70 -2.92
O4 MAN F . -18.60 1.19 -2.85
O5 MAN F . -21.47 0.15 -0.87
O6 MAN F . -22.55 1.10 -3.28
C1 MAN F . -17.19 -2.40 -2.54
C2 MAN F . -16.25 -2.31 -3.74
C3 MAN F . -15.07 -3.30 -3.64
C4 MAN F . -15.39 -4.65 -2.95
C5 MAN F . -16.41 -4.58 -1.81
C6 MAN F . -15.82 -4.11 -0.49
O2 MAN F . -15.88 -0.95 -3.91
O3 MAN F . -13.94 -2.70 -3.03
O4 MAN F . -15.96 -5.50 -3.91
O5 MAN F . -17.47 -3.75 -2.21
O6 MAN F . -16.74 -3.30 0.19
C1 MAN F . -23.17 1.84 -4.37
C2 MAN F . -24.66 1.48 -4.45
C3 MAN F . -24.89 0.13 -5.16
C4 MAN F . -24.28 0.19 -6.55
C5 MAN F . -22.78 0.47 -6.37
C6 MAN F . -22.03 0.56 -7.68
O2 MAN F . -25.35 2.50 -5.14
O3 MAN F . -26.26 -0.17 -5.18
O4 MAN F . -24.50 -1.02 -7.24
O5 MAN F . -22.54 1.68 -5.64
O6 MAN F . -20.66 0.63 -7.36
CA CA G . -0.09 -0.24 0.88
CA CA H . 26.69 1.95 -7.81
CA CA I . 30.80 1.92 -7.78
CA CA J . 40.75 4.85 -0.86
CA CA K . 43.58 7.90 -1.02
CA CA L . 50.15 4.58 -3.23
CA CA M . 52.10 1.59 -2.07
CA CA N . 59.44 -7.77 -6.40
CA CA O . 58.74 -11.70 -6.65
CA CA P . 52.41 -21.30 -1.52
CA CA Q . 53.85 -24.45 1.66
CA CA R . 53.81 -30.96 -1.71
CA CA S . 51.00 -33.02 -3.76
CA CA T . 48.84 -42.66 -11.95
CA CA U . 48.09 -42.63 -15.39
CA CA V . 42.03 -35.84 -24.26
CA CA W . 37.40 -35.55 -25.26
CA CA X . 27.78 -37.69 -20.65
CA CA Y . 25.22 -37.62 -17.67
CA CA Z . 23.68 -41.38 -5.78
CA CA AA . 20.89 -44.15 -3.75
CA CA BA . 16.74 -38.93 -8.37
CA CA CA . 15.39 -41.12 0.59
CA CA DA . 15.50 -38.79 2.97
CA CA EA . 8.25 -30.28 8.75
CA CA FA . 21.34 -25.25 1.93
CA CA GA . 23.73 -25.98 -1.48
CA CA HA . 42.97 -4.33 -28.88
CA CA IA . 36.79 2.88 -26.80
CA CA JA . 40.56 -2.71 -31.91
S SO4 KA . 26.51 -9.78 -1.06
O1 SO4 KA . 25.42 -10.70 -1.32
O2 SO4 KA . 26.39 -8.59 -1.88
O3 SO4 KA . 26.48 -9.38 0.35
O4 SO4 KA . 27.77 -10.44 -1.41
S SO4 LA . 6.84 -7.52 2.78
O1 SO4 LA . 6.19 -8.52 3.63
O2 SO4 LA . 6.50 -7.75 1.38
O3 SO4 LA . 6.32 -6.19 3.07
O4 SO4 LA . 8.30 -7.58 3.02
S SO4 MA . 10.48 -15.53 -16.75
O1 SO4 MA . 9.41 -15.49 -17.75
O2 SO4 MA . 11.25 -14.29 -16.83
O3 SO4 MA . 9.95 -15.70 -15.41
O4 SO4 MA . 11.35 -16.65 -17.05
S SO4 NA . 33.36 -2.34 7.55
O1 SO4 NA . 32.13 -2.92 6.98
O2 SO4 NA . 34.48 -2.58 6.65
O3 SO4 NA . 33.15 -0.89 7.74
O4 SO4 NA . 33.63 -2.99 8.84
S SO4 OA . 34.20 5.11 6.79
O1 SO4 OA . 33.94 5.96 5.62
O2 SO4 OA . 35.10 4.00 6.41
O3 SO4 OA . 34.85 5.92 7.84
O4 SO4 OA . 32.92 4.60 7.32
CA CA PA . -16.31 23.05 3.10
CA CA QA . -17.82 26.65 4.64
CA CA RA . -23.81 31.11 14.64
CA CA SA . -27.83 32.47 15.46
CA CA TA . -28.15 39.58 15.33
CA CA UA . -26.29 42.61 17.36
CA CA VA . -22.84 54.63 15.63
CA CA WA . -19.11 56.31 14.89
CA CA XA . -6.93 54.95 17.42
CA CA YA . -4.38 56.62 20.31
CA CA ZA . 1.02 61.20 17.07
CA CA AB . 3.64 60.36 13.94
CA CA BB . 11.30 65.62 5.87
CA CA CB . 11.32 65.73 1.89
CA CA DB . 6.48 60.22 -7.94
CA CA EB . 8.45 56.46 -10.54
CA CA FB . 15.29 48.30 -8.49
CA CA GB . 17.03 45.14 -6.78
CA CA HB . 22.98 43.67 4.34
CA CA IB . 26.60 41.87 4.94
CA CA JB . 23.78 36.80 -0.18
CA CA KB . 28.22 35.94 7.10
CA CA LB . 26.69 32.84 9.84
CA CA MB . 22.56 20.10 11.18
CA CA NB . 11.50 30.22 10.13
CA CA OB . 10.42 33.36 7.74
CA CA PB . -21.73 45.94 -10.90
CA CA QB . -25.01 36.73 -11.11
CA CA RB . -23.22 44.05 -14.46
S SO4 SB . -17.51 59.04 23.23
O1 SO4 SB . -18.94 59.20 23.50
O2 SO4 SB . -17.25 57.70 22.67
O3 SO4 SB . -17.09 60.10 22.32
O4 SO4 SB . -16.86 59.19 24.54
S SO4 TB . -4.21 26.92 9.26
O1 SO4 TB . -4.83 26.81 10.58
O2 SO4 TB . -4.43 28.29 8.80
O3 SO4 TB . -2.77 26.69 9.38
O4 SO4 TB . -4.85 26.01 8.31
CA CA UB . -11.09 -25.80 4.04
CA CA VB . -12.30 -29.11 6.03
CA CA WB . -7.51 -37.81 13.68
CA CA XB . -6.19 -41.45 13.09
CA CA YB . -11.47 -46.43 16.35
CA CA ZB . -13.12 -46.23 19.90
CA CA AC . -23.91 -49.30 25.98
CA CA BC . -26.61 -46.94 27.56
CA CA CC . -27.69 -35.99 33.43
CA CA DC . -28.57 -35.06 38.82
CA CA EC . -34.97 -32.00 40.01
CA CA FC . -36.85 -29.56 38.72
CA CA GC . -48.17 -24.54 37.79
CA CA HC . -50.67 -23.73 34.70
CA CA IC . -50.55 -22.90 22.09
CA CA JC . -50.90 -19.45 19.38
CA CA KC . -46.54 -9.66 19.27
CA CA LC . -43.51 -7.10 19.66
CA CA MC . -37.41 -1.80 29.32
CA CA NC . -37.22 2.02 30.71
CA CA OC . -35.62 2.27 23.22
CA CA PC . -30.71 6.01 29.37
CA CA QC . -27.22 5.40 29.67
CA CA RC . -15.99 7.78 24.78
CA CA SC . -20.59 -6.62 24.43
CA CA TC . -24.05 -8.95 23.18
CA CA UC . -34.19 -40.23 1.10
CA CA VC . -26.55 -37.85 -4.27
CA CA WC . -34.53 -39.60 -3.04
S SO4 XC . -14.09 -18.16 15.29
O1 SO4 XC . -13.90 -18.38 13.87
O2 SO4 XC . -13.56 -19.30 16.03
O3 SO4 XC . -13.46 -16.93 15.75
O4 SO4 XC . -15.52 -18.03 15.56
S SO4 YC . -20.70 -10.49 1.80
O1 SO4 YC . -21.81 -10.50 0.84
O2 SO4 YC . -19.91 -11.71 1.68
O3 SO4 YC . -19.85 -9.34 1.51
O4 SO4 YC . -21.25 -10.35 3.15
S SO4 ZC . -26.03 -4.59 0.97
O1 SO4 ZC . -27.39 -5.12 0.93
O2 SO4 ZC . -25.23 -5.23 -0.09
O3 SO4 ZC . -26.08 -3.12 0.85
O4 SO4 ZC . -25.39 -4.94 2.23
#